data_2DMB
#
_entry.id   2DMB
#
_entity_poly.entity_id   1
_entity_poly.type   'polypeptide(L)'
_entity_poly.pdbx_seq_one_letter_code
;GSSGSSGTGDASKCLATGPGIASTVKTGEEVGFVVDAKTAGKGKVTCTVLTPDGTEAEADVIENEDGTYDIFYTAAKPGT
YVIYVRFGGVDIPNSPFTVMATDGEVTAVEEAPVNACPSGPSSG
;
_entity_poly.pdbx_strand_id   A
#
# COMPACT_ATOMS: atom_id res chain seq x y z
N GLY A 1 -5.49 -31.00 -4.10
CA GLY A 1 -5.34 -30.04 -5.18
C GLY A 1 -5.72 -30.64 -6.52
N SER A 2 -5.89 -29.77 -7.52
CA SER A 2 -6.27 -30.21 -8.86
C SER A 2 -6.01 -29.11 -9.89
N SER A 3 -5.64 -29.52 -11.10
CA SER A 3 -5.35 -28.56 -12.17
C SER A 3 -5.58 -29.20 -13.54
N GLY A 4 -5.46 -28.40 -14.59
CA GLY A 4 -5.65 -28.90 -15.93
C GLY A 4 -5.40 -27.84 -16.99
N SER A 5 -6.21 -26.79 -16.97
CA SER A 5 -6.07 -25.71 -17.94
C SER A 5 -4.79 -24.93 -17.70
N SER A 6 -3.89 -24.96 -18.68
CA SER A 6 -2.61 -24.27 -18.57
C SER A 6 -2.83 -22.80 -18.22
N GLY A 7 -1.78 -22.16 -17.68
CA GLY A 7 -1.88 -20.76 -17.31
C GLY A 7 -2.00 -19.85 -18.52
N THR A 8 -2.29 -18.58 -18.26
CA THR A 8 -2.43 -17.60 -19.34
C THR A 8 -1.69 -16.31 -19.02
N GLY A 9 -1.83 -15.85 -17.77
CA GLY A 9 -1.16 -14.63 -17.36
C GLY A 9 -0.01 -14.89 -16.40
N ASP A 10 1.17 -14.40 -16.75
CA ASP A 10 2.35 -14.59 -15.91
C ASP A 10 2.52 -13.43 -14.93
N ALA A 11 2.77 -13.76 -13.67
CA ALA A 11 2.96 -12.73 -12.64
C ALA A 11 4.41 -12.28 -12.57
N SER A 12 5.33 -13.23 -12.70
CA SER A 12 6.75 -12.93 -12.65
C SER A 12 7.13 -11.88 -13.70
N LYS A 13 6.41 -11.88 -14.81
CA LYS A 13 6.66 -10.93 -15.89
C LYS A 13 6.24 -9.52 -15.47
N CYS A 14 5.21 -9.42 -14.65
CA CYS A 14 4.72 -8.14 -14.18
C CYS A 14 5.76 -7.44 -13.32
N LEU A 15 5.71 -6.11 -13.29
CA LEU A 15 6.66 -5.33 -12.50
C LEU A 15 5.92 -4.39 -11.55
N ALA A 16 6.43 -4.27 -10.33
CA ALA A 16 5.82 -3.41 -9.33
C ALA A 16 6.73 -2.21 -9.01
N THR A 17 6.28 -1.02 -9.40
CA THR A 17 7.05 0.19 -9.16
C THR A 17 6.22 1.23 -8.41
N GLY A 18 6.88 1.99 -7.54
CA GLY A 18 6.19 3.02 -6.77
C GLY A 18 6.81 3.24 -5.41
N PRO A 19 6.63 4.46 -4.87
CA PRO A 19 7.17 4.83 -3.56
C PRO A 19 6.48 4.10 -2.41
N GLY A 20 5.23 3.69 -2.65
CA GLY A 20 4.48 2.99 -1.62
C GLY A 20 4.97 1.57 -1.41
N ILE A 21 5.68 1.04 -2.41
CA ILE A 21 6.20 -0.32 -2.32
C ILE A 21 7.71 -0.31 -2.15
N ALA A 22 8.26 0.86 -1.82
CA ALA A 22 9.70 0.99 -1.62
C ALA A 22 10.15 0.29 -0.34
N SER A 23 11.40 -0.16 -0.33
CA SER A 23 11.94 -0.86 0.84
C SER A 23 11.64 -0.09 2.11
N THR A 24 11.36 1.20 1.97
CA THR A 24 11.06 2.05 3.11
C THR A 24 10.08 3.15 2.74
N VAL A 25 9.14 3.44 3.64
CA VAL A 25 8.14 4.47 3.41
C VAL A 25 8.02 5.40 4.61
N LYS A 26 7.21 6.43 4.46
CA LYS A 26 7.00 7.41 5.54
C LYS A 26 5.58 7.32 6.08
N THR A 27 5.43 7.50 7.39
CA THR A 27 4.13 7.45 8.04
C THR A 27 3.39 8.77 7.89
N GLY A 28 2.07 8.72 8.04
CA GLY A 28 1.26 9.93 7.92
C GLY A 28 1.00 10.30 6.48
N GLU A 29 2.03 10.22 5.65
CA GLU A 29 1.90 10.56 4.23
C GLU A 29 1.21 9.44 3.46
N GLU A 30 0.59 9.79 2.35
CA GLU A 30 -0.11 8.82 1.51
C GLU A 30 0.73 8.44 0.29
N VAL A 31 1.15 7.18 0.25
CA VAL A 31 1.95 6.69 -0.87
C VAL A 31 1.07 6.24 -2.03
N GLY A 32 1.69 6.08 -3.19
CA GLY A 32 0.94 5.64 -4.37
C GLY A 32 1.82 4.91 -5.37
N PHE A 33 1.65 3.60 -5.46
CA PHE A 33 2.42 2.79 -6.39
C PHE A 33 1.56 2.28 -7.53
N VAL A 34 2.20 1.83 -8.60
CA VAL A 34 1.48 1.31 -9.76
C VAL A 34 2.13 0.02 -10.28
N VAL A 35 1.31 -0.87 -10.82
CA VAL A 35 1.80 -2.13 -11.36
C VAL A 35 1.93 -2.07 -12.87
N ASP A 36 3.16 -2.17 -13.35
CA ASP A 36 3.43 -2.13 -14.79
C ASP A 36 3.50 -3.54 -15.37
N ALA A 37 2.71 -3.78 -16.41
CA ALA A 37 2.68 -5.09 -17.05
C ALA A 37 3.00 -4.97 -18.54
N LYS A 38 3.99 -5.74 -18.99
CA LYS A 38 4.38 -5.73 -20.40
C LYS A 38 3.83 -6.94 -21.13
N THR A 39 4.37 -8.11 -20.81
CA THR A 39 3.93 -9.35 -21.45
C THR A 39 3.12 -10.20 -20.47
N ALA A 40 3.09 -9.80 -19.21
CA ALA A 40 2.34 -10.52 -18.19
C ALA A 40 1.05 -11.08 -18.75
N GLY A 41 0.37 -10.29 -19.58
CA GLY A 41 -0.87 -10.73 -20.18
C GLY A 41 -2.08 -10.04 -19.57
N LYS A 42 -3.14 -10.80 -19.34
CA LYS A 42 -4.36 -10.26 -18.75
C LYS A 42 -4.60 -10.85 -17.37
N GLY A 43 -5.13 -10.02 -16.47
CA GLY A 43 -5.40 -10.47 -15.11
C GLY A 43 -5.71 -9.32 -14.18
N LYS A 44 -6.32 -9.65 -13.04
CA LYS A 44 -6.67 -8.64 -12.05
C LYS A 44 -5.59 -8.53 -10.97
N VAL A 45 -5.24 -7.30 -10.61
CA VAL A 45 -4.22 -7.05 -9.60
C VAL A 45 -4.85 -6.59 -8.29
N THR A 46 -4.72 -7.41 -7.25
CA THR A 46 -5.28 -7.09 -5.95
C THR A 46 -4.18 -6.72 -4.96
N CYS A 47 -4.48 -5.78 -4.07
CA CYS A 47 -3.52 -5.34 -3.07
C CYS A 47 -4.08 -5.50 -1.67
N THR A 48 -3.19 -5.80 -0.71
CA THR A 48 -3.61 -6.00 0.67
C THR A 48 -2.54 -5.48 1.64
N VAL A 49 -2.81 -4.33 2.24
CA VAL A 49 -1.88 -3.72 3.19
C VAL A 49 -2.10 -4.26 4.60
N LEU A 50 -1.12 -5.00 5.10
CA LEU A 50 -1.20 -5.57 6.43
C LEU A 50 -0.46 -4.70 7.45
N THR A 51 -1.10 -4.47 8.59
CA THR A 51 -0.51 -3.65 9.65
C THR A 51 0.24 -4.51 10.65
N PRO A 52 1.29 -3.94 11.26
CA PRO A 52 2.10 -4.64 12.26
C PRO A 52 1.35 -4.88 13.57
N ASP A 53 0.09 -4.45 13.60
CA ASP A 53 -0.73 -4.62 14.80
C ASP A 53 -1.51 -5.93 14.73
N GLY A 54 -1.73 -6.43 13.52
CA GLY A 54 -2.45 -7.67 13.35
C GLY A 54 -3.79 -7.48 12.66
N THR A 55 -3.92 -6.39 11.93
CA THR A 55 -5.16 -6.08 11.23
C THR A 55 -4.89 -5.66 9.79
N GLU A 56 -5.89 -5.81 8.93
CA GLU A 56 -5.76 -5.45 7.53
C GLU A 56 -6.17 -4.00 7.30
N ALA A 57 -5.60 -3.38 6.28
CA ALA A 57 -5.91 -2.00 5.94
C ALA A 57 -6.63 -1.89 4.60
N GLU A 58 -7.11 -0.70 4.28
CA GLU A 58 -7.82 -0.47 3.03
C GLU A 58 -6.86 0.01 1.94
N ALA A 59 -6.93 -0.64 0.78
CA ALA A 59 -6.07 -0.29 -0.34
C ALA A 59 -6.89 -0.10 -1.61
N ASP A 60 -7.00 1.15 -2.07
CA ASP A 60 -7.74 1.47 -3.27
C ASP A 60 -7.02 0.96 -4.52
N VAL A 61 -7.78 0.39 -5.45
CA VAL A 61 -7.20 -0.13 -6.68
C VAL A 61 -7.92 0.43 -7.91
N ILE A 62 -7.14 1.04 -8.81
CA ILE A 62 -7.71 1.61 -10.01
C ILE A 62 -6.99 1.09 -11.26
N GLU A 63 -7.72 0.37 -12.09
CA GLU A 63 -7.15 -0.19 -13.33
C GLU A 63 -7.00 0.89 -14.39
N ASN A 64 -6.11 0.65 -15.35
CA ASN A 64 -5.87 1.60 -16.42
C ASN A 64 -5.88 0.89 -17.78
N GLU A 65 -6.21 1.64 -18.83
CA GLU A 65 -6.25 1.09 -20.18
C GLU A 65 -4.86 0.64 -20.62
N ASP A 66 -3.84 1.08 -19.90
CA ASP A 66 -2.46 0.72 -20.22
C ASP A 66 -2.05 -0.55 -19.49
N GLY A 67 -3.04 -1.28 -18.98
CA GLY A 67 -2.77 -2.51 -18.26
C GLY A 67 -2.03 -2.28 -16.97
N THR A 68 -2.24 -1.11 -16.36
CA THR A 68 -1.60 -0.75 -15.11
C THR A 68 -2.62 -0.53 -14.00
N TYR A 69 -2.22 -0.82 -12.77
CA TYR A 69 -3.10 -0.65 -11.62
C TYR A 69 -2.51 0.32 -10.61
N ASP A 70 -3.23 1.41 -10.36
CA ASP A 70 -2.78 2.42 -9.41
C ASP A 70 -3.37 2.17 -8.02
N ILE A 71 -2.48 2.02 -7.03
CA ILE A 71 -2.92 1.77 -5.66
C ILE A 71 -2.28 2.77 -4.70
N PHE A 72 -3.01 3.11 -3.64
CA PHE A 72 -2.52 4.05 -2.65
C PHE A 72 -2.95 3.64 -1.24
N TYR A 73 -2.15 4.01 -0.25
CA TYR A 73 -2.45 3.67 1.14
C TYR A 73 -1.65 4.56 2.09
N THR A 74 -2.16 4.72 3.32
CA THR A 74 -1.51 5.54 4.32
C THR A 74 -0.99 4.68 5.47
N ALA A 75 -0.05 5.23 6.24
CA ALA A 75 0.53 4.52 7.37
C ALA A 75 0.23 5.25 8.69
N ALA A 76 -0.80 4.81 9.39
CA ALA A 76 -1.18 5.43 10.66
C ALA A 76 -0.04 5.34 11.67
N LYS A 77 0.49 4.14 11.84
CA LYS A 77 1.59 3.92 12.78
C LYS A 77 2.75 3.19 12.11
N PRO A 78 3.98 3.46 12.59
CA PRO A 78 5.19 2.85 12.04
C PRO A 78 5.28 1.35 12.36
N GLY A 79 6.30 0.69 11.81
CA GLY A 79 6.47 -0.72 12.06
C GLY A 79 6.76 -1.50 10.78
N THR A 80 6.37 -2.77 10.77
CA THR A 80 6.59 -3.62 9.60
C THR A 80 5.28 -3.93 8.90
N TYR A 81 5.05 -3.30 7.75
CA TYR A 81 3.83 -3.51 6.98
C TYR A 81 4.05 -4.56 5.89
N VAL A 82 3.08 -5.45 5.72
CA VAL A 82 3.16 -6.49 4.72
C VAL A 82 2.11 -6.29 3.62
N ILE A 83 2.58 -6.06 2.41
CA ILE A 83 1.68 -5.86 1.28
C ILE A 83 1.65 -7.08 0.37
N TYR A 84 0.46 -7.62 0.15
CA TYR A 84 0.29 -8.80 -0.70
C TYR A 84 -0.24 -8.41 -2.08
N VAL A 85 0.48 -8.79 -3.12
CA VAL A 85 0.07 -8.48 -4.49
C VAL A 85 0.02 -9.75 -5.34
N ARG A 86 -0.96 -9.80 -6.23
CA ARG A 86 -1.12 -10.96 -7.11
C ARG A 86 -1.66 -10.53 -8.47
N PHE A 87 -1.21 -11.20 -9.53
CA PHE A 87 -1.66 -10.90 -10.88
C PHE A 87 -2.44 -12.06 -11.48
N GLY A 88 -3.68 -11.81 -11.86
CA GLY A 88 -4.51 -12.84 -12.43
C GLY A 88 -4.63 -14.06 -11.53
N GLY A 89 -4.49 -13.85 -10.23
CA GLY A 89 -4.60 -14.94 -9.29
C GLY A 89 -3.26 -15.64 -9.07
N VAL A 90 -2.18 -14.89 -9.23
CA VAL A 90 -0.84 -15.45 -9.04
C VAL A 90 0.03 -14.51 -8.21
N ASP A 91 0.56 -15.03 -7.11
CA ASP A 91 1.41 -14.24 -6.22
C ASP A 91 2.78 -14.01 -6.86
N ILE A 92 3.04 -12.77 -7.25
CA ILE A 92 4.31 -12.41 -7.87
C ILE A 92 5.48 -12.84 -7.00
N PRO A 93 6.66 -13.01 -7.63
CA PRO A 93 7.88 -13.41 -6.93
C PRO A 93 8.41 -12.31 -6.01
N ASN A 94 7.69 -11.20 -5.93
CA ASN A 94 8.09 -10.08 -5.10
C ASN A 94 7.22 -10.00 -3.85
N SER A 95 6.22 -10.87 -3.77
CA SER A 95 5.32 -10.89 -2.62
C SER A 95 5.71 -11.99 -1.64
N PRO A 96 5.56 -11.70 -0.34
CA PRO A 96 5.05 -10.41 0.12
C PRO A 96 6.03 -9.27 -0.12
N PHE A 97 5.63 -8.05 0.23
CA PHE A 97 6.47 -6.88 0.05
C PHE A 97 6.88 -6.29 1.40
N THR A 98 8.11 -6.57 1.80
CA THR A 98 8.63 -6.07 3.07
C THR A 98 8.76 -4.55 3.05
N VAL A 99 7.86 -3.87 3.74
CA VAL A 99 7.87 -2.41 3.79
C VAL A 99 8.05 -1.92 5.22
N MET A 100 8.84 -0.87 5.39
CA MET A 100 9.09 -0.30 6.72
C MET A 100 8.67 1.17 6.77
N ALA A 101 7.71 1.47 7.64
CA ALA A 101 7.22 2.84 7.79
C ALA A 101 7.93 3.55 8.92
N THR A 102 8.71 4.58 8.57
CA THR A 102 9.44 5.35 9.56
C THR A 102 8.81 6.72 9.78
N ASP A 103 9.03 7.28 10.97
CA ASP A 103 8.49 8.60 11.30
C ASP A 103 9.27 9.70 10.62
N GLY A 104 10.48 9.38 10.16
CA GLY A 104 11.31 10.36 9.49
C GLY A 104 12.42 10.88 10.38
N GLU A 105 12.58 12.20 10.43
CA GLU A 105 13.61 12.82 11.24
C GLU A 105 13.09 13.12 12.65
N VAL A 106 14.01 13.36 13.57
CA VAL A 106 13.63 13.67 14.96
C VAL A 106 12.76 14.92 15.03
N THR A 107 11.75 14.87 15.88
CA THR A 107 10.84 16.00 16.04
C THR A 107 10.21 16.00 17.43
N ALA A 108 9.69 17.16 17.84
CA ALA A 108 9.06 17.29 19.15
C ALA A 108 7.62 17.77 19.01
N VAL A 109 6.67 16.87 19.28
CA VAL A 109 5.26 17.20 19.19
C VAL A 109 4.81 18.04 20.38
N GLU A 110 3.68 18.72 20.22
CA GLU A 110 3.15 19.56 21.29
C GLU A 110 1.63 19.40 21.40
N GLU A 111 1.17 19.06 22.61
CA GLU A 111 -0.25 18.87 22.85
C GLU A 111 -0.72 19.69 24.05
N ALA A 112 -1.87 20.34 23.91
CA ALA A 112 -2.43 21.15 24.98
C ALA A 112 -3.90 20.83 25.21
N PRO A 113 -4.33 20.91 26.47
CA PRO A 113 -5.73 20.62 26.85
C PRO A 113 -6.68 21.71 26.36
N VAL A 114 -7.88 21.28 25.95
CA VAL A 114 -8.89 22.21 25.47
C VAL A 114 -10.16 22.13 26.29
N ASN A 115 -10.39 23.13 27.12
CA ASN A 115 -11.58 23.17 27.98
C ASN A 115 -12.85 23.23 27.13
N ALA A 116 -13.94 22.69 27.68
CA ALA A 116 -15.21 22.69 26.97
C ALA A 116 -16.38 22.54 27.96
N CYS A 117 -17.44 23.29 27.71
CA CYS A 117 -18.62 23.24 28.58
C CYS A 117 -19.88 23.04 27.75
N PRO A 118 -20.88 22.36 28.35
CA PRO A 118 -22.16 22.08 27.69
C PRO A 118 -23.00 23.34 27.52
N SER A 119 -24.17 23.17 26.93
CA SER A 119 -25.08 24.29 26.69
C SER A 119 -26.45 24.03 27.32
N GLY A 120 -27.27 25.08 27.39
CA GLY A 120 -28.59 24.94 27.98
C GLY A 120 -28.87 25.99 29.04
N PRO A 121 -30.12 26.47 29.09
CA PRO A 121 -30.54 27.48 30.06
C PRO A 121 -30.59 26.94 31.48
N SER A 122 -30.72 27.83 32.45
CA SER A 122 -30.78 27.44 33.85
C SER A 122 -32.22 27.45 34.36
N SER A 123 -32.93 28.54 34.11
CA SER A 123 -34.32 28.66 34.54
C SER A 123 -34.46 28.28 36.00
N GLY A 124 -33.53 28.74 36.82
CA GLY A 124 -33.58 28.44 38.25
C GLY A 124 -33.70 29.68 39.10
N GLY A 1 -12.66 -27.11 -28.67
CA GLY A 1 -12.82 -26.01 -29.61
C GLY A 1 -12.15 -24.74 -29.12
N SER A 2 -12.46 -24.35 -27.89
CA SER A 2 -11.90 -23.13 -27.31
C SER A 2 -10.70 -23.47 -26.41
N SER A 3 -10.85 -24.50 -25.60
CA SER A 3 -9.79 -24.92 -24.69
C SER A 3 -8.48 -25.13 -25.44
N GLY A 4 -7.40 -24.60 -24.87
CA GLY A 4 -6.10 -24.74 -25.51
C GLY A 4 -5.17 -23.58 -25.18
N SER A 5 -5.16 -23.17 -23.92
CA SER A 5 -4.31 -22.07 -23.48
C SER A 5 -3.60 -22.41 -22.17
N SER A 6 -2.36 -21.95 -22.05
CA SER A 6 -1.56 -22.22 -20.85
C SER A 6 -1.81 -21.15 -19.80
N GLY A 7 -3.07 -20.77 -19.63
CA GLY A 7 -3.41 -19.76 -18.65
C GLY A 7 -3.84 -18.45 -19.28
N THR A 8 -3.83 -17.38 -18.50
CA THR A 8 -4.24 -16.07 -19.00
C THR A 8 -3.07 -15.10 -18.98
N GLY A 9 -2.39 -15.01 -17.84
CA GLY A 9 -1.26 -14.12 -17.72
C GLY A 9 -0.29 -14.54 -16.62
N ASP A 10 0.93 -14.04 -16.68
CA ASP A 10 1.94 -14.36 -15.68
C ASP A 10 2.14 -13.21 -14.71
N ALA A 11 2.86 -13.48 -13.61
CA ALA A 11 3.12 -12.46 -12.60
C ALA A 11 4.60 -12.09 -12.57
N SER A 12 5.45 -13.10 -12.74
CA SER A 12 6.90 -12.89 -12.72
C SER A 12 7.31 -11.85 -13.76
N LYS A 13 6.68 -11.91 -14.93
CA LYS A 13 6.99 -10.98 -16.00
C LYS A 13 6.48 -9.57 -15.66
N CYS A 14 5.41 -9.51 -14.88
CA CYS A 14 4.83 -8.23 -14.47
C CYS A 14 5.87 -7.37 -13.75
N LEU A 15 5.66 -6.06 -13.78
CA LEU A 15 6.58 -5.13 -13.14
C LEU A 15 5.84 -4.28 -12.10
N ALA A 16 6.43 -4.16 -10.92
CA ALA A 16 5.83 -3.36 -9.84
C ALA A 16 6.74 -2.20 -9.45
N THR A 17 6.30 -0.98 -9.78
CA THR A 17 7.07 0.21 -9.46
C THR A 17 6.23 1.22 -8.69
N GLY A 18 6.85 1.90 -7.72
CA GLY A 18 6.13 2.88 -6.93
C GLY A 18 6.81 3.16 -5.60
N PRO A 19 6.61 4.39 -5.08
CA PRO A 19 7.21 4.80 -3.81
C PRO A 19 6.58 4.08 -2.62
N GLY A 20 5.35 3.63 -2.79
CA GLY A 20 4.67 2.92 -1.72
C GLY A 20 5.25 1.54 -1.46
N ILE A 21 5.76 0.91 -2.52
CA ILE A 21 6.34 -0.42 -2.41
C ILE A 21 7.81 -0.34 -2.02
N ALA A 22 8.28 0.88 -1.76
CA ALA A 22 9.67 1.08 -1.37
C ALA A 22 10.03 0.25 -0.13
N SER A 23 11.25 -0.24 -0.09
CA SER A 23 11.72 -1.06 1.03
C SER A 23 11.53 -0.33 2.35
N THR A 24 11.44 1.00 2.27
CA THR A 24 11.25 1.82 3.46
C THR A 24 10.43 3.07 3.15
N VAL A 25 9.44 3.35 3.99
CA VAL A 25 8.58 4.51 3.81
C VAL A 25 8.41 5.27 5.11
N LYS A 26 7.67 6.38 5.06
CA LYS A 26 7.42 7.20 6.23
C LYS A 26 5.96 7.09 6.68
N THR A 27 5.71 7.44 7.93
CA THR A 27 4.35 7.39 8.47
C THR A 27 3.67 8.75 8.39
N GLY A 28 2.35 8.73 8.29
CA GLY A 28 1.60 9.97 8.21
C GLY A 28 1.38 10.42 6.78
N GLU A 29 2.27 10.01 5.88
CA GLU A 29 2.18 10.39 4.48
C GLU A 29 1.45 9.30 3.68
N GLU A 30 0.93 9.69 2.52
CA GLU A 30 0.22 8.75 1.67
C GLU A 30 1.03 8.41 0.42
N VAL A 31 1.20 7.12 0.17
CA VAL A 31 1.96 6.65 -0.99
C VAL A 31 1.04 6.31 -2.14
N GLY A 32 1.63 6.03 -3.30
CA GLY A 32 0.85 5.69 -4.48
C GLY A 32 1.67 4.99 -5.54
N PHE A 33 1.55 3.67 -5.61
CA PHE A 33 2.29 2.88 -6.59
C PHE A 33 1.36 2.33 -7.67
N VAL A 34 1.94 1.74 -8.69
CA VAL A 34 1.16 1.16 -9.79
C VAL A 34 1.89 -0.03 -10.42
N VAL A 35 1.13 -1.06 -10.76
CA VAL A 35 1.69 -2.26 -11.36
C VAL A 35 1.67 -2.16 -12.89
N ASP A 36 2.84 -2.27 -13.50
CA ASP A 36 2.96 -2.21 -14.95
C ASP A 36 3.13 -3.59 -15.55
N ALA A 37 2.35 -3.88 -16.59
CA ALA A 37 2.43 -5.18 -17.26
C ALA A 37 2.98 -5.04 -18.67
N LYS A 38 4.02 -5.81 -18.97
CA LYS A 38 4.63 -5.77 -20.29
C LYS A 38 4.28 -7.03 -21.10
N THR A 39 4.74 -8.17 -20.61
CA THR A 39 4.48 -9.44 -21.28
C THR A 39 3.84 -10.45 -20.33
N ALA A 40 3.53 -10.00 -19.12
CA ALA A 40 2.92 -10.86 -18.12
C ALA A 40 1.42 -10.99 -18.35
N GLY A 41 1.01 -11.08 -19.60
CA GLY A 41 -0.39 -11.21 -19.93
C GLY A 41 -1.25 -10.19 -19.20
N LYS A 42 -2.56 -10.42 -19.19
CA LYS A 42 -3.49 -9.52 -18.53
C LYS A 42 -4.02 -10.15 -17.25
N GLY A 43 -4.75 -9.36 -16.46
CA GLY A 43 -5.31 -9.86 -15.22
C GLY A 43 -5.54 -8.75 -14.21
N LYS A 44 -6.28 -9.07 -13.14
CA LYS A 44 -6.58 -8.09 -12.10
C LYS A 44 -5.56 -8.18 -10.97
N VAL A 45 -5.02 -7.02 -10.58
CA VAL A 45 -4.03 -6.96 -9.51
C VAL A 45 -4.68 -6.53 -8.19
N THR A 46 -4.60 -7.41 -7.19
CA THR A 46 -5.17 -7.12 -5.89
C THR A 46 -4.09 -6.76 -4.88
N CYS A 47 -4.35 -5.75 -4.06
CA CYS A 47 -3.40 -5.31 -3.06
C CYS A 47 -4.02 -5.36 -1.66
N THR A 48 -3.22 -5.77 -0.68
CA THR A 48 -3.69 -5.87 0.69
C THR A 48 -2.63 -5.38 1.67
N VAL A 49 -2.87 -4.21 2.26
CA VAL A 49 -1.93 -3.63 3.22
C VAL A 49 -2.11 -4.25 4.60
N LEU A 50 -1.10 -4.98 5.06
CA LEU A 50 -1.15 -5.62 6.36
C LEU A 50 -0.33 -4.83 7.38
N THR A 51 -1.02 -4.19 8.31
CA THR A 51 -0.37 -3.40 9.35
C THR A 51 0.18 -4.30 10.46
N PRO A 52 1.27 -3.84 11.12
CA PRO A 52 1.90 -4.58 12.20
C PRO A 52 1.03 -4.62 13.46
N ASP A 53 -0.12 -3.97 13.39
CA ASP A 53 -1.04 -3.94 14.53
C ASP A 53 -2.04 -5.09 14.45
N GLY A 54 -1.85 -5.97 13.47
CA GLY A 54 -2.76 -7.10 13.31
C GLY A 54 -4.08 -6.70 12.70
N THR A 55 -4.07 -5.64 11.91
CA THR A 55 -5.29 -5.16 11.26
C THR A 55 -5.10 -5.01 9.76
N GLU A 56 -6.11 -5.43 9.00
CA GLU A 56 -6.05 -5.34 7.55
C GLU A 56 -6.51 -3.97 7.05
N ALA A 57 -5.61 -3.24 6.40
CA ALA A 57 -5.92 -1.92 5.88
C ALA A 57 -6.55 -2.00 4.50
N GLU A 58 -7.51 -1.13 4.24
CA GLU A 58 -8.21 -1.11 2.95
C GLU A 58 -7.36 -0.39 1.89
N ALA A 59 -7.24 -1.01 0.73
CA ALA A 59 -6.46 -0.44 -0.37
C ALA A 59 -7.33 -0.20 -1.59
N ASP A 60 -7.22 1.00 -2.16
CA ASP A 60 -8.00 1.35 -3.34
C ASP A 60 -7.25 1.02 -4.62
N VAL A 61 -7.90 0.30 -5.53
CA VAL A 61 -7.28 -0.09 -6.79
C VAL A 61 -8.02 0.53 -7.97
N ILE A 62 -7.26 0.97 -8.96
CA ILE A 62 -7.84 1.59 -10.14
C ILE A 62 -7.20 1.03 -11.42
N GLU A 63 -7.99 0.25 -12.17
CA GLU A 63 -7.50 -0.35 -13.40
C GLU A 63 -7.43 0.69 -14.53
N ASN A 64 -6.57 0.46 -15.50
CA ASN A 64 -6.41 1.37 -16.63
C ASN A 64 -6.68 0.65 -17.95
N GLU A 65 -6.89 1.44 -19.00
CA GLU A 65 -7.16 0.88 -20.31
C GLU A 65 -5.90 0.27 -20.92
N ASP A 66 -4.74 0.78 -20.48
CA ASP A 66 -3.46 0.28 -20.98
C ASP A 66 -3.09 -1.03 -20.30
N GLY A 67 -3.69 -1.29 -19.14
CA GLY A 67 -3.40 -2.51 -18.41
C GLY A 67 -2.59 -2.26 -17.16
N THR A 68 -2.86 -1.13 -16.50
CA THR A 68 -2.14 -0.78 -15.28
C THR A 68 -3.10 -0.56 -14.11
N TYR A 69 -2.65 -0.88 -12.91
CA TYR A 69 -3.46 -0.72 -11.71
C TYR A 69 -2.80 0.23 -10.72
N ASP A 70 -3.54 1.25 -10.32
CA ASP A 70 -3.03 2.24 -9.37
C ASP A 70 -3.53 1.95 -7.96
N ILE A 71 -2.61 1.94 -7.01
CA ILE A 71 -2.95 1.68 -5.61
C ILE A 71 -2.38 2.75 -4.69
N PHE A 72 -3.11 3.04 -3.62
CA PHE A 72 -2.69 4.05 -2.65
C PHE A 72 -3.04 3.63 -1.23
N TYR A 73 -2.22 4.04 -0.26
CA TYR A 73 -2.44 3.70 1.13
C TYR A 73 -1.64 4.62 2.05
N THR A 74 -2.01 4.65 3.32
CA THR A 74 -1.32 5.48 4.30
C THR A 74 -0.90 4.66 5.52
N ALA A 75 0.21 5.07 6.13
CA ALA A 75 0.73 4.37 7.30
C ALA A 75 0.46 5.15 8.58
N ALA A 76 -0.59 4.75 9.30
CA ALA A 76 -0.96 5.43 10.54
C ALA A 76 0.17 5.34 11.57
N LYS A 77 0.65 4.13 11.82
CA LYS A 77 1.73 3.92 12.77
C LYS A 77 2.89 3.16 12.13
N PRO A 78 4.10 3.42 12.63
CA PRO A 78 5.32 2.78 12.12
C PRO A 78 5.38 1.29 12.47
N GLY A 79 6.37 0.61 11.92
CA GLY A 79 6.52 -0.81 12.19
C GLY A 79 6.86 -1.61 10.95
N THR A 80 6.31 -2.82 10.85
CA THR A 80 6.55 -3.68 9.70
C THR A 80 5.27 -3.95 8.94
N TYR A 81 5.12 -3.29 7.79
CA TYR A 81 3.93 -3.46 6.96
C TYR A 81 4.17 -4.51 5.87
N VAL A 82 3.17 -5.36 5.66
CA VAL A 82 3.27 -6.40 4.65
C VAL A 82 2.19 -6.24 3.58
N ILE A 83 2.63 -5.98 2.35
CA ILE A 83 1.69 -5.80 1.24
C ILE A 83 1.67 -7.03 0.35
N TYR A 84 0.47 -7.56 0.11
CA TYR A 84 0.30 -8.74 -0.73
C TYR A 84 -0.20 -8.36 -2.11
N VAL A 85 0.55 -8.76 -3.14
CA VAL A 85 0.18 -8.47 -4.52
C VAL A 85 0.01 -9.75 -5.32
N ARG A 86 -1.08 -9.81 -6.08
CA ARG A 86 -1.36 -10.99 -6.90
C ARG A 86 -1.91 -10.57 -8.27
N PHE A 87 -1.40 -11.19 -9.32
CA PHE A 87 -1.83 -10.89 -10.67
C PHE A 87 -2.48 -12.10 -11.33
N GLY A 88 -3.74 -11.98 -11.71
CA GLY A 88 -4.45 -13.07 -12.35
C GLY A 88 -4.34 -14.35 -11.55
N GLY A 89 -4.37 -14.24 -10.23
CA GLY A 89 -4.27 -15.41 -9.37
C GLY A 89 -2.86 -15.95 -9.29
N VAL A 90 -1.88 -15.07 -9.47
CA VAL A 90 -0.48 -15.47 -9.41
C VAL A 90 0.33 -14.49 -8.57
N ASP A 91 0.62 -14.88 -7.33
CA ASP A 91 1.39 -14.04 -6.42
C ASP A 91 2.81 -13.83 -6.95
N ILE A 92 3.11 -12.61 -7.37
CA ILE A 92 4.43 -12.27 -7.89
C ILE A 92 5.53 -12.76 -6.95
N PRO A 93 6.72 -13.01 -7.52
CA PRO A 93 7.88 -13.48 -6.74
C PRO A 93 8.43 -12.41 -5.83
N ASN A 94 7.76 -11.25 -5.80
CA ASN A 94 8.20 -10.14 -4.95
C ASN A 94 7.28 -10.00 -3.73
N SER A 95 6.21 -10.78 -3.72
CA SER A 95 5.25 -10.74 -2.61
C SER A 95 5.55 -11.83 -1.59
N PRO A 96 5.35 -11.51 -0.30
CA PRO A 96 4.87 -10.19 0.11
C PRO A 96 5.91 -9.10 -0.10
N PHE A 97 5.54 -7.86 0.20
CA PHE A 97 6.45 -6.73 0.04
C PHE A 97 6.83 -6.14 1.39
N THR A 98 8.10 -6.26 1.75
CA THR A 98 8.59 -5.74 3.03
C THR A 98 8.69 -4.22 2.99
N VAL A 99 7.82 -3.56 3.73
CA VAL A 99 7.82 -2.10 3.79
C VAL A 99 7.95 -1.61 5.23
N MET A 100 9.11 -1.08 5.56
CA MET A 100 9.37 -0.57 6.91
C MET A 100 8.96 0.90 7.02
N ALA A 101 8.02 1.18 7.91
CA ALA A 101 7.55 2.55 8.11
C ALA A 101 8.34 3.24 9.22
N THR A 102 8.94 4.38 8.88
CA THR A 102 9.73 5.14 9.85
C THR A 102 8.99 6.40 10.29
N ASP A 103 9.04 6.69 11.59
CA ASP A 103 8.38 7.87 12.13
C ASP A 103 9.01 9.14 11.59
N GLY A 104 10.29 9.06 11.21
CA GLY A 104 10.98 10.22 10.68
C GLY A 104 12.37 10.38 11.27
N GLU A 105 13.15 11.29 10.69
CA GLU A 105 14.51 11.53 11.16
C GLU A 105 14.54 12.70 12.12
N VAL A 106 14.96 12.43 13.36
CA VAL A 106 15.04 13.47 14.39
C VAL A 106 13.87 14.44 14.27
N THR A 107 12.70 13.92 13.93
CA THR A 107 11.50 14.76 13.79
C THR A 107 10.92 15.12 15.15
N ALA A 108 10.40 16.33 15.25
CA ALA A 108 9.80 16.80 16.50
C ALA A 108 8.28 16.64 16.49
N VAL A 109 7.75 15.98 17.51
CA VAL A 109 6.32 15.76 17.61
C VAL A 109 5.80 16.17 18.98
N GLU A 110 4.55 16.66 19.02
CA GLU A 110 3.94 17.10 20.26
C GLU A 110 3.14 15.96 20.90
N GLU A 111 3.56 15.55 22.09
CA GLU A 111 2.88 14.46 22.81
C GLU A 111 1.85 15.02 23.78
N ALA A 112 0.61 14.58 23.64
CA ALA A 112 -0.47 15.03 24.51
C ALA A 112 -0.17 14.69 25.97
N PRO A 113 -0.52 15.62 26.86
CA PRO A 113 -0.30 15.44 28.31
C PRO A 113 -1.20 14.38 28.91
N VAL A 114 -0.62 13.48 29.69
CA VAL A 114 -1.37 12.41 30.32
C VAL A 114 -1.14 12.38 31.83
N ASN A 115 -0.92 13.56 32.41
CA ASN A 115 -0.67 13.68 33.84
C ASN A 115 -1.97 13.89 34.60
N ALA A 116 -2.66 14.99 34.29
CA ALA A 116 -3.93 15.30 34.95
C ALA A 116 -5.09 14.68 34.21
N CYS A 117 -6.28 14.76 34.80
CA CYS A 117 -7.48 14.20 34.18
C CYS A 117 -8.74 14.76 34.85
N PRO A 118 -9.84 14.82 34.07
CA PRO A 118 -11.12 15.33 34.55
C PRO A 118 -11.77 14.41 35.58
N SER A 119 -12.69 14.96 36.36
CA SER A 119 -13.38 14.18 37.39
C SER A 119 -14.60 14.93 37.90
N GLY A 120 -15.48 14.21 38.60
CA GLY A 120 -16.68 14.83 39.15
C GLY A 120 -17.70 13.80 39.61
N PRO A 121 -17.60 13.40 40.88
CA PRO A 121 -18.50 12.41 41.48
C PRO A 121 -19.92 12.97 41.66
N SER A 122 -20.90 12.17 41.25
CA SER A 122 -22.30 12.58 41.37
C SER A 122 -22.90 12.09 42.68
N SER A 123 -22.05 11.56 43.55
CA SER A 123 -22.50 11.06 44.84
C SER A 123 -21.71 11.70 45.99
N GLY A 124 -22.37 12.57 46.74
CA GLY A 124 -21.71 13.23 47.85
C GLY A 124 -22.21 12.74 49.19
N GLY A 1 -13.07 -28.65 -28.23
CA GLY A 1 -12.43 -29.77 -27.60
C GLY A 1 -10.91 -29.66 -27.61
N SER A 2 -10.38 -28.73 -26.84
CA SER A 2 -8.94 -28.52 -26.77
C SER A 2 -8.52 -28.04 -25.38
N SER A 3 -7.30 -28.38 -24.99
CA SER A 3 -6.78 -28.00 -23.68
C SER A 3 -5.78 -26.86 -23.81
N GLY A 4 -5.89 -25.87 -22.93
CA GLY A 4 -4.97 -24.74 -22.96
C GLY A 4 -3.53 -25.15 -23.12
N SER A 5 -2.76 -24.36 -23.86
CA SER A 5 -1.35 -24.66 -24.08
C SER A 5 -0.47 -23.95 -23.07
N SER A 6 -0.71 -22.66 -22.88
CA SER A 6 0.06 -21.85 -21.93
C SER A 6 -0.85 -21.25 -20.87
N GLY A 7 -0.24 -20.78 -19.79
CA GLY A 7 -1.00 -20.17 -18.71
C GLY A 7 -1.60 -18.83 -19.11
N THR A 8 -2.61 -18.40 -18.35
CA THR A 8 -3.27 -17.12 -18.63
C THR A 8 -2.75 -16.02 -17.72
N GLY A 9 -1.85 -15.20 -18.23
CA GLY A 9 -1.29 -14.12 -17.44
C GLY A 9 -0.22 -14.61 -16.47
N ASP A 10 0.89 -13.87 -16.41
CA ASP A 10 1.99 -14.23 -15.52
C ASP A 10 2.36 -13.06 -14.63
N ALA A 11 2.64 -13.36 -13.36
CA ALA A 11 3.01 -12.32 -12.40
C ALA A 11 4.52 -12.08 -12.41
N SER A 12 5.29 -13.16 -12.37
CA SER A 12 6.74 -13.07 -12.38
C SER A 12 7.21 -12.07 -13.43
N LYS A 13 6.37 -11.83 -14.43
CA LYS A 13 6.70 -10.90 -15.50
C LYS A 13 6.26 -9.49 -15.17
N CYS A 14 5.11 -9.38 -14.48
CA CYS A 14 4.59 -8.08 -14.10
C CYS A 14 5.62 -7.27 -13.34
N LEU A 15 5.57 -5.94 -13.48
CA LEU A 15 6.51 -5.06 -12.81
C LEU A 15 5.80 -4.19 -11.78
N ALA A 16 6.38 -4.10 -10.59
CA ALA A 16 5.81 -3.31 -9.51
C ALA A 16 6.72 -2.15 -9.14
N THR A 17 6.29 -0.94 -9.46
CA THR A 17 7.08 0.26 -9.16
C THR A 17 6.24 1.30 -8.43
N GLY A 18 6.89 2.13 -7.62
CA GLY A 18 6.19 3.15 -6.88
C GLY A 18 6.82 3.41 -5.52
N PRO A 19 6.62 4.63 -5.00
CA PRO A 19 7.16 5.03 -3.69
C PRO A 19 6.47 4.32 -2.54
N GLY A 20 5.30 3.75 -2.81
CA GLY A 20 4.56 3.04 -1.78
C GLY A 20 5.15 1.68 -1.47
N ILE A 21 5.70 1.03 -2.49
CA ILE A 21 6.30 -0.29 -2.33
C ILE A 21 7.81 -0.18 -2.07
N ALA A 22 8.24 1.02 -1.69
CA ALA A 22 9.66 1.26 -1.41
C ALA A 22 10.10 0.55 -0.14
N SER A 23 11.30 -0.03 -0.18
CA SER A 23 11.83 -0.74 0.98
C SER A 23 11.52 -0.01 2.27
N THR A 24 11.63 1.31 2.23
CA THR A 24 11.36 2.14 3.40
C THR A 24 10.54 3.38 3.03
N VAL A 25 9.49 3.64 3.80
CA VAL A 25 8.62 4.80 3.55
C VAL A 25 8.42 5.61 4.81
N LYS A 26 7.78 6.76 4.67
CA LYS A 26 7.52 7.64 5.81
C LYS A 26 6.05 7.58 6.22
N THR A 27 5.81 7.52 7.52
CA THR A 27 4.45 7.45 8.05
C THR A 27 3.73 8.78 7.88
N GLY A 28 2.40 8.74 7.89
CA GLY A 28 1.61 9.95 7.74
C GLY A 28 1.43 10.34 6.29
N GLU A 29 2.47 10.13 5.49
CA GLU A 29 2.43 10.46 4.07
C GLU A 29 1.69 9.38 3.28
N GLU A 30 0.98 9.81 2.24
CA GLU A 30 0.22 8.88 1.40
C GLU A 30 1.02 8.51 0.15
N VAL A 31 1.38 7.24 0.04
CA VAL A 31 2.14 6.75 -1.10
C VAL A 31 1.21 6.35 -2.25
N GLY A 32 1.80 6.08 -3.41
CA GLY A 32 1.02 5.67 -4.57
C GLY A 32 1.84 4.96 -5.61
N PHE A 33 1.75 3.63 -5.62
CA PHE A 33 2.49 2.82 -6.57
C PHE A 33 1.57 2.28 -7.67
N VAL A 34 2.15 2.01 -8.83
CA VAL A 34 1.39 1.49 -9.97
C VAL A 34 2.04 0.24 -10.54
N VAL A 35 1.23 -0.78 -10.78
CA VAL A 35 1.72 -2.03 -11.33
C VAL A 35 1.72 -2.00 -12.86
N ASP A 36 2.91 -2.10 -13.45
CA ASP A 36 3.04 -2.07 -14.90
C ASP A 36 3.37 -3.47 -15.44
N ALA A 37 2.58 -3.93 -16.40
CA ALA A 37 2.78 -5.24 -17.00
C ALA A 37 2.98 -5.14 -18.51
N LYS A 38 4.07 -5.71 -19.00
CA LYS A 38 4.37 -5.67 -20.42
C LYS A 38 3.96 -6.98 -21.09
N THR A 39 4.68 -8.06 -20.79
CA THR A 39 4.39 -9.37 -21.36
C THR A 39 3.38 -10.13 -20.50
N ALA A 40 3.29 -9.75 -19.23
CA ALA A 40 2.37 -10.40 -18.30
C ALA A 40 1.07 -10.78 -19.01
N GLY A 41 0.46 -9.81 -19.68
CA GLY A 41 -0.78 -10.06 -20.38
C GLY A 41 -1.99 -9.48 -19.66
N LYS A 42 -2.98 -10.31 -19.41
CA LYS A 42 -4.20 -9.88 -18.72
C LYS A 42 -4.25 -10.47 -17.31
N GLY A 43 -5.09 -9.87 -16.46
CA GLY A 43 -5.21 -10.33 -15.10
C GLY A 43 -5.63 -9.23 -14.14
N LYS A 44 -6.05 -9.61 -12.94
CA LYS A 44 -6.48 -8.65 -11.94
C LYS A 44 -5.44 -8.53 -10.83
N VAL A 45 -4.99 -7.30 -10.58
CA VAL A 45 -4.00 -7.04 -9.55
C VAL A 45 -4.66 -6.65 -8.23
N THR A 46 -4.61 -7.57 -7.26
CA THR A 46 -5.21 -7.33 -5.96
C THR A 46 -4.15 -6.97 -4.92
N CYS A 47 -4.42 -5.95 -4.12
CA CYS A 47 -3.49 -5.51 -3.09
C CYS A 47 -4.14 -5.57 -1.71
N THR A 48 -3.35 -5.93 -0.71
CA THR A 48 -3.83 -6.03 0.66
C THR A 48 -2.82 -5.47 1.65
N VAL A 49 -3.11 -4.30 2.21
CA VAL A 49 -2.23 -3.67 3.18
C VAL A 49 -2.43 -4.26 4.58
N LEU A 50 -1.42 -4.96 5.07
CA LEU A 50 -1.48 -5.57 6.39
C LEU A 50 -0.70 -4.74 7.41
N THR A 51 -1.40 -4.26 8.44
CA THR A 51 -0.77 -3.45 9.48
C THR A 51 -0.05 -4.34 10.50
N PRO A 52 1.02 -3.80 11.08
CA PRO A 52 1.82 -4.52 12.08
C PRO A 52 1.07 -4.71 13.40
N ASP A 53 -0.15 -4.20 13.45
CA ASP A 53 -0.97 -4.32 14.65
C ASP A 53 -1.63 -5.70 14.73
N GLY A 54 -1.94 -6.26 13.57
CA GLY A 54 -2.57 -7.57 13.54
C GLY A 54 -3.93 -7.54 12.86
N THR A 55 -4.15 -6.55 12.00
CA THR A 55 -5.41 -6.41 11.30
C THR A 55 -5.19 -6.16 9.81
N GLU A 56 -6.28 -6.20 9.04
CA GLU A 56 -6.20 -5.96 7.60
C GLU A 56 -6.76 -4.60 7.24
N ALA A 57 -6.10 -3.93 6.29
CA ALA A 57 -6.53 -2.61 5.86
C ALA A 57 -7.02 -2.64 4.41
N GLU A 58 -7.92 -1.72 4.08
CA GLU A 58 -8.47 -1.64 2.73
C GLU A 58 -7.62 -0.74 1.84
N ALA A 59 -7.31 -1.20 0.64
CA ALA A 59 -6.51 -0.43 -0.30
C ALA A 59 -7.30 -0.10 -1.56
N ASP A 60 -7.13 1.12 -2.06
CA ASP A 60 -7.83 1.56 -3.26
C ASP A 60 -7.05 1.18 -4.51
N VAL A 61 -7.75 0.64 -5.51
CA VAL A 61 -7.12 0.24 -6.75
C VAL A 61 -7.81 0.88 -7.95
N ILE A 62 -7.01 1.37 -8.90
CA ILE A 62 -7.55 2.01 -10.09
C ILE A 62 -6.98 1.38 -11.35
N GLU A 63 -7.81 0.64 -12.08
CA GLU A 63 -7.38 -0.02 -13.31
C GLU A 63 -7.20 1.00 -14.43
N ASN A 64 -6.32 0.68 -15.37
CA ASN A 64 -6.04 1.57 -16.50
C ASN A 64 -6.26 0.84 -17.82
N GLU A 65 -6.45 1.63 -18.88
CA GLU A 65 -6.67 1.06 -20.21
C GLU A 65 -5.44 0.28 -20.69
N ASP A 66 -4.26 0.76 -20.32
CA ASP A 66 -3.02 0.12 -20.71
C ASP A 66 -2.84 -1.21 -19.96
N GLY A 67 -3.49 -1.32 -18.80
CA GLY A 67 -3.39 -2.54 -18.02
C GLY A 67 -2.62 -2.33 -16.73
N THR A 68 -2.59 -1.09 -16.26
CA THR A 68 -1.88 -0.75 -15.03
C THR A 68 -2.86 -0.46 -13.89
N TYR A 69 -2.48 -0.87 -12.69
CA TYR A 69 -3.33 -0.65 -11.51
C TYR A 69 -2.64 0.26 -10.50
N ASP A 70 -3.29 1.35 -10.16
CA ASP A 70 -2.74 2.31 -9.20
C ASP A 70 -3.24 2.01 -7.79
N ILE A 71 -2.32 1.98 -6.84
CA ILE A 71 -2.67 1.72 -5.45
C ILE A 71 -2.08 2.77 -4.52
N PHE A 72 -2.83 3.14 -3.50
CA PHE A 72 -2.38 4.14 -2.53
C PHE A 72 -2.76 3.73 -1.11
N TYR A 73 -1.93 4.13 -0.15
CA TYR A 73 -2.19 3.80 1.26
C TYR A 73 -1.37 4.71 2.17
N THR A 74 -1.85 4.86 3.41
CA THR A 74 -1.17 5.69 4.39
C THR A 74 -0.79 4.90 5.64
N ALA A 75 0.43 5.09 6.10
CA ALA A 75 0.92 4.38 7.29
C ALA A 75 0.69 5.22 8.54
N ALA A 76 -0.41 4.95 9.23
CA ALA A 76 -0.75 5.68 10.46
C ALA A 76 0.37 5.55 11.48
N LYS A 77 0.80 4.31 11.75
CA LYS A 77 1.86 4.06 12.72
C LYS A 77 3.02 3.31 12.07
N PRO A 78 4.22 3.52 12.59
CA PRO A 78 5.43 2.85 12.08
C PRO A 78 5.46 1.36 12.39
N GLY A 79 6.31 0.63 11.68
CA GLY A 79 6.41 -0.80 11.89
C GLY A 79 6.74 -1.56 10.62
N THR A 80 6.23 -2.78 10.51
CA THR A 80 6.49 -3.61 9.34
C THR A 80 5.18 -3.92 8.61
N TYR A 81 4.91 -3.16 7.55
CA TYR A 81 3.71 -3.35 6.76
C TYR A 81 3.91 -4.43 5.70
N VAL A 82 2.93 -5.33 5.59
CA VAL A 82 3.00 -6.41 4.62
C VAL A 82 1.94 -6.26 3.54
N ILE A 83 2.38 -6.09 2.29
CA ILE A 83 1.47 -5.93 1.17
C ILE A 83 1.42 -7.19 0.31
N TYR A 84 0.22 -7.67 0.04
CA TYR A 84 0.03 -8.88 -0.76
C TYR A 84 -0.45 -8.52 -2.17
N VAL A 85 0.36 -8.85 -3.17
CA VAL A 85 0.00 -8.57 -4.56
C VAL A 85 -0.11 -9.86 -5.36
N ARG A 86 -1.25 -10.02 -6.05
CA ARG A 86 -1.48 -11.20 -6.87
C ARG A 86 -1.97 -10.82 -8.26
N PHE A 87 -1.41 -11.46 -9.28
CA PHE A 87 -1.80 -11.18 -10.66
C PHE A 87 -2.45 -12.40 -11.29
N GLY A 88 -3.75 -12.31 -11.56
CA GLY A 88 -4.47 -13.41 -12.17
C GLY A 88 -4.28 -14.71 -11.41
N GLY A 89 -4.29 -14.63 -10.09
CA GLY A 89 -4.12 -15.82 -9.28
C GLY A 89 -2.67 -16.27 -9.21
N VAL A 90 -1.74 -15.32 -9.35
CA VAL A 90 -0.32 -15.62 -9.31
C VAL A 90 0.43 -14.60 -8.45
N ASP A 91 0.81 -15.01 -7.25
CA ASP A 91 1.52 -14.15 -6.33
C ASP A 91 2.95 -13.91 -6.82
N ILE A 92 3.19 -12.70 -7.33
CA ILE A 92 4.51 -12.34 -7.83
C ILE A 92 5.61 -12.80 -6.88
N PRO A 93 6.81 -13.01 -7.43
CA PRO A 93 7.97 -13.46 -6.66
C PRO A 93 8.48 -12.39 -5.70
N ASN A 94 7.83 -11.23 -5.72
CA ASN A 94 8.22 -10.12 -4.85
C ASN A 94 7.33 -10.06 -3.61
N SER A 95 6.21 -10.79 -3.66
CA SER A 95 5.27 -10.81 -2.54
C SER A 95 5.61 -11.94 -1.57
N PRO A 96 5.43 -11.67 -0.27
CA PRO A 96 4.94 -10.38 0.21
C PRO A 96 5.96 -9.26 0.03
N PHE A 97 5.50 -8.02 0.16
CA PHE A 97 6.37 -6.86 0.00
C PHE A 97 6.70 -6.24 1.35
N THR A 98 7.92 -6.48 1.83
CA THR A 98 8.35 -5.95 3.12
C THR A 98 8.64 -4.46 3.03
N VAL A 99 7.85 -3.66 3.74
CA VAL A 99 8.02 -2.22 3.74
C VAL A 99 8.17 -1.68 5.17
N MET A 100 9.26 -0.95 5.40
CA MET A 100 9.51 -0.37 6.71
C MET A 100 8.96 1.05 6.80
N ALA A 101 8.03 1.26 7.73
CA ALA A 101 7.42 2.57 7.92
C ALA A 101 8.16 3.37 8.98
N THR A 102 8.85 4.43 8.57
CA THR A 102 9.60 5.26 9.50
C THR A 102 8.78 6.47 9.94
N ASP A 103 8.95 6.87 11.19
CA ASP A 103 8.22 8.01 11.73
C ASP A 103 8.54 9.29 10.95
N GLY A 104 9.76 9.36 10.44
CA GLY A 104 10.18 10.53 9.68
C GLY A 104 9.95 11.83 10.44
N GLU A 105 9.63 12.89 9.71
CA GLU A 105 9.38 14.19 10.31
C GLU A 105 7.95 14.28 10.85
N VAL A 106 7.72 15.24 11.73
CA VAL A 106 6.40 15.44 12.32
C VAL A 106 5.76 16.72 11.81
N THR A 107 4.77 16.58 10.93
CA THR A 107 4.07 17.73 10.37
C THR A 107 2.67 17.86 10.96
N ALA A 108 2.37 19.06 11.48
CA ALA A 108 1.07 19.32 12.07
C ALA A 108 0.93 20.78 12.48
N VAL A 109 -0.30 21.22 12.70
CA VAL A 109 -0.57 22.60 13.09
C VAL A 109 -1.29 22.66 14.44
N GLU A 110 -0.81 23.52 15.32
CA GLU A 110 -1.41 23.69 16.64
C GLU A 110 -2.71 24.46 16.55
N GLU A 111 -3.56 24.33 17.57
CA GLU A 111 -4.84 25.02 17.61
C GLU A 111 -4.92 25.94 18.82
N ALA A 112 -5.58 27.08 18.63
CA ALA A 112 -5.73 28.06 19.71
C ALA A 112 -7.10 27.93 20.37
N PRO A 113 -7.14 28.11 21.71
CA PRO A 113 -8.38 28.02 22.48
C PRO A 113 -9.32 29.18 22.20
N VAL A 114 -10.51 29.14 22.79
CA VAL A 114 -11.51 30.19 22.60
C VAL A 114 -11.79 30.92 23.91
N ASN A 115 -11.90 32.23 23.83
CA ASN A 115 -12.16 33.06 25.01
C ASN A 115 -13.10 32.33 25.97
N ALA A 116 -13.00 32.66 27.25
CA ALA A 116 -13.84 32.06 28.27
C ALA A 116 -14.94 33.01 28.72
N CYS A 117 -16.19 32.61 28.51
CA CYS A 117 -17.34 33.42 28.89
C CYS A 117 -17.67 33.23 30.37
N PRO A 118 -18.14 34.31 31.02
CA PRO A 118 -18.51 34.29 32.43
C PRO A 118 -19.76 33.46 32.69
N SER A 119 -19.82 32.84 33.86
CA SER A 119 -20.97 32.02 34.24
C SER A 119 -22.06 32.86 34.88
N GLY A 120 -21.67 33.65 35.88
CA GLY A 120 -22.63 34.49 36.57
C GLY A 120 -22.69 34.22 38.06
N PRO A 121 -23.17 35.21 38.83
CA PRO A 121 -23.29 35.09 40.29
C PRO A 121 -24.38 34.11 40.70
N SER A 122 -24.60 34.00 42.01
CA SER A 122 -25.61 33.09 42.54
C SER A 122 -26.28 33.69 43.77
N SER A 123 -27.47 33.18 44.09
CA SER A 123 -28.23 33.67 45.24
C SER A 123 -27.88 32.87 46.49
N GLY A 124 -28.36 33.33 47.64
CA GLY A 124 -28.09 32.65 48.89
C GLY A 124 -28.06 33.59 50.08
N GLY A 1 -14.53 -28.66 -12.75
CA GLY A 1 -15.45 -27.86 -11.96
C GLY A 1 -16.62 -27.34 -12.76
N SER A 2 -16.52 -26.10 -13.22
CA SER A 2 -17.58 -25.49 -14.01
C SER A 2 -17.00 -24.64 -15.15
N SER A 3 -17.87 -24.18 -16.03
CA SER A 3 -17.45 -23.36 -17.16
C SER A 3 -17.38 -21.89 -16.78
N GLY A 4 -16.49 -21.15 -17.43
CA GLY A 4 -16.34 -19.74 -17.15
C GLY A 4 -15.18 -19.11 -17.90
N SER A 5 -15.22 -17.79 -18.07
CA SER A 5 -14.17 -17.08 -18.78
C SER A 5 -12.79 -17.48 -18.25
N SER A 6 -11.88 -17.81 -19.17
CA SER A 6 -10.54 -18.22 -18.79
C SER A 6 -9.51 -17.61 -19.74
N GLY A 7 -8.39 -17.14 -19.17
CA GLY A 7 -7.34 -16.54 -19.97
C GLY A 7 -5.96 -16.98 -19.55
N THR A 8 -4.96 -16.16 -19.87
CA THR A 8 -3.58 -16.47 -19.52
C THR A 8 -2.80 -15.20 -19.18
N GLY A 9 -1.65 -15.39 -18.55
CA GLY A 9 -0.82 -14.24 -18.18
C GLY A 9 0.14 -14.56 -17.06
N ASP A 10 1.39 -14.13 -17.20
CA ASP A 10 2.41 -14.38 -16.18
C ASP A 10 2.45 -13.23 -15.17
N ALA A 11 2.78 -13.56 -13.93
CA ALA A 11 2.86 -12.55 -12.87
C ALA A 11 4.30 -12.14 -12.62
N SER A 12 5.22 -13.10 -12.73
CA SER A 12 6.64 -12.84 -12.52
C SER A 12 7.14 -11.76 -13.46
N LYS A 13 6.41 -11.53 -14.54
CA LYS A 13 6.78 -10.52 -15.53
C LYS A 13 6.31 -9.14 -15.10
N CYS A 14 5.17 -9.09 -14.42
CA CYS A 14 4.61 -7.83 -13.95
C CYS A 14 5.67 -7.00 -13.24
N LEU A 15 5.62 -5.69 -13.42
CA LEU A 15 6.57 -4.78 -12.79
C LEU A 15 5.87 -3.87 -11.79
N ALA A 16 6.40 -3.81 -10.58
CA ALA A 16 5.82 -2.96 -9.54
C ALA A 16 6.78 -1.82 -9.18
N THR A 17 6.37 -0.60 -9.53
CA THR A 17 7.19 0.57 -9.25
C THR A 17 6.39 1.62 -8.47
N GLY A 18 6.94 2.04 -7.34
CA GLY A 18 6.27 3.03 -6.51
C GLY A 18 6.90 3.18 -5.14
N PRO A 19 6.74 4.37 -4.54
CA PRO A 19 7.30 4.65 -3.21
C PRO A 19 6.60 3.88 -2.11
N GLY A 20 5.39 3.41 -2.39
CA GLY A 20 4.64 2.66 -1.40
C GLY A 20 5.18 1.25 -1.22
N ILE A 21 5.63 0.64 -2.32
CA ILE A 21 6.17 -0.71 -2.26
C ILE A 21 7.66 -0.70 -1.91
N ALA A 22 8.23 0.49 -1.86
CA ALA A 22 9.65 0.64 -1.53
C ALA A 22 9.98 -0.02 -0.19
N SER A 23 11.10 -0.73 -0.14
CA SER A 23 11.52 -1.40 1.07
C SER A 23 11.14 -0.59 2.31
N THR A 24 11.26 0.73 2.20
CA THR A 24 10.93 1.61 3.31
C THR A 24 10.06 2.77 2.84
N VAL A 25 9.18 3.24 3.72
CA VAL A 25 8.29 4.35 3.41
C VAL A 25 8.22 5.35 4.55
N LYS A 26 7.42 6.40 4.37
CA LYS A 26 7.26 7.42 5.39
C LYS A 26 5.86 7.39 6.00
N THR A 27 5.75 7.71 7.28
CA THR A 27 4.47 7.72 7.97
C THR A 27 3.79 9.08 7.84
N GLY A 28 2.46 9.08 7.95
CA GLY A 28 1.72 10.32 7.85
C GLY A 28 1.41 10.70 6.42
N GLU A 29 2.37 10.47 5.53
CA GLU A 29 2.20 10.80 4.12
C GLU A 29 1.40 9.71 3.41
N GLU A 30 0.97 10.00 2.19
CA GLU A 30 0.20 9.06 1.39
C GLU A 30 0.99 8.58 0.18
N VAL A 31 1.30 7.29 0.15
CA VAL A 31 2.06 6.71 -0.96
C VAL A 31 1.14 6.37 -2.13
N GLY A 32 1.73 6.02 -3.26
CA GLY A 32 0.96 5.66 -4.43
C GLY A 32 1.77 4.91 -5.46
N PHE A 33 1.65 3.59 -5.45
CA PHE A 33 2.38 2.73 -6.38
C PHE A 33 1.44 2.17 -7.45
N VAL A 34 2.00 1.89 -8.62
CA VAL A 34 1.21 1.34 -9.72
C VAL A 34 1.92 0.14 -10.35
N VAL A 35 1.15 -0.90 -10.65
CA VAL A 35 1.70 -2.10 -11.26
C VAL A 35 1.67 -2.01 -12.78
N ASP A 36 2.84 -1.99 -13.40
CA ASP A 36 2.94 -1.91 -14.85
C ASP A 36 3.21 -3.28 -15.46
N ALA A 37 2.37 -3.67 -16.42
CA ALA A 37 2.51 -4.96 -17.07
C ALA A 37 2.63 -4.80 -18.58
N LYS A 38 3.69 -5.37 -19.16
CA LYS A 38 3.91 -5.29 -20.60
C LYS A 38 3.78 -6.66 -21.25
N THR A 39 4.66 -7.57 -20.88
CA THR A 39 4.64 -8.93 -21.43
C THR A 39 3.83 -9.87 -20.54
N ALA A 40 3.66 -9.48 -19.28
CA ALA A 40 2.91 -10.29 -18.34
C ALA A 40 1.62 -10.82 -18.95
N GLY A 41 0.88 -9.93 -19.62
CA GLY A 41 -0.36 -10.33 -20.25
C GLY A 41 -1.58 -9.82 -19.52
N LYS A 42 -2.68 -10.57 -19.59
CA LYS A 42 -3.92 -10.18 -18.92
C LYS A 42 -3.97 -10.76 -17.52
N GLY A 43 -4.57 -10.01 -16.59
CA GLY A 43 -4.67 -10.46 -15.21
C GLY A 43 -5.04 -9.34 -14.27
N LYS A 44 -5.72 -9.69 -13.17
CA LYS A 44 -6.12 -8.70 -12.18
C LYS A 44 -5.09 -8.59 -11.07
N VAL A 45 -4.84 -7.37 -10.62
CA VAL A 45 -3.87 -7.12 -9.56
C VAL A 45 -4.56 -6.67 -8.27
N THR A 46 -4.53 -7.53 -7.25
CA THR A 46 -5.15 -7.24 -5.98
C THR A 46 -4.11 -6.87 -4.93
N CYS A 47 -4.40 -5.85 -4.13
CA CYS A 47 -3.48 -5.41 -3.09
C CYS A 47 -4.13 -5.50 -1.71
N THR A 48 -3.33 -5.79 -0.70
CA THR A 48 -3.83 -5.91 0.66
C THR A 48 -2.82 -5.37 1.67
N VAL A 49 -3.13 -4.20 2.24
CA VAL A 49 -2.25 -3.58 3.23
C VAL A 49 -2.41 -4.22 4.60
N LEU A 50 -1.33 -4.83 5.09
CA LEU A 50 -1.36 -5.48 6.40
C LEU A 50 -0.55 -4.67 7.42
N THR A 51 -1.26 -4.10 8.40
CA THR A 51 -0.61 -3.31 9.44
C THR A 51 0.01 -4.21 10.50
N PRO A 52 1.09 -3.72 11.12
CA PRO A 52 1.80 -4.47 12.17
C PRO A 52 0.99 -4.58 13.46
N ASP A 53 -0.20 -3.97 13.45
CA ASP A 53 -1.07 -4.00 14.63
C ASP A 53 -1.87 -5.30 14.67
N GLY A 54 -2.08 -5.90 13.51
CA GLY A 54 -2.82 -7.15 13.45
C GLY A 54 -4.20 -6.97 12.86
N THR A 55 -4.36 -5.96 12.00
CA THR A 55 -5.64 -5.68 11.36
C THR A 55 -5.47 -5.44 9.87
N GLU A 56 -6.27 -6.13 9.07
CA GLU A 56 -6.20 -5.99 7.62
C GLU A 56 -6.96 -4.74 7.16
N ALA A 57 -6.22 -3.80 6.57
CA ALA A 57 -6.81 -2.57 6.09
C ALA A 57 -7.19 -2.68 4.61
N GLU A 58 -7.95 -1.70 4.12
CA GLU A 58 -8.37 -1.69 2.73
C GLU A 58 -7.45 -0.83 1.88
N ALA A 59 -7.26 -1.23 0.63
CA ALA A 59 -6.40 -0.50 -0.29
C ALA A 59 -7.13 -0.15 -1.58
N ASP A 60 -7.18 1.13 -1.91
CA ASP A 60 -7.85 1.60 -3.12
C ASP A 60 -7.08 1.17 -4.37
N VAL A 61 -7.81 0.64 -5.34
CA VAL A 61 -7.20 0.18 -6.59
C VAL A 61 -7.91 0.78 -7.79
N ILE A 62 -7.13 1.21 -8.78
CA ILE A 62 -7.69 1.80 -9.99
C ILE A 62 -7.10 1.16 -11.24
N GLU A 63 -7.93 0.42 -11.96
CA GLU A 63 -7.50 -0.25 -13.18
C GLU A 63 -7.41 0.73 -14.35
N ASN A 64 -6.50 0.46 -15.27
CA ASN A 64 -6.32 1.32 -16.44
C ASN A 64 -6.52 0.54 -17.73
N GLU A 65 -6.69 1.26 -18.83
CA GLU A 65 -6.90 0.64 -20.13
C GLU A 65 -5.64 -0.08 -20.59
N ASP A 66 -4.49 0.45 -20.22
CA ASP A 66 -3.21 -0.14 -20.59
C ASP A 66 -2.91 -1.38 -19.75
N GLY A 67 -3.54 -1.46 -18.58
CA GLY A 67 -3.33 -2.59 -17.70
C GLY A 67 -2.55 -2.23 -16.46
N THR A 68 -2.59 -0.96 -16.08
CA THR A 68 -1.88 -0.49 -14.91
C THR A 68 -2.84 -0.22 -13.74
N TYR A 69 -2.55 -0.81 -12.59
CA TYR A 69 -3.38 -0.64 -11.41
C TYR A 69 -2.72 0.29 -10.39
N ASP A 70 -3.35 1.43 -10.14
CA ASP A 70 -2.83 2.41 -9.19
C ASP A 70 -3.38 2.15 -7.79
N ILE A 71 -2.49 2.08 -6.81
CA ILE A 71 -2.88 1.84 -5.43
C ILE A 71 -2.23 2.86 -4.50
N PHE A 72 -2.97 3.26 -3.47
CA PHE A 72 -2.47 4.23 -2.49
C PHE A 72 -2.82 3.80 -1.08
N TYR A 73 -1.99 4.19 -0.13
CA TYR A 73 -2.21 3.85 1.27
C TYR A 73 -1.38 4.74 2.20
N THR A 74 -1.86 4.92 3.42
CA THR A 74 -1.16 5.75 4.40
C THR A 74 -0.71 4.92 5.60
N ALA A 75 0.43 5.31 6.17
CA ALA A 75 0.98 4.61 7.32
C ALA A 75 0.74 5.38 8.61
N ALA A 76 -0.37 5.09 9.29
CA ALA A 76 -0.71 5.76 10.53
C ALA A 76 0.43 5.69 11.53
N LYS A 77 0.98 4.49 11.70
CA LYS A 77 2.09 4.28 12.62
C LYS A 77 3.19 3.44 11.98
N PRO A 78 4.44 3.64 12.44
CA PRO A 78 5.60 2.92 11.92
C PRO A 78 5.58 1.45 12.32
N GLY A 79 6.43 0.65 11.67
CA GLY A 79 6.51 -0.76 11.97
C GLY A 79 6.84 -1.59 10.75
N THR A 80 6.26 -2.80 10.69
CA THR A 80 6.50 -3.70 9.57
C THR A 80 5.21 -4.03 8.83
N TYR A 81 4.98 -3.34 7.72
CA TYR A 81 3.77 -3.56 6.93
C TYR A 81 3.99 -4.63 5.87
N VAL A 82 2.96 -5.42 5.62
CA VAL A 82 3.05 -6.50 4.62
C VAL A 82 1.95 -6.37 3.59
N ILE A 83 2.34 -6.01 2.37
CA ILE A 83 1.39 -5.86 1.28
C ILE A 83 1.41 -7.07 0.34
N TYR A 84 0.26 -7.72 0.20
CA TYR A 84 0.15 -8.89 -0.66
C TYR A 84 -0.27 -8.49 -2.06
N VAL A 85 0.44 -9.02 -3.06
CA VAL A 85 0.14 -8.72 -4.46
C VAL A 85 -0.02 -10.00 -5.27
N ARG A 86 -1.07 -10.07 -6.08
CA ARG A 86 -1.33 -11.24 -6.91
C ARG A 86 -1.81 -10.82 -8.30
N PHE A 87 -1.26 -11.45 -9.33
CA PHE A 87 -1.64 -11.14 -10.70
C PHE A 87 -2.29 -12.35 -11.36
N GLY A 88 -3.56 -12.19 -11.76
CA GLY A 88 -4.28 -13.28 -12.40
C GLY A 88 -4.22 -14.57 -11.60
N GLY A 89 -4.30 -14.44 -10.29
CA GLY A 89 -4.25 -15.62 -9.42
C GLY A 89 -2.85 -16.20 -9.32
N VAL A 90 -1.84 -15.34 -9.44
CA VAL A 90 -0.45 -15.77 -9.36
C VAL A 90 0.38 -14.81 -8.53
N ASP A 91 0.71 -15.21 -7.31
CA ASP A 91 1.51 -14.38 -6.41
C ASP A 91 2.90 -14.15 -6.99
N ILE A 92 3.21 -12.90 -7.30
CA ILE A 92 4.51 -12.55 -7.86
C ILE A 92 5.63 -12.95 -6.91
N PRO A 93 6.84 -13.14 -7.47
CA PRO A 93 8.02 -13.52 -6.70
C PRO A 93 8.51 -12.40 -5.78
N ASN A 94 7.77 -11.29 -5.77
CA ASN A 94 8.12 -10.14 -4.95
C ASN A 94 7.19 -10.04 -3.74
N SER A 95 6.20 -10.92 -3.69
CA SER A 95 5.23 -10.91 -2.59
C SER A 95 5.59 -11.97 -1.56
N PRO A 96 5.37 -11.63 -0.27
CA PRO A 96 4.82 -10.35 0.12
C PRO A 96 5.80 -9.20 -0.10
N PHE A 97 5.36 -7.98 0.19
CA PHE A 97 6.20 -6.80 0.02
C PHE A 97 6.62 -6.22 1.37
N THR A 98 7.84 -6.53 1.79
CA THR A 98 8.36 -6.04 3.06
C THR A 98 8.51 -4.53 3.04
N VAL A 99 7.58 -3.84 3.71
CA VAL A 99 7.61 -2.38 3.78
C VAL A 99 7.81 -1.90 5.22
N MET A 100 8.89 -1.16 5.45
CA MET A 100 9.19 -0.64 6.78
C MET A 100 8.85 0.84 6.87
N ALA A 101 7.92 1.18 7.75
CA ALA A 101 7.51 2.57 7.94
C ALA A 101 8.42 3.28 8.93
N THR A 102 8.96 4.43 8.52
CA THR A 102 9.84 5.21 9.37
C THR A 102 9.30 6.62 9.59
N ASP A 103 9.62 7.20 10.72
CA ASP A 103 9.18 8.54 11.05
C ASP A 103 9.85 9.58 10.16
N GLY A 104 11.00 9.21 9.61
CA GLY A 104 11.74 10.12 8.74
C GLY A 104 12.00 11.46 9.39
N GLU A 105 11.39 12.50 8.85
CA GLU A 105 11.55 13.85 9.38
C GLU A 105 11.04 13.94 10.82
N VAL A 106 11.44 14.99 11.53
CA VAL A 106 11.03 15.19 12.91
C VAL A 106 9.53 15.51 13.00
N THR A 107 8.90 15.04 14.06
CA THR A 107 7.47 15.27 14.27
C THR A 107 7.23 16.22 15.44
N ALA A 108 6.10 16.91 15.40
CA ALA A 108 5.74 17.85 16.46
C ALA A 108 4.28 17.69 16.87
N VAL A 109 4.08 17.13 18.07
CA VAL A 109 2.74 16.91 18.59
C VAL A 109 2.56 17.55 19.96
N GLU A 110 1.48 18.30 20.14
CA GLU A 110 1.21 18.96 21.40
C GLU A 110 -0.24 19.44 21.46
N GLU A 111 -0.88 19.24 22.61
CA GLU A 111 -2.27 19.66 22.79
C GLU A 111 -2.55 19.99 24.25
N ALA A 112 -3.26 21.09 24.48
CA ALA A 112 -3.60 21.51 25.82
C ALA A 112 -5.09 21.31 26.12
N PRO A 113 -5.43 20.12 26.63
CA PRO A 113 -6.81 19.77 26.96
C PRO A 113 -7.34 20.55 28.16
N VAL A 114 -8.41 21.30 27.94
CA VAL A 114 -9.02 22.10 29.01
C VAL A 114 -10.53 22.11 28.89
N ASN A 115 -11.21 21.78 29.98
CA ASN A 115 -12.67 21.76 29.99
C ASN A 115 -13.19 21.77 31.43
N ALA A 116 -14.46 22.15 31.59
CA ALA A 116 -15.09 22.20 32.90
C ALA A 116 -16.47 21.55 32.88
N CYS A 117 -16.82 20.89 33.97
CA CYS A 117 -18.11 20.22 34.08
C CYS A 117 -18.84 20.64 35.35
N PRO A 118 -19.57 21.77 35.26
CA PRO A 118 -20.33 22.31 36.39
C PRO A 118 -21.53 21.43 36.75
N SER A 119 -22.22 21.80 37.83
CA SER A 119 -23.39 21.05 38.27
C SER A 119 -24.62 21.96 38.35
N GLY A 120 -25.65 21.59 37.60
CA GLY A 120 -26.88 22.37 37.59
C GLY A 120 -28.03 21.65 38.25
N PRO A 121 -28.12 21.77 39.58
CA PRO A 121 -29.19 21.13 40.37
C PRO A 121 -30.55 21.77 40.12
N SER A 122 -31.55 21.33 40.87
CA SER A 122 -32.90 21.86 40.73
C SER A 122 -33.49 22.22 42.09
N SER A 123 -34.57 22.99 42.08
CA SER A 123 -35.22 23.40 43.31
C SER A 123 -36.66 22.89 43.38
N GLY A 124 -37.29 23.05 44.53
CA GLY A 124 -38.66 22.59 44.70
C GLY A 124 -38.75 21.08 44.80
N GLY A 1 -23.79 -14.72 -25.57
CA GLY A 1 -23.59 -15.57 -26.73
C GLY A 1 -23.09 -16.95 -26.34
N SER A 2 -21.95 -17.01 -25.67
CA SER A 2 -21.37 -18.28 -25.25
C SER A 2 -20.63 -18.13 -23.91
N SER A 3 -20.27 -19.25 -23.32
CA SER A 3 -19.56 -19.24 -22.04
C SER A 3 -18.23 -19.98 -22.15
N GLY A 4 -17.35 -19.77 -21.18
CA GLY A 4 -16.06 -20.41 -21.18
C GLY A 4 -14.96 -19.52 -20.62
N SER A 5 -14.53 -19.81 -19.40
CA SER A 5 -13.48 -19.03 -18.74
C SER A 5 -12.18 -19.10 -19.54
N SER A 6 -11.88 -18.01 -20.24
CA SER A 6 -10.66 -17.94 -21.04
C SER A 6 -9.78 -16.77 -20.60
N GLY A 7 -8.81 -17.05 -19.74
CA GLY A 7 -7.92 -16.00 -19.27
C GLY A 7 -6.71 -16.56 -18.56
N THR A 8 -5.53 -16.17 -19.01
CA THR A 8 -4.28 -16.64 -18.41
C THR A 8 -3.20 -15.57 -18.50
N GLY A 9 -2.18 -15.69 -17.65
CA GLY A 9 -1.09 -14.73 -17.65
C GLY A 9 0.02 -15.12 -16.70
N ASP A 10 1.12 -14.37 -16.74
CA ASP A 10 2.26 -14.64 -15.87
C ASP A 10 2.43 -13.54 -14.83
N ALA A 11 3.10 -13.86 -13.74
CA ALA A 11 3.33 -12.89 -12.68
C ALA A 11 4.79 -12.43 -12.65
N SER A 12 5.70 -13.35 -12.94
CA SER A 12 7.13 -13.03 -12.96
C SER A 12 7.40 -11.79 -13.81
N LYS A 13 6.64 -11.64 -14.88
CA LYS A 13 6.79 -10.50 -15.78
C LYS A 13 6.25 -9.22 -15.13
N CYS A 14 5.13 -9.35 -14.43
CA CYS A 14 4.51 -8.21 -13.76
C CYS A 14 5.53 -7.46 -12.92
N LEU A 15 5.48 -6.13 -12.99
CA LEU A 15 6.40 -5.29 -12.23
C LEU A 15 5.64 -4.28 -11.38
N ALA A 16 6.21 -3.95 -10.22
CA ALA A 16 5.58 -3.00 -9.31
C ALA A 16 6.51 -1.82 -9.03
N THR A 17 6.13 -0.64 -9.52
CA THR A 17 6.93 0.56 -9.32
C THR A 17 6.16 1.61 -8.53
N GLY A 18 6.76 2.08 -7.44
CA GLY A 18 6.11 3.07 -6.61
C GLY A 18 6.77 3.22 -5.26
N PRO A 19 6.56 4.36 -4.60
CA PRO A 19 7.12 4.65 -3.27
C PRO A 19 6.50 3.79 -2.18
N GLY A 20 5.20 3.54 -2.32
CA GLY A 20 4.50 2.73 -1.33
C GLY A 20 5.06 1.33 -1.21
N ILE A 21 5.51 0.78 -2.34
CA ILE A 21 6.08 -0.56 -2.36
C ILE A 21 7.56 -0.54 -1.99
N ALA A 22 8.17 0.64 -2.08
CA ALA A 22 9.58 0.80 -1.76
C ALA A 22 9.92 0.13 -0.44
N SER A 23 11.02 -0.62 -0.42
CA SER A 23 11.45 -1.32 0.79
C SER A 23 11.17 -0.48 2.03
N THR A 24 11.42 0.83 1.92
CA THR A 24 11.19 1.74 3.04
C THR A 24 10.27 2.88 2.63
N VAL A 25 9.47 3.36 3.58
CA VAL A 25 8.56 4.47 3.32
C VAL A 25 8.36 5.32 4.57
N LYS A 26 7.67 6.44 4.41
CA LYS A 26 7.41 7.36 5.51
C LYS A 26 5.96 7.25 5.97
N THR A 27 5.75 7.27 7.28
CA THR A 27 4.41 7.19 7.85
C THR A 27 3.68 8.52 7.76
N GLY A 28 2.35 8.48 7.82
CA GLY A 28 1.57 9.69 7.73
C GLY A 28 1.39 10.18 6.32
N GLU A 29 2.46 10.10 5.52
CA GLU A 29 2.41 10.54 4.14
C GLU A 29 1.68 9.53 3.26
N GLU A 30 0.84 10.02 2.36
CA GLU A 30 0.09 9.15 1.46
C GLU A 30 0.91 8.77 0.24
N VAL A 31 1.30 7.51 0.17
CA VAL A 31 2.10 7.02 -0.96
C VAL A 31 1.21 6.63 -2.14
N GLY A 32 1.83 6.31 -3.26
CA GLY A 32 1.08 5.92 -4.45
C GLY A 32 1.91 5.10 -5.41
N PHE A 33 1.70 3.78 -5.39
CA PHE A 33 2.44 2.88 -6.26
C PHE A 33 1.52 2.27 -7.31
N VAL A 34 2.08 1.94 -8.46
CA VAL A 34 1.31 1.34 -9.55
C VAL A 34 2.06 0.18 -10.19
N VAL A 35 1.32 -0.86 -10.57
CA VAL A 35 1.91 -2.03 -11.20
C VAL A 35 1.96 -1.89 -12.72
N ASP A 36 3.14 -2.01 -13.29
CA ASP A 36 3.33 -1.89 -14.73
C ASP A 36 3.24 -3.26 -15.40
N ALA A 37 2.37 -3.37 -16.41
CA ALA A 37 2.20 -4.61 -17.14
C ALA A 37 2.30 -4.40 -18.64
N LYS A 38 3.18 -5.17 -19.28
CA LYS A 38 3.38 -5.06 -20.72
C LYS A 38 3.30 -6.43 -21.38
N THR A 39 4.02 -7.39 -20.82
CA THR A 39 4.03 -8.75 -21.37
C THR A 39 3.21 -9.70 -20.48
N ALA A 40 3.11 -9.36 -19.20
CA ALA A 40 2.35 -10.18 -18.26
C ALA A 40 1.11 -10.77 -18.92
N GLY A 41 0.49 -10.00 -19.82
CA GLY A 41 -0.70 -10.46 -20.50
C GLY A 41 -1.97 -10.03 -19.80
N LYS A 42 -2.93 -10.96 -19.70
CA LYS A 42 -4.20 -10.66 -19.05
C LYS A 42 -4.18 -11.11 -17.60
N GLY A 43 -4.99 -10.47 -16.76
CA GLY A 43 -5.05 -10.82 -15.36
C GLY A 43 -5.29 -9.61 -14.47
N LYS A 44 -5.80 -9.85 -13.27
CA LYS A 44 -6.08 -8.78 -12.32
C LYS A 44 -5.02 -8.73 -11.22
N VAL A 45 -4.87 -7.57 -10.59
CA VAL A 45 -3.90 -7.40 -9.52
C VAL A 45 -4.56 -6.87 -8.25
N THR A 46 -4.58 -7.69 -7.21
CA THR A 46 -5.18 -7.29 -5.94
C THR A 46 -4.11 -6.95 -4.91
N CYS A 47 -4.40 -5.94 -4.09
CA CYS A 47 -3.46 -5.51 -3.06
C CYS A 47 -4.10 -5.59 -1.68
N THR A 48 -3.28 -5.87 -0.67
CA THR A 48 -3.78 -5.98 0.71
C THR A 48 -2.74 -5.44 1.70
N VAL A 49 -3.04 -4.29 2.28
CA VAL A 49 -2.13 -3.67 3.24
C VAL A 49 -2.31 -4.30 4.63
N LEU A 50 -1.24 -4.91 5.13
CA LEU A 50 -1.26 -5.56 6.44
C LEU A 50 -0.47 -4.75 7.45
N THR A 51 -1.15 -4.30 8.51
CA THR A 51 -0.51 -3.51 9.55
C THR A 51 0.14 -4.42 10.60
N PRO A 52 1.23 -3.93 11.21
CA PRO A 52 1.96 -4.68 12.24
C PRO A 52 1.16 -4.80 13.54
N ASP A 53 0.01 -4.14 13.58
CA ASP A 53 -0.84 -4.17 14.77
C ASP A 53 -1.69 -5.44 14.79
N GLY A 54 -1.99 -5.97 13.61
CA GLY A 54 -2.79 -7.17 13.51
C GLY A 54 -4.16 -6.91 12.91
N THR A 55 -4.22 -5.97 11.97
CA THR A 55 -5.47 -5.63 11.31
C THR A 55 -5.30 -5.55 9.80
N GLU A 56 -6.28 -6.08 9.07
CA GLU A 56 -6.24 -6.08 7.62
C GLU A 56 -6.91 -4.82 7.05
N ALA A 57 -6.11 -3.94 6.46
CA ALA A 57 -6.62 -2.71 5.88
C ALA A 57 -6.83 -2.85 4.38
N GLU A 58 -7.75 -2.05 3.83
CA GLU A 58 -8.05 -2.09 2.41
C GLU A 58 -7.26 -1.02 1.66
N ALA A 59 -7.01 -1.27 0.38
CA ALA A 59 -6.27 -0.33 -0.45
C ALA A 59 -7.04 -0.01 -1.73
N ASP A 60 -7.19 1.27 -2.02
CA ASP A 60 -7.90 1.71 -3.22
C ASP A 60 -7.10 1.38 -4.48
N VAL A 61 -7.74 0.68 -5.41
CA VAL A 61 -7.08 0.30 -6.66
C VAL A 61 -7.78 0.94 -7.86
N ILE A 62 -6.99 1.32 -8.86
CA ILE A 62 -7.52 1.94 -10.06
C ILE A 62 -6.87 1.37 -11.31
N GLU A 63 -7.66 0.64 -12.09
CA GLU A 63 -7.16 0.03 -13.33
C GLU A 63 -7.07 1.06 -14.45
N ASN A 64 -6.25 0.77 -15.45
CA ASN A 64 -6.08 1.68 -16.58
C ASN A 64 -6.26 0.94 -17.90
N GLU A 65 -6.49 1.69 -18.97
CA GLU A 65 -6.68 1.09 -20.29
C GLU A 65 -5.39 0.44 -20.78
N ASP A 66 -4.26 0.97 -20.33
CA ASP A 66 -2.96 0.43 -20.72
C ASP A 66 -2.64 -0.85 -19.94
N GLY A 67 -3.29 -1.01 -18.80
CA GLY A 67 -3.06 -2.19 -17.98
C GLY A 67 -2.29 -1.87 -16.72
N THR A 68 -2.38 -0.63 -16.27
CA THR A 68 -1.69 -0.20 -15.06
C THR A 68 -2.66 0.00 -13.91
N TYR A 69 -2.32 -0.57 -12.75
CA TYR A 69 -3.18 -0.46 -11.57
C TYR A 69 -2.56 0.49 -10.55
N ASP A 70 -3.23 1.60 -10.30
CA ASP A 70 -2.76 2.59 -9.34
C ASP A 70 -3.29 2.29 -7.94
N ILE A 71 -2.40 2.26 -6.95
CA ILE A 71 -2.79 1.99 -5.58
C ILE A 71 -2.19 3.02 -4.63
N PHE A 72 -2.96 3.41 -3.62
CA PHE A 72 -2.50 4.38 -2.64
C PHE A 72 -2.90 3.96 -1.22
N TYR A 73 -2.09 4.33 -0.25
CA TYR A 73 -2.36 4.00 1.14
C TYR A 73 -1.57 4.90 2.08
N THR A 74 -1.97 4.91 3.35
CA THR A 74 -1.31 5.74 4.35
C THR A 74 -0.91 4.91 5.58
N ALA A 75 0.25 5.22 6.15
CA ALA A 75 0.72 4.51 7.33
C ALA A 75 0.50 5.33 8.59
N ALA A 76 -0.57 5.04 9.30
CA ALA A 76 -0.90 5.74 10.54
C ALA A 76 0.28 5.73 11.50
N LYS A 77 0.76 4.53 11.83
CA LYS A 77 1.88 4.37 12.74
C LYS A 77 3.00 3.56 12.10
N PRO A 78 4.24 3.81 12.55
CA PRO A 78 5.42 3.10 12.03
C PRO A 78 5.45 1.64 12.44
N GLY A 79 6.31 0.86 11.79
CA GLY A 79 6.42 -0.56 12.11
C GLY A 79 6.74 -1.40 10.89
N THR A 80 6.12 -2.57 10.81
CA THR A 80 6.34 -3.47 9.69
C THR A 80 5.04 -3.74 8.93
N TYR A 81 4.96 -3.23 7.71
CA TYR A 81 3.77 -3.40 6.88
C TYR A 81 4.01 -4.47 5.82
N VAL A 82 3.04 -5.37 5.68
CA VAL A 82 3.13 -6.46 4.70
C VAL A 82 2.05 -6.33 3.64
N ILE A 83 2.47 -6.01 2.42
CA ILE A 83 1.54 -5.85 1.31
C ILE A 83 1.55 -7.08 0.41
N TYR A 84 0.37 -7.66 0.18
CA TYR A 84 0.24 -8.83 -0.67
C TYR A 84 -0.21 -8.45 -2.07
N VAL A 85 0.57 -8.86 -3.07
CA VAL A 85 0.26 -8.56 -4.46
C VAL A 85 0.38 -9.82 -5.33
N ARG A 86 -0.57 -9.98 -6.24
CA ARG A 86 -0.57 -11.14 -7.14
C ARG A 86 -1.09 -10.75 -8.52
N PHE A 87 -1.02 -11.69 -9.45
CA PHE A 87 -1.48 -11.45 -10.82
C PHE A 87 -2.28 -12.64 -11.33
N GLY A 88 -3.56 -12.42 -11.60
CA GLY A 88 -4.42 -13.48 -12.10
C GLY A 88 -4.41 -14.70 -11.20
N GLY A 89 -4.43 -14.46 -9.89
CA GLY A 89 -4.42 -15.56 -8.94
C GLY A 89 -3.04 -16.17 -8.78
N VAL A 90 -2.01 -15.37 -8.98
CA VAL A 90 -0.64 -15.84 -8.85
C VAL A 90 0.22 -14.84 -8.09
N ASP A 91 0.58 -15.18 -6.86
CA ASP A 91 1.39 -14.32 -6.01
C ASP A 91 2.79 -14.17 -6.59
N ILE A 92 3.09 -12.98 -7.10
CA ILE A 92 4.40 -12.70 -7.69
C ILE A 92 5.52 -13.13 -6.76
N PRO A 93 6.70 -13.39 -7.33
CA PRO A 93 7.88 -13.82 -6.57
C PRO A 93 8.44 -12.70 -5.70
N ASN A 94 7.76 -11.57 -5.68
CA ASN A 94 8.20 -10.42 -4.89
C ASN A 94 7.38 -10.32 -3.60
N SER A 95 6.15 -10.82 -3.65
CA SER A 95 5.27 -10.79 -2.48
C SER A 95 5.65 -11.87 -1.47
N PRO A 96 5.50 -11.55 -0.18
CA PRO A 96 4.99 -10.25 0.26
C PRO A 96 5.98 -9.12 0.00
N PHE A 97 5.54 -7.89 0.20
CA PHE A 97 6.39 -6.72 -0.01
C PHE A 97 6.77 -6.09 1.32
N THR A 98 7.99 -6.36 1.77
CA THR A 98 8.49 -5.81 3.04
C THR A 98 8.62 -4.30 2.96
N VAL A 99 7.71 -3.59 3.62
CA VAL A 99 7.73 -2.13 3.62
C VAL A 99 7.89 -1.60 5.04
N MET A 100 9.02 -0.96 5.31
CA MET A 100 9.29 -0.39 6.62
C MET A 100 8.86 1.06 6.69
N ALA A 101 7.82 1.33 7.48
CA ALA A 101 7.30 2.68 7.63
C ALA A 101 8.02 3.42 8.75
N THR A 102 8.95 4.29 8.38
CA THR A 102 9.71 5.06 9.36
C THR A 102 8.93 6.28 9.82
N ASP A 103 9.08 6.62 11.10
CA ASP A 103 8.39 7.77 11.67
C ASP A 103 8.98 9.08 11.15
N GLY A 104 10.26 9.05 10.79
CA GLY A 104 10.92 10.23 10.29
C GLY A 104 10.92 11.37 11.29
N GLU A 105 10.69 12.59 10.79
CA GLU A 105 10.66 13.76 11.66
C GLU A 105 9.23 14.24 11.89
N VAL A 106 8.89 14.46 13.15
CA VAL A 106 7.55 14.93 13.52
C VAL A 106 7.61 15.92 14.67
N THR A 107 6.96 17.07 14.48
CA THR A 107 6.93 18.10 15.51
C THR A 107 5.64 18.04 16.31
N ALA A 108 5.74 17.53 17.54
CA ALA A 108 4.58 17.42 18.42
C ALA A 108 3.68 18.64 18.29
N VAL A 109 2.41 18.40 18.00
CA VAL A 109 1.43 19.48 17.85
C VAL A 109 1.02 20.03 19.21
N GLU A 110 0.51 21.25 19.22
CA GLU A 110 0.07 21.90 20.46
C GLU A 110 -1.45 22.04 20.48
N GLU A 111 -1.99 22.44 21.63
CA GLU A 111 -3.42 22.62 21.78
C GLU A 111 -3.73 23.72 22.78
N ALA A 112 -4.79 24.48 22.52
CA ALA A 112 -5.19 25.57 23.40
C ALA A 112 -6.69 25.82 23.31
N PRO A 113 -7.31 26.10 24.46
CA PRO A 113 -8.75 26.37 24.54
C PRO A 113 -9.14 27.70 23.90
N VAL A 114 -9.92 27.63 22.83
CA VAL A 114 -10.36 28.83 22.12
C VAL A 114 -11.76 29.24 22.54
N ASN A 115 -11.89 30.43 23.11
CA ASN A 115 -13.18 30.93 23.56
C ASN A 115 -13.25 32.45 23.43
N ALA A 116 -14.46 32.98 23.35
CA ALA A 116 -14.67 34.42 23.23
C ALA A 116 -15.61 34.93 24.31
N CYS A 117 -15.84 36.25 24.30
CA CYS A 117 -16.73 36.86 25.29
C CYS A 117 -18.15 36.98 24.75
N PRO A 118 -19.13 36.84 25.64
CA PRO A 118 -20.56 36.93 25.27
C PRO A 118 -20.97 38.35 24.90
N SER A 119 -22.25 38.54 24.67
CA SER A 119 -22.79 39.85 24.30
C SER A 119 -23.72 40.38 25.38
N GLY A 120 -23.75 41.70 25.54
CA GLY A 120 -24.60 42.32 26.54
C GLY A 120 -26.06 41.89 26.40
N PRO A 121 -26.85 42.12 27.46
CA PRO A 121 -28.26 41.75 27.48
C PRO A 121 -29.09 42.64 26.55
N SER A 122 -30.40 42.38 26.49
CA SER A 122 -31.30 43.14 25.66
C SER A 122 -31.75 44.42 26.36
N SER A 123 -32.44 45.29 25.62
CA SER A 123 -32.92 46.55 26.18
C SER A 123 -34.44 46.61 26.13
N GLY A 124 -35.00 47.70 26.65
CA GLY A 124 -36.44 47.86 26.67
C GLY A 124 -36.88 49.14 27.35
N GLY A 1 -10.56 -28.97 -38.19
CA GLY A 1 -10.77 -27.56 -38.51
C GLY A 1 -9.55 -26.71 -38.21
N SER A 2 -9.64 -25.88 -37.18
CA SER A 2 -8.53 -25.02 -36.80
C SER A 2 -8.56 -24.72 -35.30
N SER A 3 -7.63 -25.32 -34.57
CA SER A 3 -7.55 -25.13 -33.12
C SER A 3 -7.58 -23.64 -32.78
N GLY A 4 -7.95 -23.34 -31.53
CA GLY A 4 -8.02 -21.97 -31.09
C GLY A 4 -7.28 -21.73 -29.79
N SER A 5 -6.35 -20.78 -29.80
CA SER A 5 -5.56 -20.46 -28.61
C SER A 5 -6.46 -19.91 -27.50
N SER A 6 -6.19 -20.35 -26.28
CA SER A 6 -6.97 -19.90 -25.13
C SER A 6 -6.41 -18.61 -24.55
N GLY A 7 -5.10 -18.59 -24.32
CA GLY A 7 -4.45 -17.40 -23.78
C GLY A 7 -4.16 -17.53 -22.30
N THR A 8 -2.98 -17.10 -21.89
CA THR A 8 -2.57 -17.17 -20.50
C THR A 8 -1.51 -16.11 -20.17
N GLY A 9 -1.78 -15.30 -19.16
CA GLY A 9 -0.84 -14.27 -18.77
C GLY A 9 0.32 -14.81 -17.97
N ASP A 10 0.78 -14.03 -17.01
CA ASP A 10 1.90 -14.44 -16.15
C ASP A 10 2.13 -13.43 -15.04
N ALA A 11 2.64 -13.91 -13.90
CA ALA A 11 2.92 -13.05 -12.77
C ALA A 11 4.37 -12.62 -12.74
N SER A 12 5.27 -13.56 -13.03
CA SER A 12 6.69 -13.28 -13.03
C SER A 12 7.04 -12.16 -14.01
N LYS A 13 6.09 -11.86 -14.90
CA LYS A 13 6.28 -10.82 -15.90
C LYS A 13 5.82 -9.47 -15.35
N CYS A 14 4.84 -9.48 -14.47
CA CYS A 14 4.32 -8.26 -13.87
C CYS A 14 5.41 -7.52 -13.10
N LEU A 15 5.26 -6.21 -13.00
CA LEU A 15 6.24 -5.38 -12.29
C LEU A 15 5.54 -4.43 -11.33
N ALA A 16 6.28 -3.94 -10.34
CA ALA A 16 5.73 -3.01 -9.35
C ALA A 16 6.68 -1.84 -9.12
N THR A 17 6.27 -0.66 -9.57
CA THR A 17 7.09 0.54 -9.40
C THR A 17 6.31 1.64 -8.69
N GLY A 18 6.90 2.17 -7.62
CA GLY A 18 6.24 3.22 -6.86
C GLY A 18 6.86 3.43 -5.50
N PRO A 19 6.65 4.61 -4.91
CA PRO A 19 7.19 4.96 -3.59
C PRO A 19 6.53 4.16 -2.46
N GLY A 20 5.38 3.56 -2.77
CA GLY A 20 4.67 2.78 -1.77
C GLY A 20 5.32 1.43 -1.52
N ILE A 21 6.06 0.94 -2.50
CA ILE A 21 6.73 -0.35 -2.38
C ILE A 21 8.20 -0.16 -2.00
N ALA A 22 8.59 1.09 -1.75
CA ALA A 22 9.96 1.39 -1.37
C ALA A 22 10.37 0.64 -0.10
N SER A 23 11.62 0.18 -0.07
CA SER A 23 12.13 -0.55 1.07
C SER A 23 11.66 0.06 2.38
N THR A 24 11.61 1.39 2.41
CA THR A 24 11.16 2.11 3.61
C THR A 24 10.39 3.37 3.23
N VAL A 25 9.41 3.72 4.05
CA VAL A 25 8.60 4.91 3.81
C VAL A 25 8.40 5.71 5.09
N LYS A 26 7.87 6.92 4.95
CA LYS A 26 7.63 7.79 6.09
C LYS A 26 6.16 7.76 6.49
N THR A 27 5.91 7.70 7.80
CA THR A 27 4.54 7.66 8.31
C THR A 27 3.81 8.97 8.01
N GLY A 28 2.48 8.92 8.08
CA GLY A 28 1.69 10.11 7.81
C GLY A 28 1.54 10.37 6.32
N GLU A 29 2.63 10.24 5.58
CA GLU A 29 2.62 10.48 4.14
C GLU A 29 1.88 9.36 3.42
N GLU A 30 1.35 9.67 2.23
CA GLU A 30 0.62 8.69 1.45
C GLU A 30 1.40 8.32 0.19
N VAL A 31 1.59 7.02 -0.02
CA VAL A 31 2.31 6.53 -1.19
C VAL A 31 1.36 6.16 -2.32
N GLY A 32 1.91 5.90 -3.50
CA GLY A 32 1.10 5.53 -4.63
C GLY A 32 1.89 4.77 -5.70
N PHE A 33 1.83 3.45 -5.64
CA PHE A 33 2.55 2.62 -6.60
C PHE A 33 1.58 2.00 -7.62
N VAL A 34 2.12 1.64 -8.77
CA VAL A 34 1.30 1.04 -9.83
C VAL A 34 1.99 -0.17 -10.44
N VAL A 35 1.21 -1.18 -10.79
CA VAL A 35 1.74 -2.40 -11.38
C VAL A 35 1.77 -2.30 -12.91
N ASP A 36 2.97 -2.38 -13.47
CA ASP A 36 3.14 -2.31 -14.93
C ASP A 36 3.26 -3.70 -15.53
N ALA A 37 2.45 -3.97 -16.55
CA ALA A 37 2.46 -5.27 -17.22
C ALA A 37 2.76 -5.11 -18.71
N LYS A 38 3.76 -5.83 -19.19
CA LYS A 38 4.15 -5.78 -20.60
C LYS A 38 3.87 -7.11 -21.28
N THR A 39 4.60 -8.14 -20.88
CA THR A 39 4.43 -9.47 -21.47
C THR A 39 3.58 -10.35 -20.57
N ALA A 40 3.16 -9.81 -19.44
CA ALA A 40 2.32 -10.55 -18.50
C ALA A 40 0.97 -10.90 -19.11
N GLY A 41 0.48 -10.03 -20.00
CA GLY A 41 -0.79 -10.26 -20.64
C GLY A 41 -1.94 -9.68 -19.85
N LYS A 42 -3.07 -10.41 -19.83
CA LYS A 42 -4.25 -9.97 -19.11
C LYS A 42 -4.27 -10.54 -17.70
N GLY A 43 -4.81 -9.78 -16.75
CA GLY A 43 -4.89 -10.23 -15.38
C GLY A 43 -5.29 -9.13 -14.43
N LYS A 44 -5.77 -9.52 -13.25
CA LYS A 44 -6.19 -8.55 -12.24
C LYS A 44 -5.12 -8.38 -11.16
N VAL A 45 -5.03 -7.17 -10.61
CA VAL A 45 -4.05 -6.88 -9.58
C VAL A 45 -4.74 -6.47 -8.27
N THR A 46 -4.61 -7.31 -7.25
CA THR A 46 -5.21 -7.03 -5.96
C THR A 46 -4.15 -6.68 -4.92
N CYS A 47 -4.45 -5.68 -4.09
CA CYS A 47 -3.53 -5.24 -3.05
C CYS A 47 -4.16 -5.33 -1.67
N THR A 48 -3.37 -5.67 -0.67
CA THR A 48 -3.85 -5.79 0.70
C THR A 48 -2.81 -5.33 1.70
N VAL A 49 -3.06 -4.18 2.33
CA VAL A 49 -2.14 -3.63 3.31
C VAL A 49 -2.38 -4.25 4.69
N LEU A 50 -1.37 -4.96 5.18
CA LEU A 50 -1.46 -5.61 6.48
C LEU A 50 -0.70 -4.81 7.54
N THR A 51 -1.44 -4.26 8.51
CA THR A 51 -0.84 -3.48 9.58
C THR A 51 -0.06 -4.37 10.54
N PRO A 52 0.98 -3.79 11.17
CA PRO A 52 1.82 -4.51 12.13
C PRO A 52 1.09 -4.83 13.43
N ASP A 53 -0.15 -4.37 13.52
CA ASP A 53 -0.97 -4.61 14.71
C ASP A 53 -1.53 -6.02 14.71
N GLY A 54 -1.70 -6.59 13.53
CA GLY A 54 -2.23 -7.94 13.42
C GLY A 54 -3.52 -7.99 12.61
N THR A 55 -3.81 -6.92 11.89
CA THR A 55 -5.01 -6.84 11.08
C THR A 55 -4.71 -6.32 9.68
N GLU A 56 -5.70 -6.39 8.80
CA GLU A 56 -5.53 -5.92 7.42
C GLU A 56 -6.45 -4.74 7.13
N ALA A 57 -6.07 -3.93 6.15
CA ALA A 57 -6.87 -2.77 5.77
C ALA A 57 -7.19 -2.79 4.28
N GLU A 58 -8.27 -2.10 3.91
CA GLU A 58 -8.69 -2.04 2.51
C GLU A 58 -7.90 -0.99 1.74
N ALA A 59 -7.38 -1.37 0.58
CA ALA A 59 -6.60 -0.46 -0.24
C ALA A 59 -7.34 -0.12 -1.54
N ASP A 60 -7.20 1.12 -1.98
CA ASP A 60 -7.86 1.58 -3.20
C ASP A 60 -7.12 1.06 -4.44
N VAL A 61 -7.88 0.58 -5.41
CA VAL A 61 -7.31 0.06 -6.64
C VAL A 61 -8.02 0.63 -7.87
N ILE A 62 -7.24 1.19 -8.79
CA ILE A 62 -7.80 1.78 -10.00
C ILE A 62 -7.15 1.18 -11.25
N GLU A 63 -7.95 0.55 -12.09
CA GLU A 63 -7.44 -0.07 -13.32
C GLU A 63 -7.26 0.98 -14.41
N ASN A 64 -6.31 0.73 -15.31
CA ASN A 64 -6.03 1.65 -16.40
C ASN A 64 -6.07 0.93 -17.75
N GLU A 65 -6.30 1.69 -18.82
CA GLU A 65 -6.36 1.12 -20.16
C GLU A 65 -5.04 0.44 -20.53
N ASP A 66 -3.97 0.86 -19.87
CA ASP A 66 -2.65 0.30 -20.12
C ASP A 66 -2.43 -0.97 -19.30
N GLY A 67 -3.51 -1.70 -19.04
CA GLY A 67 -3.42 -2.93 -18.27
C GLY A 67 -2.61 -2.74 -17.00
N THR A 68 -2.84 -1.65 -16.30
CA THR A 68 -2.13 -1.36 -15.05
C THR A 68 -3.09 -1.18 -13.89
N TYR A 69 -2.54 -1.02 -12.69
CA TYR A 69 -3.35 -0.85 -11.50
C TYR A 69 -2.65 0.07 -10.50
N ASP A 70 -3.28 1.20 -10.21
CA ASP A 70 -2.72 2.17 -9.26
C ASP A 70 -3.25 1.92 -7.85
N ILE A 71 -2.34 1.85 -6.88
CA ILE A 71 -2.72 1.61 -5.50
C ILE A 71 -2.06 2.64 -4.57
N PHE A 72 -2.86 3.19 -3.66
CA PHE A 72 -2.36 4.18 -2.71
C PHE A 72 -2.71 3.79 -1.28
N TYR A 73 -1.86 4.18 -0.33
CA TYR A 73 -2.07 3.86 1.07
C TYR A 73 -1.22 4.77 1.96
N THR A 74 -1.62 4.87 3.24
CA THR A 74 -0.89 5.69 4.19
C THR A 74 -0.52 4.88 5.43
N ALA A 75 0.59 5.26 6.06
CA ALA A 75 1.06 4.58 7.26
C ALA A 75 0.70 5.37 8.51
N ALA A 76 -0.45 5.04 9.10
CA ALA A 76 -0.90 5.72 10.31
C ALA A 76 0.13 5.61 11.43
N LYS A 77 0.54 4.37 11.72
CA LYS A 77 1.53 4.13 12.77
C LYS A 77 2.74 3.38 12.21
N PRO A 78 3.92 3.63 12.80
CA PRO A 78 5.17 2.99 12.38
C PRO A 78 5.20 1.50 12.72
N GLY A 79 6.01 0.76 11.97
CA GLY A 79 6.12 -0.67 12.21
C GLY A 79 6.40 -1.45 10.94
N THR A 80 6.09 -2.75 10.96
CA THR A 80 6.32 -3.60 9.80
C THR A 80 5.01 -3.93 9.09
N TYR A 81 4.86 -3.41 7.88
CA TYR A 81 3.66 -3.64 7.09
C TYR A 81 3.90 -4.70 6.02
N VAL A 82 2.86 -5.48 5.72
CA VAL A 82 2.97 -6.52 4.72
C VAL A 82 1.91 -6.34 3.63
N ILE A 83 2.36 -6.01 2.43
CA ILE A 83 1.47 -5.80 1.29
C ILE A 83 1.42 -7.04 0.40
N TYR A 84 0.20 -7.51 0.14
CA TYR A 84 0.02 -8.69 -0.70
C TYR A 84 -0.42 -8.29 -2.11
N VAL A 85 0.31 -8.78 -3.11
CA VAL A 85 0.00 -8.47 -4.51
C VAL A 85 0.02 -9.74 -5.36
N ARG A 86 -0.93 -9.82 -6.29
CA ARG A 86 -1.03 -10.98 -7.17
C ARG A 86 -1.53 -10.56 -8.55
N PHE A 87 -1.29 -11.41 -9.54
CA PHE A 87 -1.73 -11.13 -10.90
C PHE A 87 -2.48 -12.34 -11.49
N GLY A 88 -3.79 -12.19 -11.64
CA GLY A 88 -4.60 -13.27 -12.18
C GLY A 88 -4.68 -14.46 -11.25
N GLY A 89 -4.32 -14.25 -9.99
CA GLY A 89 -4.36 -15.33 -9.01
C GLY A 89 -2.98 -15.89 -8.72
N VAL A 90 -1.95 -15.20 -9.17
CA VAL A 90 -0.58 -15.63 -8.95
C VAL A 90 0.21 -14.60 -8.14
N ASP A 91 0.75 -15.04 -7.00
CA ASP A 91 1.51 -14.15 -6.14
C ASP A 91 2.91 -13.92 -6.71
N ILE A 92 3.12 -12.75 -7.29
CA ILE A 92 4.41 -12.39 -7.88
C ILE A 92 5.55 -12.79 -6.95
N PRO A 93 6.74 -13.01 -7.53
CA PRO A 93 7.94 -13.39 -6.79
C PRO A 93 8.46 -12.26 -5.91
N ASN A 94 7.74 -11.15 -5.90
CA ASN A 94 8.13 -9.98 -5.10
C ASN A 94 7.23 -9.84 -3.87
N SER A 95 6.18 -10.66 -3.82
CA SER A 95 5.23 -10.62 -2.71
C SER A 95 5.55 -11.72 -1.69
N PRO A 96 5.34 -11.40 -0.40
CA PRO A 96 4.84 -10.09 0.02
C PRO A 96 5.87 -8.98 -0.19
N PHE A 97 5.51 -7.77 0.20
CA PHE A 97 6.40 -6.62 0.06
C PHE A 97 6.74 -6.02 1.41
N THR A 98 8.02 -6.12 1.79
CA THR A 98 8.47 -5.59 3.07
C THR A 98 8.56 -4.07 3.04
N VAL A 99 7.66 -3.42 3.78
CA VAL A 99 7.64 -1.96 3.84
C VAL A 99 7.79 -1.47 5.28
N MET A 100 8.89 -0.80 5.55
CA MET A 100 9.15 -0.27 6.89
C MET A 100 8.82 1.21 6.96
N ALA A 101 7.90 1.57 7.85
CA ALA A 101 7.50 2.96 8.01
C ALA A 101 8.30 3.64 9.12
N THR A 102 8.76 4.86 8.86
CA THR A 102 9.54 5.61 9.82
C THR A 102 8.88 6.95 10.15
N ASP A 103 8.99 7.37 11.40
CA ASP A 103 8.41 8.63 11.84
C ASP A 103 9.02 9.81 11.08
N GLY A 104 10.23 9.61 10.57
CA GLY A 104 10.91 10.65 9.84
C GLY A 104 10.65 12.04 10.42
N GLU A 105 10.17 12.95 9.58
CA GLU A 105 9.87 14.31 10.01
C GLU A 105 8.49 14.39 10.64
N VAL A 106 8.42 15.02 11.81
CA VAL A 106 7.15 15.17 12.52
C VAL A 106 6.85 16.64 12.79
N THR A 107 5.56 16.96 12.88
CA THR A 107 5.13 18.34 13.12
C THR A 107 4.42 18.45 14.46
N ALA A 108 4.57 19.60 15.11
CA ALA A 108 3.93 19.84 16.41
C ALA A 108 2.47 20.25 16.23
N VAL A 109 1.58 19.52 16.88
CA VAL A 109 0.15 19.82 16.81
C VAL A 109 -0.46 19.96 18.19
N GLU A 110 -1.19 21.05 18.41
CA GLU A 110 -1.84 21.29 19.70
C GLU A 110 -3.34 21.03 19.61
N GLU A 111 -3.76 19.92 20.22
CA GLU A 111 -5.17 19.55 20.21
C GLU A 111 -6.02 20.64 20.87
N ALA A 112 -7.27 20.77 20.40
CA ALA A 112 -8.17 21.78 20.95
C ALA A 112 -8.40 21.55 22.45
N PRO A 113 -8.50 22.66 23.20
CA PRO A 113 -8.72 22.61 24.65
C PRO A 113 -10.11 22.11 25.02
N VAL A 114 -10.18 21.23 26.01
CA VAL A 114 -11.45 20.68 26.45
C VAL A 114 -11.68 20.97 27.94
N ASN A 115 -12.90 21.39 28.27
CA ASN A 115 -13.25 21.70 29.65
C ASN A 115 -12.59 20.72 30.61
N ALA A 116 -12.06 21.23 31.70
CA ALA A 116 -11.40 20.41 32.71
C ALA A 116 -12.39 19.44 33.36
N CYS A 117 -11.86 18.47 34.09
CA CYS A 117 -12.69 17.48 34.76
C CYS A 117 -12.55 17.59 36.28
N PRO A 118 -13.61 17.18 37.00
CA PRO A 118 -13.62 17.23 38.46
C PRO A 118 -12.68 16.21 39.08
N SER A 119 -12.42 16.36 40.38
CA SER A 119 -11.53 15.45 41.10
C SER A 119 -12.33 14.36 41.80
N GLY A 120 -11.75 13.16 41.85
CA GLY A 120 -12.43 12.04 42.49
C GLY A 120 -12.89 12.38 43.90
N PRO A 121 -13.98 11.74 44.33
CA PRO A 121 -14.55 11.97 45.66
C PRO A 121 -13.66 11.41 46.77
N SER A 122 -14.09 11.59 48.02
CA SER A 122 -13.34 11.11 49.17
C SER A 122 -14.13 11.31 50.46
N SER A 123 -14.57 10.21 51.06
CA SER A 123 -15.35 10.27 52.30
C SER A 123 -14.57 11.01 53.38
N GLY A 124 -13.39 10.49 53.72
CA GLY A 124 -12.58 11.11 54.74
C GLY A 124 -11.40 11.86 54.16
N GLY A 1 -13.71 -26.46 -32.55
CA GLY A 1 -12.89 -26.07 -31.41
C GLY A 1 -13.36 -26.71 -30.12
N SER A 2 -12.51 -26.65 -29.10
CA SER A 2 -12.84 -27.24 -27.80
C SER A 2 -11.83 -26.82 -26.74
N SER A 3 -12.31 -26.13 -25.71
CA SER A 3 -11.45 -25.66 -24.63
C SER A 3 -12.24 -25.50 -23.33
N GLY A 4 -11.51 -25.45 -22.22
CA GLY A 4 -12.17 -25.30 -20.93
C GLY A 4 -12.20 -23.86 -20.46
N SER A 5 -11.14 -23.44 -19.76
CA SER A 5 -11.06 -22.08 -19.25
C SER A 5 -9.98 -21.30 -19.99
N SER A 6 -10.15 -19.98 -20.06
CA SER A 6 -9.21 -19.11 -20.74
C SER A 6 -8.66 -18.05 -19.80
N GLY A 7 -7.48 -17.54 -20.10
CA GLY A 7 -6.86 -16.52 -19.26
C GLY A 7 -5.41 -16.84 -18.93
N THR A 8 -4.53 -16.62 -19.90
CA THR A 8 -3.11 -16.89 -19.70
C THR A 8 -2.35 -15.61 -19.39
N GLY A 9 -2.03 -15.41 -18.11
CA GLY A 9 -1.31 -14.22 -17.70
C GLY A 9 -0.28 -14.52 -16.62
N ASP A 10 1.00 -14.39 -16.97
CA ASP A 10 2.08 -14.65 -16.03
C ASP A 10 2.20 -13.51 -15.03
N ALA A 11 2.64 -13.84 -13.81
CA ALA A 11 2.80 -12.84 -12.77
C ALA A 11 4.27 -12.45 -12.60
N SER A 12 5.13 -13.45 -12.47
CA SER A 12 6.55 -13.21 -12.30
C SER A 12 7.06 -12.19 -13.32
N LYS A 13 6.45 -12.20 -14.50
CA LYS A 13 6.83 -11.28 -15.57
C LYS A 13 6.43 -9.85 -15.22
N CYS A 14 5.31 -9.71 -14.51
CA CYS A 14 4.83 -8.39 -14.12
C CYS A 14 5.83 -7.68 -13.23
N LEU A 15 5.68 -6.37 -13.10
CA LEU A 15 6.58 -5.57 -12.28
C LEU A 15 5.80 -4.60 -11.40
N ALA A 16 6.43 -4.14 -10.32
CA ALA A 16 5.79 -3.21 -9.40
C ALA A 16 6.69 -2.00 -9.14
N THR A 17 6.25 -0.83 -9.58
CA THR A 17 7.01 0.40 -9.40
C THR A 17 6.22 1.41 -8.58
N GLY A 18 6.94 2.35 -7.95
CA GLY A 18 6.29 3.36 -7.15
C GLY A 18 6.95 3.53 -5.79
N PRO A 19 6.80 4.72 -5.19
CA PRO A 19 7.38 5.03 -3.88
C PRO A 19 6.70 4.27 -2.75
N GLY A 20 5.44 3.89 -2.97
CA GLY A 20 4.70 3.16 -1.96
C GLY A 20 5.34 1.83 -1.62
N ILE A 21 5.81 1.13 -2.65
CA ILE A 21 6.45 -0.17 -2.46
C ILE A 21 7.92 0.00 -2.07
N ALA A 22 8.28 1.19 -1.61
CA ALA A 22 9.65 1.47 -1.20
C ALA A 22 9.99 0.74 0.09
N SER A 23 11.19 0.17 0.14
CA SER A 23 11.65 -0.56 1.31
C SER A 23 11.25 0.16 2.60
N THR A 24 11.41 1.49 2.60
CA THR A 24 11.07 2.30 3.75
C THR A 24 10.26 3.52 3.35
N VAL A 25 9.13 3.73 4.03
CA VAL A 25 8.26 4.86 3.74
C VAL A 25 8.03 5.71 4.98
N LYS A 26 7.58 6.95 4.77
CA LYS A 26 7.32 7.86 5.88
C LYS A 26 5.86 7.77 6.32
N THR A 27 5.64 7.72 7.64
CA THR A 27 4.31 7.64 8.20
C THR A 27 3.52 8.93 7.94
N GLY A 28 2.19 8.82 7.97
CA GLY A 28 1.36 9.99 7.74
C GLY A 28 1.23 10.33 6.27
N GLU A 29 2.34 10.25 5.55
CA GLU A 29 2.35 10.56 4.12
C GLU A 29 1.59 9.50 3.34
N GLU A 30 1.06 9.89 2.18
CA GLU A 30 0.32 8.97 1.33
C GLU A 30 1.10 8.63 0.07
N VAL A 31 1.50 7.37 -0.05
CA VAL A 31 2.25 6.90 -1.20
C VAL A 31 1.33 6.54 -2.36
N GLY A 32 1.93 6.26 -3.52
CA GLY A 32 1.14 5.90 -4.69
C GLY A 32 1.95 5.12 -5.71
N PHE A 33 1.79 3.80 -5.71
CA PHE A 33 2.51 2.95 -6.65
C PHE A 33 1.58 2.40 -7.72
N VAL A 34 2.16 1.91 -8.81
CA VAL A 34 1.37 1.36 -9.92
C VAL A 34 2.07 0.14 -10.52
N VAL A 35 1.28 -0.87 -10.88
CA VAL A 35 1.81 -2.09 -11.47
C VAL A 35 1.90 -1.96 -12.99
N ASP A 36 3.05 -2.32 -13.54
CA ASP A 36 3.27 -2.25 -14.98
C ASP A 36 3.45 -3.65 -15.57
N ALA A 37 2.63 -3.98 -16.56
CA ALA A 37 2.71 -5.29 -17.21
C ALA A 37 3.07 -5.15 -18.68
N LYS A 38 4.12 -5.85 -19.10
CA LYS A 38 4.56 -5.81 -20.49
C LYS A 38 4.14 -7.07 -21.24
N THR A 39 4.53 -8.22 -20.70
CA THR A 39 4.20 -9.50 -21.31
C THR A 39 3.36 -10.36 -20.37
N ALA A 40 3.37 -10.01 -19.09
CA ALA A 40 2.60 -10.75 -18.09
C ALA A 40 1.24 -11.17 -18.65
N GLY A 41 0.66 -10.33 -19.49
CA GLY A 41 -0.62 -10.64 -20.07
C GLY A 41 -1.77 -10.00 -19.31
N LYS A 42 -2.92 -10.66 -19.30
CA LYS A 42 -4.10 -10.15 -18.61
C LYS A 42 -4.18 -10.72 -17.19
N GLY A 43 -5.03 -10.12 -16.37
CA GLY A 43 -5.20 -10.57 -15.00
C GLY A 43 -5.54 -9.45 -14.05
N LYS A 44 -6.22 -9.78 -12.97
CA LYS A 44 -6.61 -8.80 -11.97
C LYS A 44 -5.58 -8.70 -10.85
N VAL A 45 -5.12 -7.47 -10.58
CA VAL A 45 -4.12 -7.25 -9.53
C VAL A 45 -4.78 -6.74 -8.26
N THR A 46 -4.77 -7.58 -7.22
CA THR A 46 -5.36 -7.22 -5.94
C THR A 46 -4.29 -6.86 -4.92
N CYS A 47 -4.52 -5.80 -4.16
CA CYS A 47 -3.57 -5.37 -3.14
C CYS A 47 -4.20 -5.41 -1.75
N THR A 48 -3.39 -5.73 -0.75
CA THR A 48 -3.87 -5.82 0.62
C THR A 48 -2.80 -5.32 1.60
N VAL A 49 -3.04 -4.15 2.18
CA VAL A 49 -2.11 -3.57 3.14
C VAL A 49 -2.30 -4.19 4.53
N LEU A 50 -1.25 -4.86 5.01
CA LEU A 50 -1.29 -5.49 6.32
C LEU A 50 -0.53 -4.67 7.35
N THR A 51 -1.20 -4.35 8.46
CA THR A 51 -0.60 -3.57 9.53
C THR A 51 0.21 -4.45 10.47
N PRO A 52 1.24 -3.86 11.10
CA PRO A 52 2.10 -4.58 12.04
C PRO A 52 1.38 -4.93 13.34
N ASP A 53 0.12 -4.54 13.43
CA ASP A 53 -0.69 -4.82 14.62
C ASP A 53 -1.27 -6.23 14.56
N GLY A 54 -1.47 -6.74 13.35
CA GLY A 54 -2.02 -8.07 13.19
C GLY A 54 -3.35 -8.06 12.47
N THR A 55 -3.57 -7.03 11.64
CA THR A 55 -4.81 -6.92 10.89
C THR A 55 -4.53 -6.58 9.43
N GLU A 56 -5.52 -6.83 8.58
CA GLU A 56 -5.38 -6.56 7.15
C GLU A 56 -6.40 -5.51 6.69
N ALA A 57 -5.89 -4.41 6.14
CA ALA A 57 -6.74 -3.33 5.66
C ALA A 57 -6.81 -3.33 4.14
N GLU A 58 -7.79 -2.60 3.60
CA GLU A 58 -7.97 -2.51 2.16
C GLU A 58 -7.18 -1.34 1.57
N ALA A 59 -7.12 -1.27 0.25
CA ALA A 59 -6.40 -0.20 -0.43
C ALA A 59 -7.15 0.27 -1.67
N ASP A 60 -7.01 1.54 -2.00
CA ASP A 60 -7.66 2.12 -3.17
C ASP A 60 -6.97 1.69 -4.45
N VAL A 61 -7.66 0.89 -5.25
CA VAL A 61 -7.11 0.41 -6.51
C VAL A 61 -7.85 0.99 -7.70
N ILE A 62 -7.11 1.64 -8.59
CA ILE A 62 -7.70 2.25 -9.78
C ILE A 62 -7.19 1.59 -11.05
N GLU A 63 -8.09 0.88 -11.74
CA GLU A 63 -7.72 0.20 -12.98
C GLU A 63 -7.50 1.21 -14.10
N ASN A 64 -6.51 0.91 -14.95
CA ASN A 64 -6.19 1.80 -16.07
C ASN A 64 -6.41 1.08 -17.40
N GLU A 65 -6.59 1.86 -18.46
CA GLU A 65 -6.82 1.31 -19.79
C GLU A 65 -5.51 1.07 -20.52
N ASP A 66 -4.40 1.20 -19.79
CA ASP A 66 -3.07 0.99 -20.36
C ASP A 66 -2.39 -0.23 -19.75
N GLY A 67 -3.20 -1.13 -19.20
CA GLY A 67 -2.66 -2.33 -18.58
C GLY A 67 -1.88 -2.04 -17.32
N THR A 68 -2.44 -1.18 -16.47
CA THR A 68 -1.79 -0.81 -15.22
C THR A 68 -2.82 -0.60 -14.10
N TYR A 69 -2.35 -0.60 -12.86
CA TYR A 69 -3.22 -0.41 -11.71
C TYR A 69 -2.58 0.51 -10.68
N ASP A 70 -3.22 1.65 -10.43
CA ASP A 70 -2.72 2.62 -9.47
C ASP A 70 -3.27 2.34 -8.07
N ILE A 71 -2.37 2.20 -7.10
CA ILE A 71 -2.77 1.93 -5.72
C ILE A 71 -2.07 2.89 -4.75
N PHE A 72 -2.86 3.48 -3.86
CA PHE A 72 -2.32 4.41 -2.87
C PHE A 72 -2.67 3.96 -1.45
N TYR A 73 -1.80 4.30 -0.50
CA TYR A 73 -2.02 3.94 0.89
C TYR A 73 -1.19 4.82 1.82
N THR A 74 -1.68 5.00 3.03
CA THR A 74 -0.99 5.82 4.03
C THR A 74 -0.64 5.01 5.27
N ALA A 75 0.57 5.24 5.80
CA ALA A 75 1.02 4.54 6.99
C ALA A 75 0.70 5.32 8.26
N ALA A 76 -0.42 4.99 8.89
CA ALA A 76 -0.84 5.67 10.11
C ALA A 76 0.23 5.55 11.20
N LYS A 77 0.60 4.32 11.53
CA LYS A 77 1.61 4.08 12.55
C LYS A 77 2.80 3.31 11.98
N PRO A 78 3.98 3.49 12.58
CA PRO A 78 5.20 2.82 12.14
C PRO A 78 5.19 1.32 12.43
N GLY A 79 6.17 0.61 11.90
CA GLY A 79 6.24 -0.83 12.11
C GLY A 79 6.48 -1.60 10.83
N THR A 80 6.29 -2.91 10.88
CA THR A 80 6.49 -3.76 9.72
C THR A 80 5.17 -4.03 8.99
N TYR A 81 5.02 -3.45 7.81
CA TYR A 81 3.81 -3.63 7.02
C TYR A 81 4.02 -4.67 5.92
N VAL A 82 3.02 -5.54 5.74
CA VAL A 82 3.09 -6.59 4.72
C VAL A 82 2.05 -6.37 3.64
N ILE A 83 2.50 -6.01 2.45
CA ILE A 83 1.60 -5.78 1.32
C ILE A 83 1.53 -7.00 0.41
N TYR A 84 0.33 -7.52 0.21
CA TYR A 84 0.13 -8.69 -0.64
C TYR A 84 -0.27 -8.27 -2.06
N VAL A 85 0.42 -8.83 -3.04
CA VAL A 85 0.14 -8.52 -4.44
C VAL A 85 0.17 -9.78 -5.30
N ARG A 86 -0.78 -9.90 -6.21
CA ARG A 86 -0.87 -11.05 -7.09
C ARG A 86 -1.39 -10.65 -8.47
N PHE A 87 -1.24 -11.54 -9.44
CA PHE A 87 -1.68 -11.27 -10.80
C PHE A 87 -2.64 -12.36 -11.28
N GLY A 88 -3.89 -11.99 -11.50
CA GLY A 88 -4.89 -12.94 -11.96
C GLY A 88 -5.00 -14.14 -11.05
N GLY A 89 -4.49 -14.00 -9.82
CA GLY A 89 -4.55 -15.10 -8.87
C GLY A 89 -3.20 -15.76 -8.67
N VAL A 90 -2.13 -15.00 -8.89
CA VAL A 90 -0.77 -15.52 -8.74
C VAL A 90 0.09 -14.56 -7.93
N ASP A 91 0.49 -14.99 -6.74
CA ASP A 91 1.32 -14.18 -5.86
C ASP A 91 2.72 -14.01 -6.44
N ILE A 92 2.93 -12.92 -7.16
CA ILE A 92 4.23 -12.64 -7.77
C ILE A 92 5.37 -13.03 -6.83
N PRO A 93 6.56 -13.26 -7.40
CA PRO A 93 7.75 -13.63 -6.64
C PRO A 93 8.28 -12.47 -5.79
N ASN A 94 7.56 -11.36 -5.81
CA ASN A 94 7.95 -10.18 -5.04
C ASN A 94 7.10 -10.05 -3.78
N SER A 95 5.99 -10.77 -3.74
CA SER A 95 5.09 -10.73 -2.60
C SER A 95 5.43 -11.85 -1.61
N PRO A 96 5.28 -11.54 -0.31
CA PRO A 96 4.83 -10.22 0.16
C PRO A 96 5.87 -9.14 -0.09
N PHE A 97 5.50 -7.89 0.19
CA PHE A 97 6.40 -6.76 0.01
C PHE A 97 6.80 -6.16 1.35
N THR A 98 8.08 -6.23 1.67
CA THR A 98 8.59 -5.70 2.92
C THR A 98 8.60 -4.17 2.91
N VAL A 99 7.72 -3.57 3.71
CA VAL A 99 7.64 -2.12 3.79
C VAL A 99 7.77 -1.63 5.23
N MET A 100 8.82 -0.87 5.50
CA MET A 100 9.06 -0.33 6.84
C MET A 100 8.68 1.14 6.91
N ALA A 101 7.62 1.44 7.65
CA ALA A 101 7.15 2.80 7.81
C ALA A 101 7.82 3.48 9.02
N THR A 102 8.69 4.43 8.75
CA THR A 102 9.39 5.15 9.80
C THR A 102 8.65 6.43 10.18
N ASP A 103 8.66 6.77 11.47
CA ASP A 103 7.99 7.96 11.96
C ASP A 103 8.62 9.22 11.36
N GLY A 104 9.92 9.14 11.08
CA GLY A 104 10.61 10.29 10.50
C GLY A 104 10.48 11.54 11.35
N GLU A 105 10.91 12.67 10.80
CA GLU A 105 10.84 13.94 11.52
C GLU A 105 9.39 14.33 11.78
N VAL A 106 9.05 14.46 13.06
CA VAL A 106 7.68 14.83 13.45
C VAL A 106 7.59 16.32 13.74
N THR A 107 6.43 16.91 13.44
CA THR A 107 6.22 18.33 13.66
C THR A 107 5.14 18.56 14.72
N ALA A 108 5.14 17.71 15.74
CA ALA A 108 4.15 17.82 16.82
C ALA A 108 4.53 18.94 17.78
N VAL A 109 3.53 19.48 18.48
CA VAL A 109 3.76 20.56 19.43
C VAL A 109 3.32 20.15 20.83
N GLU A 110 4.29 19.85 21.69
CA GLU A 110 4.01 19.44 23.06
C GLU A 110 3.39 20.60 23.84
N GLU A 111 2.24 20.33 24.48
CA GLU A 111 1.55 21.34 25.26
C GLU A 111 2.00 21.30 26.71
N ALA A 112 1.93 20.12 27.32
CA ALA A 112 2.34 19.95 28.71
C ALA A 112 1.39 20.69 29.64
N PRO A 113 0.09 20.43 29.50
CA PRO A 113 -0.95 21.07 30.32
C PRO A 113 -0.92 20.57 31.76
N VAL A 114 -0.12 21.23 32.60
CA VAL A 114 0.00 20.86 33.99
C VAL A 114 0.37 22.06 34.86
N ASN A 115 -0.26 22.16 36.03
CA ASN A 115 0.00 23.27 36.94
C ASN A 115 0.58 22.76 38.25
N ALA A 116 1.60 23.46 38.76
CA ALA A 116 2.24 23.08 40.01
C ALA A 116 1.83 24.03 41.14
N CYS A 117 2.18 23.65 42.37
CA CYS A 117 1.86 24.46 43.54
C CYS A 117 2.81 24.16 44.69
N PRO A 118 3.31 25.22 45.33
CA PRO A 118 4.24 25.10 46.47
C PRO A 118 3.56 24.55 47.71
N SER A 119 4.35 23.97 48.61
CA SER A 119 3.82 23.39 49.84
C SER A 119 4.85 23.48 50.96
N GLY A 120 4.42 23.16 52.18
CA GLY A 120 5.31 23.22 53.32
C GLY A 120 6.72 22.77 52.98
N PRO A 121 7.71 23.41 53.61
CA PRO A 121 9.13 23.08 53.39
C PRO A 121 9.51 21.72 53.95
N SER A 122 10.75 21.31 53.70
CA SER A 122 11.23 20.02 54.17
C SER A 122 12.67 20.12 54.66
N SER A 123 13.12 19.12 55.40
CA SER A 123 14.47 19.10 55.93
C SER A 123 15.44 18.43 54.95
N GLY A 124 16.60 19.05 54.74
CA GLY A 124 17.58 18.50 53.84
C GLY A 124 18.78 19.41 53.66
N GLY A 1 -11.27 -33.71 -22.26
CA GLY A 1 -10.51 -32.73 -23.01
C GLY A 1 -11.36 -31.53 -23.41
N SER A 2 -10.84 -30.33 -23.13
CA SER A 2 -11.56 -29.11 -23.46
C SER A 2 -10.76 -28.26 -24.45
N SER A 3 -11.03 -28.45 -25.73
CA SER A 3 -10.34 -27.70 -26.78
C SER A 3 -10.47 -26.20 -26.56
N GLY A 4 -9.57 -25.44 -27.17
CA GLY A 4 -9.60 -24.00 -27.03
C GLY A 4 -9.14 -23.54 -25.66
N SER A 5 -10.04 -22.88 -24.92
CA SER A 5 -9.72 -22.39 -23.59
C SER A 5 -8.33 -21.74 -23.57
N SER A 6 -8.05 -20.94 -24.60
CA SER A 6 -6.76 -20.26 -24.70
C SER A 6 -6.81 -18.90 -24.01
N GLY A 7 -5.85 -18.68 -23.10
CA GLY A 7 -5.81 -17.43 -22.38
C GLY A 7 -5.15 -17.57 -21.01
N THR A 8 -3.83 -17.45 -20.98
CA THR A 8 -3.08 -17.57 -19.74
C THR A 8 -2.09 -16.43 -19.58
N GLY A 9 -2.08 -15.81 -18.40
CA GLY A 9 -1.16 -14.72 -18.14
C GLY A 9 -0.23 -15.01 -16.99
N ASP A 10 1.03 -14.60 -17.13
CA ASP A 10 2.03 -14.82 -16.09
C ASP A 10 2.10 -13.62 -15.15
N ALA A 11 2.55 -13.87 -13.92
CA ALA A 11 2.65 -12.82 -12.92
C ALA A 11 4.10 -12.38 -12.74
N SER A 12 5.00 -13.36 -12.58
CA SER A 12 6.41 -13.09 -12.39
C SER A 12 6.88 -11.98 -13.34
N LYS A 13 6.38 -12.01 -14.56
CA LYS A 13 6.74 -11.01 -15.56
C LYS A 13 6.28 -9.61 -15.13
N CYS A 14 5.09 -9.55 -14.54
CA CYS A 14 4.54 -8.28 -14.07
C CYS A 14 5.54 -7.53 -13.20
N LEU A 15 5.56 -6.21 -13.32
CA LEU A 15 6.48 -5.38 -12.55
C LEU A 15 5.70 -4.39 -11.68
N ALA A 16 6.30 -4.02 -10.54
CA ALA A 16 5.67 -3.08 -9.62
C ALA A 16 6.62 -1.93 -9.27
N THR A 17 6.25 -0.73 -9.67
CA THR A 17 7.06 0.45 -9.41
C THR A 17 6.27 1.52 -8.68
N GLY A 18 6.83 2.04 -7.59
CA GLY A 18 6.15 3.07 -6.82
C GLY A 18 6.84 3.35 -5.49
N PRO A 19 6.64 4.56 -4.97
CA PRO A 19 7.24 4.98 -3.70
C PRO A 19 6.61 4.26 -2.51
N GLY A 20 5.44 3.67 -2.72
CA GLY A 20 4.77 2.96 -1.65
C GLY A 20 5.38 1.60 -1.38
N ILE A 21 5.96 1.00 -2.41
CA ILE A 21 6.58 -0.32 -2.28
C ILE A 21 8.08 -0.19 -2.00
N ALA A 22 8.51 1.01 -1.61
CA ALA A 22 9.91 1.27 -1.31
C ALA A 22 10.35 0.52 -0.05
N SER A 23 11.57 0.00 -0.07
CA SER A 23 12.11 -0.74 1.06
C SER A 23 11.72 -0.07 2.38
N THR A 24 11.78 1.26 2.40
CA THR A 24 11.43 2.02 3.60
C THR A 24 10.66 3.28 3.23
N VAL A 25 9.63 3.58 4.02
CA VAL A 25 8.81 4.77 3.79
C VAL A 25 8.49 5.48 5.10
N LYS A 26 8.02 6.72 4.99
CA LYS A 26 7.68 7.51 6.16
C LYS A 26 6.20 7.35 6.52
N THR A 27 5.88 7.58 7.79
CA THR A 27 4.51 7.45 8.26
C THR A 27 3.76 8.77 8.13
N GLY A 28 2.44 8.70 8.19
CA GLY A 28 1.62 9.90 8.06
C GLY A 28 1.39 10.30 6.62
N GLU A 29 2.42 10.13 5.80
CA GLU A 29 2.33 10.49 4.39
C GLU A 29 1.55 9.43 3.60
N GLU A 30 1.13 9.78 2.40
CA GLU A 30 0.38 8.86 1.55
C GLU A 30 1.17 8.50 0.30
N VAL A 31 1.38 7.20 0.09
CA VAL A 31 2.12 6.72 -1.07
C VAL A 31 1.18 6.27 -2.17
N GLY A 32 1.74 6.00 -3.35
CA GLY A 32 0.94 5.57 -4.47
C GLY A 32 1.76 4.86 -5.54
N PHE A 33 1.66 3.54 -5.59
CA PHE A 33 2.41 2.75 -6.56
C PHE A 33 1.47 2.23 -7.65
N VAL A 34 2.04 1.93 -8.81
CA VAL A 34 1.28 1.43 -9.94
C VAL A 34 1.94 0.21 -10.56
N VAL A 35 1.13 -0.80 -10.88
CA VAL A 35 1.64 -2.03 -11.48
C VAL A 35 1.72 -1.92 -12.99
N ASP A 36 2.91 -2.16 -13.53
CA ASP A 36 3.12 -2.08 -14.98
C ASP A 36 3.12 -3.47 -15.60
N ALA A 37 2.45 -3.61 -16.74
CA ALA A 37 2.38 -4.89 -17.44
C ALA A 37 2.80 -4.75 -18.89
N LYS A 38 3.74 -5.58 -19.32
CA LYS A 38 4.23 -5.54 -20.70
C LYS A 38 4.04 -6.89 -21.38
N THR A 39 4.39 -7.96 -20.67
CA THR A 39 4.25 -9.31 -21.21
C THR A 39 3.38 -10.17 -20.30
N ALA A 40 3.33 -9.82 -19.02
CA ALA A 40 2.54 -10.56 -18.05
C ALA A 40 1.25 -11.09 -18.68
N GLY A 41 0.61 -10.25 -19.49
CA GLY A 41 -0.62 -10.65 -20.14
C GLY A 41 -1.85 -10.11 -19.44
N LYS A 42 -2.90 -10.91 -19.38
CA LYS A 42 -4.15 -10.51 -18.74
C LYS A 42 -4.20 -11.00 -17.29
N GLY A 43 -4.96 -10.30 -16.46
CA GLY A 43 -5.09 -10.68 -15.07
C GLY A 43 -5.46 -9.50 -14.18
N LYS A 44 -5.99 -9.80 -13.00
CA LYS A 44 -6.40 -8.77 -12.05
C LYS A 44 -5.28 -8.48 -11.06
N VAL A 45 -5.24 -7.24 -10.57
CA VAL A 45 -4.22 -6.84 -9.61
C VAL A 45 -4.86 -6.38 -8.31
N THR A 46 -4.71 -7.18 -7.26
CA THR A 46 -5.26 -6.86 -5.96
C THR A 46 -4.17 -6.54 -4.95
N CYS A 47 -4.42 -5.55 -4.09
CA CYS A 47 -3.44 -5.16 -3.09
C CYS A 47 -4.05 -5.24 -1.69
N THR A 48 -3.26 -5.72 -0.73
CA THR A 48 -3.71 -5.86 0.64
C THR A 48 -2.65 -5.35 1.62
N VAL A 49 -2.88 -4.15 2.15
CA VAL A 49 -1.96 -3.55 3.10
C VAL A 49 -2.17 -4.11 4.51
N LEU A 50 -1.19 -4.87 5.00
CA LEU A 50 -1.27 -5.46 6.32
C LEU A 50 -0.55 -4.60 7.34
N THR A 51 -1.30 -4.07 8.30
CA THR A 51 -0.74 -3.22 9.35
C THR A 51 0.15 -4.04 10.29
N PRO A 52 1.17 -3.38 10.86
CA PRO A 52 2.10 -4.02 11.80
C PRO A 52 1.45 -4.36 13.13
N ASP A 53 0.15 -4.08 13.24
CA ASP A 53 -0.59 -4.34 14.46
C ASP A 53 -1.19 -5.75 14.44
N GLY A 54 -1.46 -6.24 13.24
CA GLY A 54 -2.03 -7.57 13.09
C GLY A 54 -3.39 -7.56 12.43
N THR A 55 -3.69 -6.47 11.73
CA THR A 55 -4.97 -6.32 11.03
C THR A 55 -4.78 -5.84 9.61
N GLU A 56 -5.51 -6.46 8.67
CA GLU A 56 -5.41 -6.09 7.27
C GLU A 56 -6.30 -4.89 6.95
N ALA A 57 -5.88 -4.10 5.97
CA ALA A 57 -6.65 -2.92 5.57
C ALA A 57 -6.91 -2.92 4.06
N GLU A 58 -8.01 -2.30 3.67
CA GLU A 58 -8.38 -2.23 2.25
C GLU A 58 -7.73 -1.02 1.59
N ALA A 59 -7.29 -1.20 0.35
CA ALA A 59 -6.65 -0.12 -0.40
C ALA A 59 -7.50 0.27 -1.61
N ASP A 60 -7.16 1.40 -2.21
CA ASP A 60 -7.89 1.91 -3.37
C ASP A 60 -7.19 1.50 -4.67
N VAL A 61 -7.85 0.65 -5.45
CA VAL A 61 -7.29 0.19 -6.72
C VAL A 61 -8.06 0.76 -7.90
N ILE A 62 -7.33 1.16 -8.94
CA ILE A 62 -7.94 1.72 -10.13
C ILE A 62 -7.34 1.11 -11.40
N GLU A 63 -8.20 0.54 -12.24
CA GLU A 63 -7.75 -0.07 -13.48
C GLU A 63 -7.55 0.99 -14.57
N ASN A 64 -6.57 0.76 -15.43
CA ASN A 64 -6.27 1.69 -16.52
C ASN A 64 -6.31 0.98 -17.86
N GLU A 65 -6.46 1.76 -18.93
CA GLU A 65 -6.52 1.21 -20.27
C GLU A 65 -5.19 0.56 -20.65
N ASP A 66 -4.11 1.05 -20.04
CA ASP A 66 -2.77 0.52 -20.32
C ASP A 66 -2.48 -0.68 -19.44
N GLY A 67 -3.50 -1.46 -19.14
CA GLY A 67 -3.33 -2.64 -18.31
C GLY A 67 -2.54 -2.34 -17.04
N THR A 68 -2.75 -1.15 -16.49
CA THR A 68 -2.06 -0.73 -15.28
C THR A 68 -3.04 -0.50 -14.14
N TYR A 69 -2.58 -0.71 -12.91
CA TYR A 69 -3.41 -0.51 -11.74
C TYR A 69 -2.72 0.39 -10.71
N ASP A 70 -3.42 1.44 -10.29
CA ASP A 70 -2.88 2.38 -9.31
C ASP A 70 -3.40 2.07 -7.91
N ILE A 71 -2.48 1.97 -6.96
CA ILE A 71 -2.85 1.67 -5.58
C ILE A 71 -2.20 2.66 -4.62
N PHE A 72 -2.96 3.13 -3.65
CA PHE A 72 -2.46 4.08 -2.67
C PHE A 72 -2.78 3.61 -1.24
N TYR A 73 -1.94 4.01 -0.29
CA TYR A 73 -2.14 3.62 1.10
C TYR A 73 -1.32 4.52 2.03
N THR A 74 -1.82 4.72 3.24
CA THR A 74 -1.13 5.55 4.23
C THR A 74 -0.77 4.75 5.47
N ALA A 75 0.34 5.12 6.10
CA ALA A 75 0.80 4.43 7.30
C ALA A 75 0.41 5.21 8.55
N ALA A 76 -0.75 4.90 9.12
CA ALA A 76 -1.23 5.56 10.33
C ALA A 76 -0.18 5.52 11.42
N LYS A 77 0.44 4.36 11.59
CA LYS A 77 1.46 4.18 12.62
C LYS A 77 2.68 3.46 12.06
N PRO A 78 3.86 3.74 12.64
CA PRO A 78 5.11 3.12 12.21
C PRO A 78 5.18 1.64 12.56
N GLY A 79 6.02 0.90 11.83
CA GLY A 79 6.16 -0.52 12.09
C GLY A 79 6.47 -1.31 10.83
N THR A 80 6.24 -2.61 10.86
CA THR A 80 6.50 -3.47 9.72
C THR A 80 5.22 -3.77 8.94
N TYR A 81 5.08 -3.16 7.77
CA TYR A 81 3.90 -3.35 6.94
C TYR A 81 4.13 -4.47 5.92
N VAL A 82 3.10 -5.28 5.70
CA VAL A 82 3.20 -6.37 4.74
C VAL A 82 2.11 -6.27 3.67
N ILE A 83 2.54 -6.00 2.44
CA ILE A 83 1.60 -5.86 1.33
C ILE A 83 1.55 -7.15 0.50
N TYR A 84 0.35 -7.51 0.06
CA TYR A 84 0.16 -8.71 -0.74
C TYR A 84 -0.30 -8.36 -2.16
N VAL A 85 0.60 -8.55 -3.12
CA VAL A 85 0.29 -8.26 -4.52
C VAL A 85 0.34 -9.52 -5.36
N ARG A 86 -0.59 -9.64 -6.30
CA ARG A 86 -0.66 -10.80 -7.18
C ARG A 86 -1.20 -10.41 -8.55
N PHE A 87 -1.06 -11.31 -9.51
CA PHE A 87 -1.54 -11.06 -10.87
C PHE A 87 -2.32 -12.26 -11.40
N GLY A 88 -3.61 -12.06 -11.61
CA GLY A 88 -4.46 -13.14 -12.11
C GLY A 88 -4.50 -14.33 -11.18
N GLY A 89 -4.50 -14.06 -9.87
CA GLY A 89 -4.54 -15.13 -8.90
C GLY A 89 -3.18 -15.77 -8.68
N VAL A 90 -2.13 -14.97 -8.84
CA VAL A 90 -0.77 -15.47 -8.67
C VAL A 90 0.10 -14.47 -7.91
N ASP A 91 0.55 -14.87 -6.72
CA ASP A 91 1.38 -14.01 -5.90
C ASP A 91 2.77 -13.85 -6.51
N ILE A 92 3.01 -12.69 -7.11
CA ILE A 92 4.30 -12.40 -7.73
C ILE A 92 5.45 -12.96 -6.91
N PRO A 93 6.59 -13.20 -7.56
CA PRO A 93 7.79 -13.73 -6.90
C PRO A 93 8.43 -12.73 -5.96
N ASN A 94 7.80 -11.56 -5.83
CA ASN A 94 8.32 -10.51 -4.95
C ASN A 94 7.45 -10.37 -3.71
N SER A 95 6.33 -11.09 -3.69
CA SER A 95 5.41 -11.03 -2.56
C SER A 95 5.78 -12.07 -1.51
N PRO A 96 5.55 -11.73 -0.23
CA PRO A 96 4.98 -10.43 0.15
C PRO A 96 5.94 -9.28 -0.09
N PHE A 97 5.49 -8.06 0.19
CA PHE A 97 6.32 -6.88 -0.01
C PHE A 97 6.70 -6.26 1.34
N THR A 98 7.93 -6.52 1.78
CA THR A 98 8.41 -5.99 3.06
C THR A 98 8.53 -4.47 3.00
N VAL A 99 7.85 -3.80 3.93
CA VAL A 99 7.89 -2.34 3.98
C VAL A 99 7.98 -1.86 5.43
N MET A 100 8.98 -1.05 5.71
CA MET A 100 9.18 -0.51 7.05
C MET A 100 8.70 0.94 7.14
N ALA A 101 7.71 1.18 8.00
CA ALA A 101 7.16 2.52 8.18
C ALA A 101 7.88 3.26 9.29
N THR A 102 8.64 4.29 8.92
CA THR A 102 9.39 5.08 9.90
C THR A 102 8.64 6.37 10.23
N ASP A 103 8.71 6.78 11.49
CA ASP A 103 8.04 8.00 11.94
C ASP A 103 8.43 9.18 11.06
N GLY A 104 9.67 9.18 10.58
CA GLY A 104 10.14 10.26 9.74
C GLY A 104 10.23 11.58 10.47
N GLU A 105 11.43 12.16 10.49
CA GLU A 105 11.65 13.44 11.16
C GLU A 105 10.51 14.42 10.86
N VAL A 106 10.24 15.31 11.81
CA VAL A 106 9.18 16.29 11.66
C VAL A 106 9.76 17.69 11.48
N THR A 107 9.18 18.45 10.54
CA THR A 107 9.63 19.80 10.27
C THR A 107 8.62 20.83 10.74
N ALA A 108 7.33 20.47 10.66
CA ALA A 108 6.27 21.37 11.09
C ALA A 108 5.38 20.69 12.13
N VAL A 109 6.00 19.97 13.05
CA VAL A 109 5.26 19.28 14.10
C VAL A 109 4.17 18.39 13.52
N GLU A 110 4.53 17.66 12.47
CA GLU A 110 3.59 16.75 11.81
C GLU A 110 3.68 15.34 12.39
N GLU A 111 2.82 15.05 13.36
CA GLU A 111 2.82 13.73 13.99
C GLU A 111 1.46 13.06 13.83
N ALA A 112 1.49 11.76 13.53
CA ALA A 112 0.25 11.00 13.35
C ALA A 112 -0.60 11.03 14.61
N PRO A 113 -1.90 10.74 14.45
CA PRO A 113 -2.86 10.74 15.57
C PRO A 113 -2.62 9.57 16.52
N VAL A 114 -1.58 8.79 16.25
CA VAL A 114 -1.24 7.65 17.09
C VAL A 114 -1.54 7.94 18.56
N ASN A 115 -2.03 6.93 19.27
CA ASN A 115 -2.36 7.08 20.68
C ASN A 115 -1.10 7.20 21.52
N ALA A 116 -1.27 7.38 22.82
CA ALA A 116 -0.14 7.51 23.73
C ALA A 116 0.66 6.20 23.81
N CYS A 117 1.77 6.16 23.09
CA CYS A 117 2.62 4.97 23.07
C CYS A 117 4.09 5.36 23.27
N PRO A 118 4.81 4.57 24.09
CA PRO A 118 6.22 4.81 24.37
C PRO A 118 7.11 4.51 23.17
N SER A 119 7.92 5.50 22.78
CA SER A 119 8.82 5.35 21.64
C SER A 119 9.75 4.15 21.84
N GLY A 120 10.13 3.51 20.73
CA GLY A 120 11.01 2.37 20.80
C GLY A 120 12.43 2.71 20.40
N PRO A 121 13.22 1.67 20.06
CA PRO A 121 14.62 1.84 19.65
C PRO A 121 14.74 2.50 18.28
N SER A 122 15.92 3.05 18.01
CA SER A 122 16.17 3.71 16.74
C SER A 122 17.47 3.21 16.11
N SER A 123 17.65 3.48 14.82
CA SER A 123 18.84 3.06 14.10
C SER A 123 19.80 4.23 13.90
N GLY A 124 21.09 3.91 13.78
CA GLY A 124 22.08 4.95 13.60
C GLY A 124 23.40 4.40 13.08
N GLY A 1 -15.88 -10.40 -30.22
CA GLY A 1 -16.34 -11.31 -29.19
C GLY A 1 -15.55 -12.61 -29.16
N SER A 2 -15.71 -13.37 -28.09
CA SER A 2 -15.00 -14.63 -27.94
C SER A 2 -15.95 -15.74 -27.47
N SER A 3 -15.45 -16.97 -27.45
CA SER A 3 -16.26 -18.11 -27.03
C SER A 3 -15.87 -18.56 -25.62
N GLY A 4 -15.72 -17.59 -24.73
CA GLY A 4 -15.36 -17.88 -23.35
C GLY A 4 -13.94 -17.45 -23.02
N SER A 5 -13.79 -16.19 -22.64
CA SER A 5 -12.48 -15.65 -22.30
C SER A 5 -11.89 -16.38 -21.08
N SER A 6 -11.06 -17.37 -21.34
CA SER A 6 -10.44 -18.15 -20.28
C SER A 6 -8.91 -18.20 -20.46
N GLY A 7 -8.21 -18.48 -19.37
CA GLY A 7 -6.76 -18.56 -19.44
C GLY A 7 -6.10 -17.90 -18.24
N THR A 8 -4.77 -17.85 -18.26
CA THR A 8 -4.01 -17.23 -17.17
C THR A 8 -2.76 -16.53 -17.69
N GLY A 9 -2.48 -15.36 -17.15
CA GLY A 9 -1.32 -14.60 -17.58
C GLY A 9 -0.08 -14.94 -16.77
N ASP A 10 0.92 -14.07 -16.83
CA ASP A 10 2.17 -14.29 -16.11
C ASP A 10 2.35 -13.23 -15.02
N ALA A 11 2.87 -13.66 -13.87
CA ALA A 11 3.10 -12.75 -12.76
C ALA A 11 4.55 -12.31 -12.69
N SER A 12 5.46 -13.28 -12.69
CA SER A 12 6.89 -12.98 -12.63
C SER A 12 7.28 -11.97 -13.71
N LYS A 13 6.47 -11.89 -14.75
CA LYS A 13 6.73 -10.96 -15.85
C LYS A 13 6.24 -9.56 -15.50
N CYS A 14 5.19 -9.48 -14.68
CA CYS A 14 4.63 -8.21 -14.28
C CYS A 14 5.66 -7.38 -13.51
N LEU A 15 5.52 -6.07 -13.57
CA LEU A 15 6.43 -5.16 -12.88
C LEU A 15 5.68 -4.23 -11.95
N ALA A 16 6.24 -3.99 -10.76
CA ALA A 16 5.62 -3.12 -9.77
C ALA A 16 6.55 -1.96 -9.41
N THR A 17 6.15 -0.76 -9.78
CA THR A 17 6.95 0.43 -9.48
C THR A 17 6.17 1.42 -8.61
N GLY A 18 6.81 1.90 -7.55
CA GLY A 18 6.15 2.84 -6.66
C GLY A 18 6.90 3.01 -5.35
N PRO A 19 6.71 4.17 -4.70
CA PRO A 19 7.36 4.47 -3.42
C PRO A 19 6.81 3.63 -2.28
N GLY A 20 5.58 3.14 -2.44
CA GLY A 20 4.96 2.33 -1.41
C GLY A 20 5.52 0.92 -1.38
N ILE A 21 6.10 0.49 -2.49
CA ILE A 21 6.67 -0.85 -2.58
C ILE A 21 8.17 -0.83 -2.29
N ALA A 22 8.64 0.28 -1.73
CA ALA A 22 10.05 0.43 -1.40
C ALA A 22 10.37 -0.22 -0.05
N SER A 23 11.59 -0.74 0.07
CA SER A 23 12.01 -1.39 1.31
C SER A 23 11.60 -0.58 2.53
N THR A 24 11.52 0.74 2.36
CA THR A 24 11.14 1.64 3.44
C THR A 24 10.26 2.77 2.94
N VAL A 25 9.43 3.32 3.82
CA VAL A 25 8.54 4.41 3.46
C VAL A 25 8.32 5.34 4.64
N LYS A 26 7.50 6.37 4.43
CA LYS A 26 7.19 7.33 5.49
C LYS A 26 5.80 7.09 6.05
N THR A 27 5.61 7.50 7.31
CA THR A 27 4.32 7.33 7.98
C THR A 27 3.48 8.60 7.89
N GLY A 28 2.17 8.44 7.86
CA GLY A 28 1.28 9.58 7.78
C GLY A 28 1.10 10.08 6.36
N GLU A 29 2.17 9.99 5.56
CA GLU A 29 2.13 10.45 4.18
C GLU A 29 1.28 9.51 3.32
N GLU A 30 0.65 10.07 2.30
CA GLU A 30 -0.20 9.28 1.41
C GLU A 30 0.65 8.53 0.38
N VAL A 31 0.76 7.22 0.56
CA VAL A 31 1.54 6.39 -0.34
C VAL A 31 0.74 6.03 -1.59
N GLY A 32 1.44 5.72 -2.67
CA GLY A 32 0.78 5.36 -3.91
C GLY A 32 1.72 4.76 -4.94
N PHE A 33 1.49 3.50 -5.29
CA PHE A 33 2.34 2.82 -6.26
C PHE A 33 1.53 2.40 -7.49
N VAL A 34 2.22 1.88 -8.49
CA VAL A 34 1.56 1.44 -9.72
C VAL A 34 2.25 0.20 -10.29
N VAL A 35 1.45 -0.72 -10.82
CA VAL A 35 1.98 -1.95 -11.40
C VAL A 35 1.95 -1.89 -12.93
N ASP A 36 3.12 -2.04 -13.54
CA ASP A 36 3.23 -2.01 -14.98
C ASP A 36 3.34 -3.42 -15.56
N ALA A 37 2.52 -3.72 -16.55
CA ALA A 37 2.52 -5.03 -17.19
C ALA A 37 2.71 -4.92 -18.69
N LYS A 38 3.69 -5.63 -19.22
CA LYS A 38 3.98 -5.61 -20.65
C LYS A 38 3.79 -7.00 -21.27
N THR A 39 4.63 -7.94 -20.85
CA THR A 39 4.55 -9.30 -21.37
C THR A 39 3.69 -10.18 -20.46
N ALA A 40 3.41 -9.69 -19.26
CA ALA A 40 2.59 -10.43 -18.30
C ALA A 40 1.33 -10.96 -18.96
N GLY A 41 0.64 -10.09 -19.70
CA GLY A 41 -0.58 -10.50 -20.36
C GLY A 41 -1.82 -9.98 -19.67
N LYS A 42 -2.84 -10.82 -19.56
CA LYS A 42 -4.09 -10.45 -18.91
C LYS A 42 -4.11 -10.92 -17.46
N GLY A 43 -4.80 -10.17 -16.61
CA GLY A 43 -4.89 -10.52 -15.21
C GLY A 43 -5.16 -9.33 -14.32
N LYS A 44 -5.78 -9.57 -13.18
CA LYS A 44 -6.09 -8.50 -12.23
C LYS A 44 -5.08 -8.45 -11.10
N VAL A 45 -4.82 -7.25 -10.59
CA VAL A 45 -3.87 -7.06 -9.50
C VAL A 45 -4.57 -6.73 -8.19
N THR A 46 -4.40 -7.60 -7.20
CA THR A 46 -5.02 -7.40 -5.90
C THR A 46 -4.00 -6.95 -4.87
N CYS A 47 -4.38 -5.96 -4.07
CA CYS A 47 -3.49 -5.43 -3.04
C CYS A 47 -4.13 -5.52 -1.66
N THR A 48 -3.31 -5.74 -0.64
CA THR A 48 -3.81 -5.85 0.72
C THR A 48 -2.79 -5.33 1.72
N VAL A 49 -3.07 -4.15 2.28
CA VAL A 49 -2.17 -3.52 3.25
C VAL A 49 -2.36 -4.14 4.63
N LEU A 50 -1.36 -4.87 5.09
CA LEU A 50 -1.41 -5.51 6.40
C LEU A 50 -0.60 -4.72 7.43
N THR A 51 -1.31 -4.13 8.38
CA THR A 51 -0.66 -3.34 9.43
C THR A 51 0.05 -4.24 10.44
N PRO A 52 1.15 -3.73 11.02
CA PRO A 52 1.94 -4.47 12.00
C PRO A 52 1.20 -4.63 13.33
N ASP A 53 0.00 -4.08 13.40
CA ASP A 53 -0.82 -4.17 14.61
C ASP A 53 -1.71 -5.42 14.58
N GLY A 54 -1.72 -6.10 13.44
CA GLY A 54 -2.52 -7.30 13.31
C GLY A 54 -3.90 -7.01 12.75
N THR A 55 -4.01 -5.92 11.99
CA THR A 55 -5.28 -5.52 11.40
C THR A 55 -5.13 -5.23 9.91
N GLU A 56 -6.15 -5.57 9.14
CA GLU A 56 -6.12 -5.35 7.69
C GLU A 56 -6.77 -4.01 7.34
N ALA A 57 -5.99 -3.14 6.72
CA ALA A 57 -6.48 -1.82 6.33
C ALA A 57 -7.13 -1.86 4.95
N GLU A 58 -7.60 -0.71 4.48
CA GLU A 58 -8.25 -0.62 3.17
C GLU A 58 -7.27 -0.08 2.13
N ALA A 59 -7.28 -0.71 0.95
CA ALA A 59 -6.40 -0.28 -0.13
C ALA A 59 -7.19 -0.09 -1.42
N ASP A 60 -7.25 1.15 -1.89
CA ASP A 60 -7.97 1.47 -3.12
C ASP A 60 -7.23 0.92 -4.34
N VAL A 61 -8.00 0.39 -5.29
CA VAL A 61 -7.42 -0.16 -6.51
C VAL A 61 -8.10 0.40 -7.75
N ILE A 62 -7.33 1.07 -8.60
CA ILE A 62 -7.86 1.66 -9.82
C ILE A 62 -7.18 1.07 -11.05
N GLU A 63 -7.96 0.71 -12.05
CA GLU A 63 -7.43 0.14 -13.28
C GLU A 63 -7.25 1.22 -14.35
N ASN A 64 -6.32 0.98 -15.27
CA ASN A 64 -6.04 1.93 -16.33
C ASN A 64 -6.02 1.24 -17.69
N GLU A 65 -6.45 1.95 -18.73
CA GLU A 65 -6.48 1.40 -20.07
C GLU A 65 -5.11 0.84 -20.47
N ASP A 66 -4.08 1.32 -19.78
CA ASP A 66 -2.72 0.85 -20.05
C ASP A 66 -2.40 -0.43 -19.30
N GLY A 67 -3.42 -1.26 -19.11
CA GLY A 67 -3.25 -2.52 -18.41
C GLY A 67 -2.45 -2.35 -17.14
N THR A 68 -2.70 -1.27 -16.41
CA THR A 68 -1.98 -1.00 -15.17
C THR A 68 -2.96 -0.78 -14.02
N TYR A 69 -2.43 -0.74 -12.79
CA TYR A 69 -3.25 -0.55 -11.61
C TYR A 69 -2.60 0.43 -10.64
N ASP A 70 -3.39 1.36 -10.12
CA ASP A 70 -2.88 2.36 -9.19
C ASP A 70 -3.45 2.13 -7.80
N ILE A 71 -2.57 1.89 -6.83
CA ILE A 71 -2.98 1.65 -5.46
C ILE A 71 -2.37 2.68 -4.51
N PHE A 72 -3.12 3.04 -3.48
CA PHE A 72 -2.64 4.01 -2.49
C PHE A 72 -3.02 3.59 -1.07
N TYR A 73 -2.23 4.04 -0.11
CA TYR A 73 -2.47 3.70 1.29
C TYR A 73 -1.73 4.65 2.22
N THR A 74 -2.15 4.70 3.48
CA THR A 74 -1.53 5.57 4.47
C THR A 74 -1.10 4.78 5.71
N ALA A 75 0.03 5.17 6.29
CA ALA A 75 0.54 4.50 7.48
C ALA A 75 0.31 5.35 8.72
N ALA A 76 -0.70 4.98 9.51
CA ALA A 76 -1.01 5.71 10.73
C ALA A 76 0.17 5.72 11.69
N LYS A 77 0.78 4.56 11.89
CA LYS A 77 1.93 4.43 12.78
C LYS A 77 3.04 3.63 12.12
N PRO A 78 4.29 3.89 12.54
CA PRO A 78 5.47 3.21 12.00
C PRO A 78 5.53 1.74 12.42
N GLY A 79 6.23 0.94 11.63
CA GLY A 79 6.35 -0.48 11.95
C GLY A 79 6.65 -1.32 10.72
N THR A 80 6.21 -2.58 10.74
CA THR A 80 6.45 -3.48 9.62
C THR A 80 5.15 -3.77 8.87
N TYR A 81 5.02 -3.17 7.69
CA TYR A 81 3.82 -3.37 6.86
C TYR A 81 4.05 -4.46 5.82
N VAL A 82 3.02 -5.25 5.56
CA VAL A 82 3.10 -6.33 4.60
C VAL A 82 2.06 -6.15 3.49
N ILE A 83 2.54 -5.96 2.26
CA ILE A 83 1.65 -5.78 1.12
C ILE A 83 1.63 -7.03 0.24
N TYR A 84 0.43 -7.54 -0.01
CA TYR A 84 0.27 -8.73 -0.85
C TYR A 84 -0.19 -8.36 -2.25
N VAL A 85 0.59 -8.76 -3.25
CA VAL A 85 0.26 -8.47 -4.64
C VAL A 85 0.11 -9.75 -5.45
N ARG A 86 -1.05 -9.93 -6.06
CA ARG A 86 -1.32 -11.12 -6.87
C ARG A 86 -1.84 -10.73 -8.25
N PHE A 87 -1.32 -11.39 -9.27
CA PHE A 87 -1.73 -11.11 -10.65
C PHE A 87 -2.38 -12.34 -11.28
N GLY A 88 -3.64 -12.20 -11.68
CA GLY A 88 -4.35 -13.31 -12.29
C GLY A 88 -4.27 -14.58 -11.46
N GLY A 89 -4.31 -14.43 -10.14
CA GLY A 89 -4.23 -15.58 -9.26
C GLY A 89 -2.82 -16.10 -9.11
N VAL A 90 -1.84 -15.23 -9.32
CA VAL A 90 -0.44 -15.61 -9.21
C VAL A 90 0.34 -14.63 -8.35
N ASP A 91 0.87 -15.11 -7.23
CA ASP A 91 1.63 -14.27 -6.32
C ASP A 91 3.04 -14.02 -6.86
N ILE A 92 3.23 -12.83 -7.43
CA ILE A 92 4.53 -12.46 -7.99
C ILE A 92 5.67 -12.91 -7.08
N PRO A 93 6.85 -13.10 -7.67
CA PRO A 93 8.04 -13.53 -6.93
C PRO A 93 8.57 -12.43 -5.99
N ASN A 94 7.85 -11.32 -5.93
CA ASN A 94 8.24 -10.20 -5.09
C ASN A 94 7.34 -10.10 -3.87
N SER A 95 6.27 -10.89 -3.86
CA SER A 95 5.32 -10.89 -2.76
C SER A 95 5.64 -12.01 -1.76
N PRO A 96 5.44 -11.71 -0.47
CA PRO A 96 4.94 -10.41 -0.02
C PRO A 96 5.96 -9.29 -0.21
N PHE A 97 5.56 -8.07 0.09
CA PHE A 97 6.44 -6.91 -0.06
C PHE A 97 6.78 -6.31 1.31
N THR A 98 8.04 -6.47 1.72
CA THR A 98 8.50 -5.96 3.00
C THR A 98 8.61 -4.43 2.97
N VAL A 99 7.68 -3.76 3.65
CA VAL A 99 7.68 -2.31 3.70
C VAL A 99 7.79 -1.80 5.14
N MET A 100 8.89 -1.14 5.45
CA MET A 100 9.12 -0.61 6.78
C MET A 100 8.80 0.88 6.84
N ALA A 101 7.66 1.22 7.42
CA ALA A 101 7.24 2.62 7.54
C ALA A 101 7.95 3.30 8.71
N THR A 102 8.53 4.47 8.44
CA THR A 102 9.23 5.23 9.46
C THR A 102 8.79 6.69 9.47
N ASP A 103 8.80 7.29 10.65
CA ASP A 103 8.40 8.69 10.80
C ASP A 103 9.39 9.61 10.07
N GLY A 104 10.64 9.17 9.98
CA GLY A 104 11.66 9.97 9.32
C GLY A 104 12.03 11.21 10.11
N GLU A 105 11.69 12.38 9.57
CA GLU A 105 11.99 13.64 10.23
C GLU A 105 10.82 14.10 11.09
N VAL A 106 11.09 14.34 12.36
CA VAL A 106 10.05 14.78 13.29
C VAL A 106 10.28 16.24 13.71
N THR A 107 9.18 16.98 13.87
CA THR A 107 9.26 18.38 14.26
C THR A 107 9.92 18.54 15.63
N ALA A 108 10.48 19.71 15.88
CA ALA A 108 11.14 19.98 17.15
C ALA A 108 10.20 19.74 18.32
N VAL A 109 9.07 20.45 18.33
CA VAL A 109 8.08 20.30 19.39
C VAL A 109 6.73 19.85 18.84
N GLU A 110 5.83 19.47 19.73
CA GLU A 110 4.51 19.02 19.33
C GLU A 110 3.42 19.96 19.87
N GLU A 111 3.48 20.23 21.16
CA GLU A 111 2.51 21.11 21.79
C GLU A 111 2.83 22.58 21.50
N ALA A 112 1.78 23.36 21.25
CA ALA A 112 1.94 24.77 20.95
C ALA A 112 1.53 25.64 22.13
N PRO A 113 2.26 26.74 22.36
CA PRO A 113 1.98 27.67 23.46
C PRO A 113 0.70 28.45 23.24
N VAL A 114 0.13 28.33 22.04
CA VAL A 114 -1.10 29.03 21.72
C VAL A 114 -2.03 29.13 22.92
N ASN A 115 -2.66 30.28 23.10
CA ASN A 115 -3.57 30.51 24.21
C ASN A 115 -4.49 31.69 23.94
N ALA A 116 -5.62 31.72 24.64
CA ALA A 116 -6.59 32.80 24.48
C ALA A 116 -6.69 33.65 25.74
N CYS A 117 -6.42 34.94 25.61
CA CYS A 117 -6.48 35.86 26.73
C CYS A 117 -7.77 35.67 27.52
N PRO A 118 -7.65 35.64 28.86
CA PRO A 118 -8.80 35.46 29.75
C PRO A 118 -9.72 36.68 29.77
N SER A 119 -10.71 36.68 28.88
CA SER A 119 -11.66 37.79 28.79
C SER A 119 -12.90 37.50 29.61
N GLY A 120 -13.27 38.45 30.48
CA GLY A 120 -14.44 38.28 31.31
C GLY A 120 -14.44 39.17 32.52
N PRO A 121 -14.67 40.48 32.30
CA PRO A 121 -14.69 41.48 33.38
C PRO A 121 -15.89 41.31 34.30
N SER A 122 -15.81 41.89 35.49
CA SER A 122 -16.89 41.80 36.47
C SER A 122 -17.26 43.18 36.99
N SER A 123 -18.30 43.24 37.82
CA SER A 123 -18.76 44.50 38.38
C SER A 123 -19.32 44.30 39.79
N GLY A 124 -19.15 45.31 40.64
CA GLY A 124 -19.64 45.22 42.01
C GLY A 124 -18.60 44.65 42.96
N GLY A 1 -13.40 0.42 -25.23
CA GLY A 1 -12.30 0.77 -26.12
C GLY A 1 -11.65 -0.46 -26.73
N SER A 2 -10.32 -0.54 -26.63
CA SER A 2 -9.57 -1.67 -27.18
C SER A 2 -8.99 -2.52 -26.06
N SER A 3 -9.13 -3.84 -26.20
CA SER A 3 -8.63 -4.77 -25.19
C SER A 3 -8.71 -6.21 -25.71
N GLY A 4 -7.61 -6.94 -25.58
CA GLY A 4 -7.58 -8.32 -26.03
C GLY A 4 -7.86 -9.30 -24.92
N SER A 5 -7.20 -10.46 -24.96
CA SER A 5 -7.39 -11.48 -23.94
C SER A 5 -6.35 -12.60 -24.10
N SER A 6 -5.90 -13.14 -22.97
CA SER A 6 -4.91 -14.20 -22.97
C SER A 6 -5.45 -15.46 -22.30
N GLY A 7 -5.67 -15.37 -21.00
CA GLY A 7 -6.19 -16.50 -20.26
C GLY A 7 -5.29 -16.90 -19.10
N THR A 8 -4.18 -17.56 -19.40
CA THR A 8 -3.24 -17.98 -18.37
C THR A 8 -2.55 -16.79 -17.72
N GLY A 9 -1.77 -16.06 -18.51
CA GLY A 9 -1.07 -14.90 -18.00
C GLY A 9 -0.05 -15.26 -16.93
N ASP A 10 1.07 -14.53 -16.91
CA ASP A 10 2.12 -14.79 -15.93
C ASP A 10 2.18 -13.68 -14.89
N ALA A 11 2.68 -14.00 -13.71
CA ALA A 11 2.79 -13.03 -12.64
C ALA A 11 4.21 -12.49 -12.53
N SER A 12 5.19 -13.39 -12.61
CA SER A 12 6.59 -13.00 -12.52
C SER A 12 6.92 -11.92 -13.54
N LYS A 13 6.27 -11.98 -14.69
CA LYS A 13 6.49 -11.00 -15.75
C LYS A 13 6.05 -9.61 -15.31
N CYS A 14 4.99 -9.56 -14.52
CA CYS A 14 4.47 -8.29 -14.02
C CYS A 14 5.51 -7.56 -13.18
N LEU A 15 5.54 -6.24 -13.28
CA LEU A 15 6.49 -5.42 -12.53
C LEU A 15 5.76 -4.46 -11.61
N ALA A 16 6.41 -4.09 -10.52
CA ALA A 16 5.83 -3.16 -9.55
C ALA A 16 6.76 -1.98 -9.28
N THR A 17 6.31 -0.79 -9.63
CA THR A 17 7.10 0.42 -9.44
C THR A 17 6.32 1.49 -8.69
N GLY A 18 6.90 2.03 -7.64
CA GLY A 18 6.24 3.06 -6.85
C GLY A 18 6.91 3.29 -5.51
N PRO A 19 6.72 4.50 -4.96
CA PRO A 19 7.31 4.88 -3.67
C PRO A 19 6.67 4.13 -2.50
N GLY A 20 5.47 3.60 -2.72
CA GLY A 20 4.78 2.87 -1.69
C GLY A 20 5.37 1.49 -1.45
N ILE A 21 6.08 0.97 -2.45
CA ILE A 21 6.70 -0.35 -2.36
C ILE A 21 8.19 -0.23 -2.09
N ALA A 22 8.61 0.94 -1.61
CA ALA A 22 10.02 1.18 -1.31
C ALA A 22 10.43 0.45 -0.03
N SER A 23 11.67 -0.03 0.00
CA SER A 23 12.20 -0.74 1.16
C SER A 23 11.74 -0.08 2.46
N THR A 24 11.71 1.26 2.45
CA THR A 24 11.30 2.01 3.63
C THR A 24 10.43 3.20 3.23
N VAL A 25 9.52 3.59 4.13
CA VAL A 25 8.63 4.71 3.87
C VAL A 25 8.39 5.52 5.14
N LYS A 26 7.94 6.75 4.98
CA LYS A 26 7.67 7.63 6.10
C LYS A 26 6.23 7.49 6.57
N THR A 27 5.99 7.74 7.86
CA THR A 27 4.65 7.63 8.43
C THR A 27 3.88 8.93 8.24
N GLY A 28 2.55 8.81 8.26
CA GLY A 28 1.70 9.98 8.09
C GLY A 28 1.45 10.30 6.63
N GLU A 29 2.48 10.13 5.79
CA GLU A 29 2.36 10.40 4.37
C GLU A 29 1.66 9.27 3.64
N GLU A 30 1.05 9.58 2.51
CA GLU A 30 0.33 8.58 1.72
C GLU A 30 1.09 8.25 0.44
N VAL A 31 1.46 6.98 0.28
CA VAL A 31 2.19 6.53 -0.89
C VAL A 31 1.23 6.10 -2.00
N GLY A 32 1.78 5.84 -3.18
CA GLY A 32 0.98 5.42 -4.31
C GLY A 32 1.78 4.73 -5.39
N PHE A 33 1.72 3.41 -5.43
CA PHE A 33 2.46 2.64 -6.41
C PHE A 33 1.52 2.09 -7.48
N VAL A 34 2.06 1.87 -8.68
CA VAL A 34 1.28 1.36 -9.79
C VAL A 34 1.97 0.17 -10.45
N VAL A 35 1.19 -0.83 -10.83
CA VAL A 35 1.72 -2.02 -11.47
C VAL A 35 1.81 -1.84 -12.98
N ASP A 36 2.95 -2.21 -13.55
CA ASP A 36 3.16 -2.09 -14.99
C ASP A 36 3.29 -3.46 -15.65
N ALA A 37 2.61 -3.64 -16.77
CA ALA A 37 2.64 -4.90 -17.50
C ALA A 37 3.05 -4.69 -18.95
N LYS A 38 4.05 -5.45 -19.39
CA LYS A 38 4.54 -5.35 -20.77
C LYS A 38 4.29 -6.66 -21.52
N THR A 39 4.64 -7.77 -20.90
CA THR A 39 4.45 -9.08 -21.52
C THR A 39 3.58 -9.98 -20.65
N ALA A 40 3.38 -9.58 -19.40
CA ALA A 40 2.57 -10.35 -18.47
C ALA A 40 1.29 -10.84 -19.14
N GLY A 41 0.67 -9.98 -19.93
CA GLY A 41 -0.55 -10.34 -20.62
C GLY A 41 -1.79 -9.91 -19.85
N LYS A 42 -2.74 -10.84 -19.70
CA LYS A 42 -3.98 -10.54 -18.99
C LYS A 42 -3.93 -11.09 -17.56
N GLY A 43 -4.61 -10.41 -16.65
CA GLY A 43 -4.63 -10.83 -15.27
C GLY A 43 -5.12 -9.75 -14.33
N LYS A 44 -5.74 -10.16 -13.23
CA LYS A 44 -6.25 -9.21 -12.25
C LYS A 44 -5.23 -8.95 -11.15
N VAL A 45 -4.99 -7.67 -10.85
CA VAL A 45 -4.03 -7.28 -9.82
C VAL A 45 -4.75 -6.82 -8.56
N THR A 46 -4.64 -7.61 -7.50
CA THR A 46 -5.27 -7.28 -6.22
C THR A 46 -4.24 -6.83 -5.21
N CYS A 47 -4.61 -5.84 -4.40
CA CYS A 47 -3.71 -5.31 -3.38
C CYS A 47 -4.35 -5.41 -1.99
N THR A 48 -3.53 -5.72 -0.99
CA THR A 48 -4.00 -5.86 0.37
C THR A 48 -2.95 -5.40 1.38
N VAL A 49 -3.21 -4.26 2.02
CA VAL A 49 -2.28 -3.71 2.99
C VAL A 49 -2.53 -4.31 4.38
N LEU A 50 -1.52 -4.97 4.91
CA LEU A 50 -1.61 -5.59 6.23
C LEU A 50 -0.88 -4.76 7.28
N THR A 51 -1.64 -4.12 8.17
CA THR A 51 -1.06 -3.31 9.22
C THR A 51 -0.23 -4.15 10.18
N PRO A 52 0.82 -3.54 10.75
CA PRO A 52 1.71 -4.22 11.70
C PRO A 52 1.03 -4.50 13.03
N ASP A 53 -0.21 -4.05 13.17
CA ASP A 53 -0.97 -4.26 14.39
C ASP A 53 -1.55 -5.67 14.43
N GLY A 54 -1.88 -6.22 13.26
CA GLY A 54 -2.43 -7.55 13.19
C GLY A 54 -3.80 -7.57 12.53
N THR A 55 -4.10 -6.53 11.78
CA THR A 55 -5.38 -6.42 11.09
C THR A 55 -5.20 -6.04 9.62
N GLU A 56 -6.29 -6.10 8.85
CA GLU A 56 -6.24 -5.75 7.44
C GLU A 56 -6.57 -4.28 7.23
N ALA A 57 -6.02 -3.70 6.17
CA ALA A 57 -6.26 -2.29 5.86
C ALA A 57 -6.89 -2.15 4.48
N GLU A 58 -7.53 -1.00 4.25
CA GLU A 58 -8.17 -0.73 2.97
C GLU A 58 -7.19 -0.13 1.98
N ALA A 59 -7.17 -0.67 0.77
CA ALA A 59 -6.27 -0.18 -0.28
C ALA A 59 -7.05 0.19 -1.54
N ASP A 60 -7.00 1.47 -1.90
CA ASP A 60 -7.69 1.95 -3.08
C ASP A 60 -7.04 1.43 -4.35
N VAL A 61 -7.86 0.92 -5.26
CA VAL A 61 -7.36 0.38 -6.52
C VAL A 61 -8.02 1.08 -7.72
N ILE A 62 -7.20 1.44 -8.70
CA ILE A 62 -7.70 2.10 -9.90
C ILE A 62 -7.23 1.39 -11.16
N GLU A 63 -8.17 0.74 -11.85
CA GLU A 63 -7.85 0.01 -13.08
C GLU A 63 -7.79 0.97 -14.27
N ASN A 64 -6.82 0.73 -15.15
CA ASN A 64 -6.66 1.57 -16.33
C ASN A 64 -7.03 0.80 -17.60
N GLU A 65 -7.36 1.53 -18.66
CA GLU A 65 -7.75 0.92 -19.92
C GLU A 65 -6.51 0.68 -20.80
N ASP A 66 -5.34 0.68 -20.18
CA ASP A 66 -4.10 0.45 -20.89
C ASP A 66 -3.38 -0.79 -20.37
N GLY A 67 -3.76 -1.22 -19.17
CA GLY A 67 -3.15 -2.40 -18.58
C GLY A 67 -2.31 -2.06 -17.36
N THR A 68 -2.83 -1.18 -16.51
CA THR A 68 -2.13 -0.77 -15.30
C THR A 68 -3.10 -0.58 -14.14
N TYR A 69 -2.56 -0.55 -12.93
CA TYR A 69 -3.38 -0.37 -11.73
C TYR A 69 -2.66 0.49 -10.70
N ASP A 70 -3.32 1.55 -10.25
CA ASP A 70 -2.75 2.46 -9.26
C ASP A 70 -3.29 2.16 -7.87
N ILE A 71 -2.40 2.02 -6.90
CA ILE A 71 -2.79 1.74 -5.53
C ILE A 71 -2.10 2.68 -4.55
N PHE A 72 -2.87 3.19 -3.59
CA PHE A 72 -2.34 4.12 -2.60
C PHE A 72 -2.65 3.63 -1.19
N TYR A 73 -1.81 4.01 -0.23
CA TYR A 73 -2.00 3.62 1.16
C TYR A 73 -1.19 4.51 2.09
N THR A 74 -1.74 4.76 3.28
CA THR A 74 -1.06 5.59 4.27
C THR A 74 -0.61 4.78 5.47
N ALA A 75 0.32 5.32 6.24
CA ALA A 75 0.83 4.64 7.43
C ALA A 75 0.51 5.43 8.69
N ALA A 76 -0.62 5.11 9.32
CA ALA A 76 -1.04 5.78 10.54
C ALA A 76 0.04 5.69 11.61
N LYS A 77 0.55 4.48 11.82
CA LYS A 77 1.58 4.25 12.82
C LYS A 77 2.76 3.46 12.23
N PRO A 78 3.94 3.67 12.80
CA PRO A 78 5.17 2.99 12.35
C PRO A 78 5.15 1.49 12.67
N GLY A 79 5.88 0.73 11.87
CA GLY A 79 5.94 -0.71 12.09
C GLY A 79 6.29 -1.47 10.82
N THR A 80 5.95 -2.76 10.79
CA THR A 80 6.23 -3.60 9.64
C THR A 80 4.96 -3.90 8.85
N TYR A 81 4.80 -3.23 7.71
CA TYR A 81 3.62 -3.43 6.87
C TYR A 81 3.87 -4.53 5.84
N VAL A 82 2.87 -5.38 5.63
CA VAL A 82 2.97 -6.47 4.67
C VAL A 82 1.93 -6.33 3.57
N ILE A 83 2.40 -6.03 2.36
CA ILE A 83 1.50 -5.86 1.22
C ILE A 83 1.47 -7.13 0.37
N TYR A 84 0.26 -7.56 -0.01
CA TYR A 84 0.09 -8.75 -0.82
C TYR A 84 -0.32 -8.39 -2.24
N VAL A 85 0.51 -8.78 -3.21
CA VAL A 85 0.23 -8.49 -4.61
C VAL A 85 0.28 -9.76 -5.45
N ARG A 86 -0.69 -9.92 -6.33
CA ARG A 86 -0.76 -11.10 -7.20
C ARG A 86 -1.31 -10.73 -8.58
N PHE A 87 -0.98 -11.55 -9.57
CA PHE A 87 -1.45 -11.31 -10.93
C PHE A 87 -2.13 -12.56 -11.50
N GLY A 88 -3.44 -12.47 -11.71
CA GLY A 88 -4.18 -13.59 -12.24
C GLY A 88 -4.21 -14.77 -11.29
N GLY A 89 -4.21 -14.49 -9.99
CA GLY A 89 -4.24 -15.56 -9.00
C GLY A 89 -2.86 -16.13 -8.75
N VAL A 90 -1.82 -15.34 -9.02
CA VAL A 90 -0.45 -15.78 -8.82
C VAL A 90 0.35 -14.76 -8.01
N ASP A 91 0.78 -15.16 -6.83
CA ASP A 91 1.55 -14.28 -5.96
C ASP A 91 2.96 -14.07 -6.51
N ILE A 92 3.16 -12.93 -7.17
CA ILE A 92 4.46 -12.61 -7.76
C ILE A 92 5.59 -13.00 -6.81
N PRO A 93 6.78 -13.22 -7.38
CA PRO A 93 7.98 -13.60 -6.61
C PRO A 93 8.50 -12.46 -5.75
N ASN A 94 7.80 -11.32 -5.78
CA ASN A 94 8.19 -10.16 -4.99
C ASN A 94 7.29 -10.00 -3.77
N SER A 95 6.21 -10.78 -3.72
CA SER A 95 5.27 -10.73 -2.62
C SER A 95 5.57 -11.82 -1.60
N PRO A 96 5.37 -11.50 -0.31
CA PRO A 96 4.91 -10.17 0.11
C PRO A 96 5.96 -9.08 -0.10
N PHE A 97 5.59 -7.85 0.22
CA PHE A 97 6.50 -6.72 0.06
C PHE A 97 6.84 -6.09 1.41
N THR A 98 8.01 -6.44 1.94
CA THR A 98 8.45 -5.92 3.22
C THR A 98 8.68 -4.41 3.15
N VAL A 99 7.87 -3.67 3.91
CA VAL A 99 7.99 -2.22 3.94
C VAL A 99 8.07 -1.70 5.37
N MET A 100 9.18 -1.02 5.68
CA MET A 100 9.39 -0.48 7.03
C MET A 100 8.92 0.97 7.10
N ALA A 101 8.11 1.28 8.10
CA ALA A 101 7.60 2.63 8.28
C ALA A 101 8.39 3.38 9.34
N THR A 102 9.03 4.48 8.93
CA THR A 102 9.81 5.29 9.85
C THR A 102 9.19 6.66 10.06
N ASP A 103 9.25 7.15 11.29
CA ASP A 103 8.70 8.46 11.63
C ASP A 103 9.21 9.53 10.68
N GLY A 104 10.45 9.35 10.22
CA GLY A 104 11.05 10.32 9.31
C GLY A 104 10.91 11.75 9.82
N GLU A 105 11.43 12.69 9.04
CA GLU A 105 11.38 14.09 9.41
C GLU A 105 10.34 14.83 8.57
N VAL A 106 9.99 16.05 8.99
CA VAL A 106 9.02 16.86 8.28
C VAL A 106 9.61 18.20 7.86
N THR A 107 9.23 18.66 6.67
CA THR A 107 9.72 19.93 6.15
C THR A 107 8.72 21.05 6.37
N ALA A 108 9.23 22.27 6.56
CA ALA A 108 8.38 23.42 6.79
C ALA A 108 7.82 23.96 5.48
N VAL A 109 6.67 23.42 5.07
CA VAL A 109 6.04 23.85 3.82
C VAL A 109 4.92 24.85 4.10
N GLU A 110 4.93 25.96 3.36
CA GLU A 110 3.92 26.99 3.53
C GLU A 110 2.53 26.47 3.14
N GLU A 111 1.50 27.01 3.78
CA GLU A 111 0.13 26.59 3.51
C GLU A 111 -0.71 27.76 3.00
N ALA A 112 -1.26 27.61 1.79
CA ALA A 112 -2.07 28.66 1.20
C ALA A 112 -3.00 28.09 0.13
N PRO A 113 -4.22 28.64 0.04
CA PRO A 113 -5.22 28.20 -0.94
C PRO A 113 -4.84 28.57 -2.36
N VAL A 114 -4.45 29.83 -2.57
CA VAL A 114 -4.06 30.31 -3.89
C VAL A 114 -2.81 29.58 -4.38
N ASN A 115 -3.00 28.64 -5.29
CA ASN A 115 -1.89 27.87 -5.85
C ASN A 115 -1.37 28.53 -7.13
N ALA A 116 -0.05 28.50 -7.31
CA ALA A 116 0.56 29.08 -8.49
C ALA A 116 0.36 28.19 -9.72
N CYS A 117 -0.54 28.60 -10.60
CA CYS A 117 -0.84 27.84 -11.81
C CYS A 117 -0.43 28.64 -13.05
N PRO A 118 0.25 27.96 -13.98
CA PRO A 118 0.71 28.57 -15.23
C PRO A 118 -0.44 28.89 -16.17
N SER A 119 -0.24 29.88 -17.03
CA SER A 119 -1.27 30.30 -17.98
C SER A 119 -0.67 31.18 -19.07
N GLY A 120 -1.24 31.12 -20.27
CA GLY A 120 -0.76 31.93 -21.37
C GLY A 120 -1.83 32.19 -22.41
N PRO A 121 -2.83 33.01 -22.04
CA PRO A 121 -3.95 33.35 -22.93
C PRO A 121 -3.50 34.25 -24.08
N SER A 122 -3.94 33.92 -25.29
CA SER A 122 -3.58 34.69 -26.47
C SER A 122 -4.56 34.43 -27.61
N SER A 123 -4.78 35.45 -28.43
CA SER A 123 -5.71 35.34 -29.56
C SER A 123 -5.18 36.11 -30.77
N GLY A 124 -5.86 35.94 -31.90
CA GLY A 124 -5.45 36.61 -33.12
C GLY A 124 -6.60 36.84 -34.08
N GLY A 1 -19.73 -27.74 -12.94
CA GLY A 1 -19.12 -26.86 -13.92
C GLY A 1 -17.64 -27.14 -14.10
N SER A 2 -16.88 -26.11 -14.43
CA SER A 2 -15.44 -26.26 -14.64
C SER A 2 -14.67 -25.14 -13.93
N SER A 3 -13.98 -25.48 -12.86
CA SER A 3 -13.20 -24.51 -12.10
C SER A 3 -11.96 -24.08 -12.88
N GLY A 4 -12.00 -22.87 -13.42
CA GLY A 4 -10.87 -22.36 -14.18
C GLY A 4 -11.14 -20.98 -14.76
N SER A 5 -10.58 -19.96 -14.11
CA SER A 5 -10.76 -18.59 -14.56
C SER A 5 -10.76 -18.50 -16.09
N SER A 6 -11.38 -17.46 -16.62
CA SER A 6 -11.46 -17.26 -18.06
C SER A 6 -10.21 -16.57 -18.58
N GLY A 7 -9.23 -17.36 -19.04
CA GLY A 7 -8.01 -16.80 -19.55
C GLY A 7 -6.80 -17.21 -18.75
N THR A 8 -5.61 -16.92 -19.27
CA THR A 8 -4.36 -17.27 -18.59
C THR A 8 -3.41 -16.08 -18.54
N GLY A 9 -2.59 -16.03 -17.50
CA GLY A 9 -1.64 -14.95 -17.35
C GLY A 9 -0.51 -15.29 -16.41
N ASP A 10 0.46 -14.38 -16.29
CA ASP A 10 1.60 -14.60 -15.41
C ASP A 10 1.85 -13.37 -14.54
N ALA A 11 2.41 -13.59 -13.35
CA ALA A 11 2.69 -12.51 -12.42
C ALA A 11 4.17 -12.15 -12.45
N SER A 12 5.03 -13.16 -12.39
CA SER A 12 6.48 -12.95 -12.39
C SER A 12 6.86 -11.91 -13.44
N LYS A 13 6.05 -11.81 -14.50
CA LYS A 13 6.31 -10.86 -15.56
C LYS A 13 5.95 -9.44 -15.14
N CYS A 14 4.87 -9.33 -14.37
CA CYS A 14 4.42 -8.02 -13.89
C CYS A 14 5.51 -7.35 -13.04
N LEU A 15 5.49 -6.02 -13.01
CA LEU A 15 6.47 -5.26 -12.25
C LEU A 15 5.78 -4.24 -11.35
N ALA A 16 6.45 -3.86 -10.27
CA ALA A 16 5.92 -2.90 -9.32
C ALA A 16 6.89 -1.74 -9.09
N THR A 17 6.53 -0.56 -9.58
CA THR A 17 7.37 0.62 -9.42
C THR A 17 6.60 1.77 -8.80
N GLY A 18 7.06 2.22 -7.64
CA GLY A 18 6.40 3.32 -6.95
C GLY A 18 7.03 3.62 -5.60
N PRO A 19 6.78 4.83 -5.09
CA PRO A 19 7.31 5.27 -3.80
C PRO A 19 6.69 4.54 -2.63
N GLY A 20 5.55 3.90 -2.88
CA GLY A 20 4.86 3.16 -1.83
C GLY A 20 5.56 1.86 -1.48
N ILE A 21 6.02 1.14 -2.50
CA ILE A 21 6.71 -0.13 -2.29
C ILE A 21 8.17 0.10 -1.94
N ALA A 22 8.52 1.34 -1.63
CA ALA A 22 9.89 1.69 -1.27
C ALA A 22 10.33 0.93 -0.02
N SER A 23 11.54 0.38 -0.07
CA SER A 23 12.08 -0.38 1.06
C SER A 23 11.65 0.25 2.38
N THR A 24 11.58 1.58 2.40
CA THR A 24 11.18 2.30 3.60
C THR A 24 10.47 3.60 3.25
N VAL A 25 9.40 3.90 3.99
CA VAL A 25 8.63 5.12 3.75
C VAL A 25 8.32 5.83 5.06
N LYS A 26 7.73 7.02 4.96
CA LYS A 26 7.37 7.80 6.14
C LYS A 26 5.91 7.58 6.52
N THR A 27 5.59 7.75 7.79
CA THR A 27 4.24 7.57 8.29
C THR A 27 3.40 8.83 8.07
N GLY A 28 2.08 8.66 8.07
CA GLY A 28 1.19 9.79 7.87
C GLY A 28 1.03 10.15 6.41
N GLU A 29 2.09 10.00 5.64
CA GLU A 29 2.06 10.31 4.21
C GLU A 29 1.43 9.17 3.42
N GLU A 30 0.74 9.51 2.34
CA GLU A 30 0.09 8.51 1.50
C GLU A 30 0.90 8.25 0.23
N VAL A 31 1.34 7.01 0.06
CA VAL A 31 2.12 6.64 -1.11
C VAL A 31 1.22 6.23 -2.27
N GLY A 32 1.83 6.00 -3.43
CA GLY A 32 1.05 5.61 -4.60
C GLY A 32 1.92 4.94 -5.66
N PHE A 33 1.85 3.61 -5.70
CA PHE A 33 2.63 2.84 -6.67
C PHE A 33 1.74 2.31 -7.79
N VAL A 34 2.36 1.93 -8.90
CA VAL A 34 1.63 1.40 -10.04
C VAL A 34 2.28 0.14 -10.59
N VAL A 35 1.46 -0.86 -10.91
CA VAL A 35 1.97 -2.12 -11.44
C VAL A 35 2.05 -2.08 -12.97
N ASP A 36 3.27 -2.07 -13.49
CA ASP A 36 3.48 -2.04 -14.93
C ASP A 36 3.42 -3.44 -15.52
N ALA A 37 2.58 -3.60 -16.54
CA ALA A 37 2.42 -4.90 -17.20
C ALA A 37 2.56 -4.76 -18.71
N LYS A 38 3.46 -5.55 -19.29
CA LYS A 38 3.69 -5.53 -20.73
C LYS A 38 3.36 -6.88 -21.36
N THR A 39 3.93 -7.94 -20.81
CA THR A 39 3.70 -9.28 -21.31
C THR A 39 2.88 -10.12 -20.33
N ALA A 40 2.82 -9.65 -19.08
CA ALA A 40 2.06 -10.34 -18.04
C ALA A 40 0.81 -10.98 -18.62
N GLY A 41 0.21 -10.32 -19.61
CA GLY A 41 -1.00 -10.84 -20.23
C GLY A 41 -2.25 -10.36 -19.54
N LYS A 42 -3.18 -11.29 -19.28
CA LYS A 42 -4.43 -10.96 -18.61
C LYS A 42 -4.37 -11.34 -17.14
N GLY A 43 -5.10 -10.59 -16.31
CA GLY A 43 -5.13 -10.86 -14.89
C GLY A 43 -5.44 -9.63 -14.06
N LYS A 44 -6.01 -9.84 -12.89
CA LYS A 44 -6.36 -8.72 -12.00
C LYS A 44 -5.28 -8.50 -10.96
N VAL A 45 -5.00 -7.23 -10.66
CA VAL A 45 -3.99 -6.89 -9.67
C VAL A 45 -4.62 -6.45 -8.35
N THR A 46 -4.64 -7.35 -7.39
CA THR A 46 -5.23 -7.05 -6.08
C THR A 46 -4.14 -6.78 -5.05
N CYS A 47 -4.38 -5.80 -4.19
CA CYS A 47 -3.42 -5.43 -3.16
C CYS A 47 -4.05 -5.57 -1.77
N THR A 48 -3.24 -5.99 -0.79
CA THR A 48 -3.71 -6.16 0.57
C THR A 48 -2.73 -5.56 1.58
N VAL A 49 -3.07 -4.38 2.09
CA VAL A 49 -2.21 -3.70 3.06
C VAL A 49 -2.38 -4.30 4.45
N LEU A 50 -1.30 -4.89 4.96
CA LEU A 50 -1.32 -5.50 6.29
C LEU A 50 -0.60 -4.62 7.31
N THR A 51 -1.28 -4.34 8.42
CA THR A 51 -0.70 -3.51 9.47
C THR A 51 0.09 -4.35 10.46
N PRO A 52 1.16 -3.77 11.02
CA PRO A 52 2.02 -4.45 12.00
C PRO A 52 1.32 -4.68 13.33
N ASP A 53 0.09 -4.19 13.44
CA ASP A 53 -0.69 -4.35 14.66
C ASP A 53 -1.41 -5.69 14.68
N GLY A 54 -1.60 -6.27 13.49
CA GLY A 54 -2.27 -7.55 13.40
C GLY A 54 -3.66 -7.43 12.79
N THR A 55 -3.85 -6.42 11.95
CA THR A 55 -5.13 -6.19 11.30
C THR A 55 -4.97 -5.99 9.79
N GLU A 56 -6.02 -6.30 9.04
CA GLU A 56 -5.98 -6.15 7.59
C GLU A 56 -6.59 -4.82 7.17
N ALA A 57 -5.83 -4.06 6.37
CA ALA A 57 -6.30 -2.76 5.90
C ALA A 57 -6.76 -2.84 4.45
N GLU A 58 -7.64 -1.92 4.07
CA GLU A 58 -8.16 -1.89 2.70
C GLU A 58 -7.41 -0.87 1.85
N ALA A 59 -7.16 -1.21 0.60
CA ALA A 59 -6.45 -0.33 -0.32
C ALA A 59 -7.28 -0.06 -1.56
N ASP A 60 -6.90 0.98 -2.31
CA ASP A 60 -7.60 1.35 -3.53
C ASP A 60 -6.84 0.87 -4.77
N VAL A 61 -7.58 0.40 -5.77
CA VAL A 61 -6.97 -0.08 -7.00
C VAL A 61 -7.63 0.54 -8.22
N ILE A 62 -6.87 1.35 -8.96
CA ILE A 62 -7.39 2.00 -10.15
C ILE A 62 -6.74 1.45 -11.41
N GLU A 63 -7.52 0.74 -12.21
CA GLU A 63 -7.01 0.14 -13.46
C GLU A 63 -6.87 1.21 -14.54
N ASN A 64 -6.00 0.95 -15.51
CA ASN A 64 -5.76 1.87 -16.60
C ASN A 64 -6.01 1.21 -17.95
N GLU A 65 -6.34 2.02 -18.96
CA GLU A 65 -6.60 1.50 -20.29
C GLU A 65 -5.35 0.86 -20.88
N ASP A 66 -4.19 1.29 -20.41
CA ASP A 66 -2.92 0.76 -20.89
C ASP A 66 -2.66 -0.64 -20.32
N GLY A 67 -3.33 -0.93 -19.21
CA GLY A 67 -3.15 -2.23 -18.57
C GLY A 67 -2.38 -2.14 -17.27
N THR A 68 -2.38 -0.96 -16.66
CA THR A 68 -1.68 -0.74 -15.41
C THR A 68 -2.65 -0.50 -14.26
N TYR A 69 -2.21 -0.81 -13.04
CA TYR A 69 -3.05 -0.64 -11.86
C TYR A 69 -2.36 0.26 -10.84
N ASP A 70 -3.09 1.28 -10.37
CA ASP A 70 -2.55 2.21 -9.38
C ASP A 70 -3.10 1.90 -7.99
N ILE A 71 -2.20 1.83 -7.01
CA ILE A 71 -2.59 1.55 -5.64
C ILE A 71 -1.99 2.56 -4.67
N PHE A 72 -2.79 3.00 -3.71
CA PHE A 72 -2.34 3.98 -2.72
C PHE A 72 -2.69 3.52 -1.31
N TYR A 73 -1.80 3.81 -0.37
CA TYR A 73 -2.02 3.42 1.02
C TYR A 73 -1.22 4.33 1.97
N THR A 74 -1.71 4.44 3.20
CA THR A 74 -1.04 5.28 4.20
C THR A 74 -0.72 4.49 5.46
N ALA A 75 0.40 4.81 6.09
CA ALA A 75 0.82 4.12 7.31
C ALA A 75 0.85 5.07 8.49
N ALA A 76 -0.26 5.11 9.23
CA ALA A 76 -0.37 5.98 10.39
C ALA A 76 0.69 5.65 11.43
N LYS A 77 0.71 4.40 11.88
CA LYS A 77 1.68 3.94 12.87
C LYS A 77 2.86 3.24 12.20
N PRO A 78 4.04 3.35 12.82
CA PRO A 78 5.26 2.73 12.30
C PRO A 78 5.23 1.20 12.42
N GLY A 79 6.30 0.56 11.96
CA GLY A 79 6.38 -0.89 12.03
C GLY A 79 6.73 -1.52 10.70
N THR A 80 6.33 -2.77 10.50
CA THR A 80 6.60 -3.48 9.27
C THR A 80 5.31 -3.88 8.56
N TYR A 81 4.92 -3.10 7.57
CA TYR A 81 3.70 -3.37 6.82
C TYR A 81 3.94 -4.44 5.75
N VAL A 82 3.01 -5.38 5.63
CA VAL A 82 3.12 -6.45 4.65
C VAL A 82 2.07 -6.31 3.56
N ILE A 83 2.52 -6.05 2.33
CA ILE A 83 1.62 -5.89 1.20
C ILE A 83 1.62 -7.13 0.31
N TYR A 84 0.43 -7.65 0.04
CA TYR A 84 0.29 -8.84 -0.80
C TYR A 84 -0.24 -8.48 -2.19
N VAL A 85 0.58 -8.72 -3.21
CA VAL A 85 0.19 -8.42 -4.58
C VAL A 85 -0.01 -9.70 -5.39
N ARG A 86 -1.16 -9.79 -6.07
CA ARG A 86 -1.47 -10.97 -6.87
C ARG A 86 -1.92 -10.55 -8.27
N PHE A 87 -1.55 -11.35 -9.26
CA PHE A 87 -1.92 -11.07 -10.65
C PHE A 87 -2.55 -12.29 -11.30
N GLY A 88 -3.87 -12.24 -11.48
CA GLY A 88 -4.57 -13.36 -12.10
C GLY A 88 -4.41 -14.65 -11.31
N GLY A 89 -4.61 -14.56 -10.00
CA GLY A 89 -4.48 -15.74 -9.16
C GLY A 89 -3.05 -16.25 -9.08
N VAL A 90 -2.10 -15.34 -9.26
CA VAL A 90 -0.69 -15.69 -9.21
C VAL A 90 0.12 -14.67 -8.42
N ASP A 91 0.51 -15.04 -7.21
CA ASP A 91 1.28 -14.15 -6.35
C ASP A 91 2.70 -13.96 -6.90
N ILE A 92 2.99 -12.74 -7.34
CA ILE A 92 4.30 -12.43 -7.89
C ILE A 92 5.41 -12.91 -6.96
N PRO A 93 6.59 -13.17 -7.54
CA PRO A 93 7.76 -13.63 -6.78
C PRO A 93 8.33 -12.55 -5.87
N ASN A 94 7.67 -11.40 -5.85
CA ASN A 94 8.11 -10.28 -5.02
C ASN A 94 7.24 -10.13 -3.78
N SER A 95 6.15 -10.90 -3.74
CA SER A 95 5.23 -10.86 -2.61
C SER A 95 5.52 -11.99 -1.63
N PRO A 96 5.34 -11.71 -0.33
CA PRO A 96 4.90 -10.40 0.13
C PRO A 96 5.97 -9.32 -0.06
N PHE A 97 5.65 -8.10 0.35
CA PHE A 97 6.58 -6.98 0.21
C PHE A 97 6.87 -6.35 1.58
N THR A 98 8.13 -6.38 1.98
CA THR A 98 8.54 -5.81 3.26
C THR A 98 8.60 -4.29 3.20
N VAL A 99 7.70 -3.63 3.92
CA VAL A 99 7.65 -2.17 3.94
C VAL A 99 7.79 -1.64 5.36
N MET A 100 8.90 -0.97 5.64
CA MET A 100 9.15 -0.41 6.97
C MET A 100 8.74 1.06 7.02
N ALA A 101 7.71 1.36 7.80
CA ALA A 101 7.23 2.73 7.94
C ALA A 101 7.94 3.45 9.08
N THR A 102 8.44 4.64 8.81
CA THR A 102 9.13 5.43 9.81
C THR A 102 8.29 6.59 10.29
N ASP A 103 8.47 6.98 11.55
CA ASP A 103 7.71 8.09 12.12
C ASP A 103 8.14 9.42 11.50
N GLY A 104 9.36 9.47 11.00
CA GLY A 104 9.87 10.69 10.38
C GLY A 104 10.48 11.63 11.39
N GLU A 105 10.68 12.88 10.98
CA GLU A 105 11.27 13.89 11.86
C GLU A 105 10.31 14.26 12.99
N VAL A 106 10.66 13.88 14.21
CA VAL A 106 9.83 14.16 15.38
C VAL A 106 9.50 15.65 15.45
N THR A 107 10.51 16.50 15.24
CA THR A 107 10.32 17.94 15.28
C THR A 107 9.47 18.35 16.49
N ALA A 108 9.87 17.88 17.67
CA ALA A 108 9.16 18.20 18.89
C ALA A 108 10.02 17.95 20.12
N VAL A 109 10.38 19.02 20.82
CA VAL A 109 11.20 18.91 22.02
C VAL A 109 10.49 18.14 23.12
N GLU A 110 11.17 17.15 23.68
CA GLU A 110 10.59 16.34 24.75
C GLU A 110 11.50 16.30 25.96
N GLU A 111 10.91 16.41 27.15
CA GLU A 111 11.68 16.39 28.39
C GLU A 111 11.24 15.23 29.28
N ALA A 112 12.19 14.61 29.95
CA ALA A 112 11.91 13.50 30.85
C ALA A 112 11.89 13.95 32.30
N PRO A 113 10.84 13.53 33.03
CA PRO A 113 10.67 13.88 34.45
C PRO A 113 11.70 13.19 35.34
N VAL A 114 11.68 13.53 36.63
CA VAL A 114 12.61 12.94 37.58
C VAL A 114 11.89 12.49 38.85
N ASN A 115 12.49 11.56 39.56
CA ASN A 115 11.90 11.04 40.80
C ASN A 115 12.54 11.68 42.02
N ALA A 116 11.91 12.73 42.53
CA ALA A 116 12.42 13.44 43.70
C ALA A 116 11.59 13.12 44.94
N CYS A 117 12.27 12.70 46.01
CA CYS A 117 11.60 12.36 47.25
C CYS A 117 11.92 13.37 48.34
N PRO A 118 10.94 13.64 49.21
CA PRO A 118 11.10 14.59 50.31
C PRO A 118 12.04 14.07 51.40
N SER A 119 12.51 14.98 52.25
CA SER A 119 13.42 14.61 53.34
C SER A 119 13.48 15.71 54.39
N GLY A 120 13.31 15.32 55.64
CA GLY A 120 13.35 16.28 56.73
C GLY A 120 13.24 15.62 58.10
N PRO A 121 13.91 16.21 59.10
CA PRO A 121 13.90 15.69 60.46
C PRO A 121 12.55 15.87 61.15
N SER A 122 12.38 15.24 62.30
CA SER A 122 11.13 15.33 63.05
C SER A 122 11.40 15.47 64.54
N SER A 123 10.58 16.28 65.21
CA SER A 123 10.73 16.50 66.65
C SER A 123 9.45 17.10 67.24
N GLY A 124 9.34 17.06 68.56
CA GLY A 124 8.16 17.59 69.22
C GLY A 124 7.85 16.86 70.52
N GLY A 1 -11.55 -24.21 -24.69
CA GLY A 1 -11.15 -22.81 -24.61
C GLY A 1 -12.30 -21.86 -24.92
N SER A 2 -12.12 -20.58 -24.61
CA SER A 2 -13.15 -19.58 -24.85
C SER A 2 -12.69 -18.58 -25.92
N SER A 3 -13.65 -18.07 -26.69
CA SER A 3 -13.35 -17.11 -27.74
C SER A 3 -13.18 -15.71 -27.16
N GLY A 4 -14.14 -15.28 -26.36
CA GLY A 4 -14.07 -13.97 -25.75
C GLY A 4 -12.71 -13.66 -25.17
N SER A 5 -12.42 -14.22 -24.00
CA SER A 5 -11.14 -14.00 -23.34
C SER A 5 -10.85 -15.12 -22.33
N SER A 6 -9.74 -15.81 -22.54
CA SER A 6 -9.35 -16.90 -21.65
C SER A 6 -8.51 -16.38 -20.49
N GLY A 7 -8.28 -17.25 -19.50
CA GLY A 7 -7.49 -16.87 -18.35
C GLY A 7 -6.06 -17.38 -18.41
N THR A 8 -5.26 -16.78 -19.28
CA THR A 8 -3.86 -17.18 -19.44
C THR A 8 -2.93 -15.99 -19.31
N GLY A 9 -1.79 -16.22 -18.66
CA GLY A 9 -0.81 -15.15 -18.46
C GLY A 9 0.23 -15.50 -17.43
N ASP A 10 1.15 -14.57 -17.18
CA ASP A 10 2.21 -14.79 -16.21
C ASP A 10 2.33 -13.60 -15.26
N ALA A 11 2.64 -13.88 -14.00
CA ALA A 11 2.79 -12.83 -13.00
C ALA A 11 4.24 -12.42 -12.84
N SER A 12 5.11 -13.40 -12.62
CA SER A 12 6.53 -13.15 -12.44
C SER A 12 7.02 -12.08 -13.43
N LYS A 13 6.45 -12.10 -14.62
CA LYS A 13 6.81 -11.14 -15.66
C LYS A 13 6.42 -9.72 -15.25
N CYS A 14 5.22 -9.58 -14.68
CA CYS A 14 4.73 -8.28 -14.25
C CYS A 14 5.77 -7.55 -13.41
N LEU A 15 5.52 -6.28 -13.12
CA LEU A 15 6.44 -5.48 -12.33
C LEU A 15 5.68 -4.49 -11.45
N ALA A 16 6.32 -4.03 -10.39
CA ALA A 16 5.70 -3.07 -9.47
C ALA A 16 6.63 -1.88 -9.22
N THR A 17 6.21 -0.71 -9.69
CA THR A 17 6.99 0.51 -9.51
C THR A 17 6.18 1.59 -8.81
N GLY A 18 6.69 2.05 -7.67
CA GLY A 18 5.99 3.08 -6.91
C GLY A 18 6.67 3.38 -5.60
N PRO A 19 6.40 4.58 -5.05
CA PRO A 19 6.97 5.01 -3.77
C PRO A 19 6.41 4.23 -2.58
N GLY A 20 5.20 3.71 -2.76
CA GLY A 20 4.57 2.95 -1.69
C GLY A 20 5.31 1.67 -1.37
N ILE A 21 5.74 0.97 -2.42
CA ILE A 21 6.47 -0.29 -2.25
C ILE A 21 7.95 -0.04 -2.04
N ALA A 22 8.29 1.17 -1.61
CA ALA A 22 9.68 1.54 -1.36
C ALA A 22 10.22 0.83 -0.12
N SER A 23 11.44 0.31 -0.23
CA SER A 23 12.07 -0.40 0.88
C SER A 23 11.71 0.26 2.21
N THR A 24 11.72 1.59 2.23
CA THR A 24 11.39 2.34 3.44
C THR A 24 10.57 3.57 3.11
N VAL A 25 9.41 3.70 3.76
CA VAL A 25 8.53 4.84 3.54
C VAL A 25 8.29 5.61 4.83
N LYS A 26 7.84 6.85 4.70
CA LYS A 26 7.57 7.69 5.87
C LYS A 26 6.12 7.54 6.32
N THR A 27 5.92 7.41 7.63
CA THR A 27 4.59 7.26 8.20
C THR A 27 3.75 8.50 7.94
N GLY A 28 2.43 8.29 7.82
CA GLY A 28 1.54 9.40 7.58
C GLY A 28 1.47 9.79 6.11
N GLU A 29 2.63 9.85 5.47
CA GLU A 29 2.70 10.22 4.06
C GLU A 29 1.87 9.26 3.20
N GLU A 30 1.09 9.81 2.29
CA GLU A 30 0.25 9.01 1.42
C GLU A 30 1.01 8.60 0.16
N VAL A 31 1.36 7.32 0.07
CA VAL A 31 2.08 6.79 -1.08
C VAL A 31 1.12 6.35 -2.18
N GLY A 32 1.68 6.04 -3.35
CA GLY A 32 0.86 5.60 -4.47
C GLY A 32 1.66 4.89 -5.53
N PHE A 33 1.62 3.56 -5.52
CA PHE A 33 2.35 2.75 -6.49
C PHE A 33 1.41 2.19 -7.55
N VAL A 34 1.95 1.90 -8.72
CA VAL A 34 1.17 1.35 -9.82
C VAL A 34 1.84 0.13 -10.42
N VAL A 35 1.03 -0.85 -10.82
CA VAL A 35 1.55 -2.08 -11.41
C VAL A 35 1.56 -1.99 -12.94
N ASP A 36 2.74 -2.16 -13.52
CA ASP A 36 2.89 -2.10 -14.97
C ASP A 36 2.98 -3.50 -15.57
N ALA A 37 2.35 -3.68 -16.72
CA ALA A 37 2.36 -4.98 -17.41
C ALA A 37 2.78 -4.84 -18.86
N LYS A 38 3.78 -5.60 -19.27
CA LYS A 38 4.27 -5.56 -20.64
C LYS A 38 4.14 -6.92 -21.31
N THR A 39 4.59 -7.97 -20.62
CA THR A 39 4.52 -9.32 -21.14
C THR A 39 3.59 -10.19 -20.30
N ALA A 40 3.39 -9.80 -19.05
CA ALA A 40 2.53 -10.54 -18.14
C ALA A 40 1.31 -11.08 -18.86
N GLY A 41 0.67 -10.22 -19.66
CA GLY A 41 -0.51 -10.63 -20.41
C GLY A 41 -1.79 -10.22 -19.71
N LYS A 42 -2.76 -11.13 -19.69
CA LYS A 42 -4.05 -10.87 -19.05
C LYS A 42 -4.02 -11.28 -17.59
N GLY A 43 -4.82 -10.60 -16.76
CA GLY A 43 -4.88 -10.92 -15.35
C GLY A 43 -5.20 -9.72 -14.49
N LYS A 44 -5.78 -9.96 -13.32
CA LYS A 44 -6.15 -8.88 -12.41
C LYS A 44 -5.06 -8.67 -11.35
N VAL A 45 -5.12 -7.52 -10.68
CA VAL A 45 -4.14 -7.20 -9.65
C VAL A 45 -4.84 -6.81 -8.34
N THR A 46 -4.71 -7.68 -7.34
CA THR A 46 -5.32 -7.42 -6.04
C THR A 46 -4.28 -6.98 -5.02
N CYS A 47 -4.63 -5.98 -4.23
CA CYS A 47 -3.72 -5.45 -3.20
C CYS A 47 -4.36 -5.53 -1.83
N THR A 48 -3.53 -5.76 -0.81
CA THR A 48 -4.01 -5.86 0.57
C THR A 48 -2.97 -5.33 1.55
N VAL A 49 -3.26 -4.19 2.17
CA VAL A 49 -2.35 -3.60 3.14
C VAL A 49 -2.54 -4.21 4.52
N LEU A 50 -1.48 -4.83 5.04
CA LEU A 50 -1.54 -5.47 6.35
C LEU A 50 -0.78 -4.62 7.38
N THR A 51 -1.47 -4.25 8.46
CA THR A 51 -0.86 -3.46 9.51
C THR A 51 0.00 -4.32 10.42
N PRO A 52 1.06 -3.72 10.98
CA PRO A 52 1.99 -4.41 11.88
C PRO A 52 1.34 -4.74 13.23
N ASP A 53 0.07 -4.38 13.38
CA ASP A 53 -0.66 -4.64 14.61
C ASP A 53 -1.30 -6.03 14.59
N GLY A 54 -1.58 -6.52 13.39
CA GLY A 54 -2.19 -7.83 13.25
C GLY A 54 -3.54 -7.77 12.56
N THR A 55 -3.80 -6.66 11.88
CA THR A 55 -5.07 -6.49 11.17
C THR A 55 -4.84 -6.02 9.74
N GLU A 56 -5.83 -6.22 8.88
CA GLU A 56 -5.74 -5.82 7.49
C GLU A 56 -6.68 -4.66 7.20
N ALA A 57 -6.29 -3.82 6.24
CA ALA A 57 -7.10 -2.67 5.86
C ALA A 57 -7.43 -2.69 4.38
N GLU A 58 -8.34 -1.82 3.96
CA GLU A 58 -8.75 -1.74 2.56
C GLU A 58 -7.86 -0.79 1.79
N ALA A 59 -7.55 -1.13 0.54
CA ALA A 59 -6.71 -0.29 -0.30
C ALA A 59 -7.44 0.12 -1.57
N ASP A 60 -7.24 1.36 -1.99
CA ASP A 60 -7.89 1.88 -3.19
C ASP A 60 -7.19 1.34 -4.45
N VAL A 61 -8.00 0.86 -5.40
CA VAL A 61 -7.46 0.33 -6.64
C VAL A 61 -8.14 0.96 -7.85
N ILE A 62 -7.33 1.44 -8.79
CA ILE A 62 -7.86 2.07 -9.99
C ILE A 62 -7.19 1.52 -11.24
N GLU A 63 -7.99 0.95 -12.14
CA GLU A 63 -7.47 0.38 -13.37
C GLU A 63 -7.17 1.48 -14.39
N ASN A 64 -6.18 1.24 -15.24
CA ASN A 64 -5.80 2.20 -16.26
C ASN A 64 -5.85 1.57 -17.65
N GLU A 65 -5.89 2.41 -18.68
CA GLU A 65 -5.94 1.93 -20.06
C GLU A 65 -4.68 1.16 -20.41
N ASP A 66 -3.56 1.53 -19.79
CA ASP A 66 -2.30 0.87 -20.04
C ASP A 66 -2.15 -0.39 -19.18
N GLY A 67 -3.28 -1.07 -18.95
CA GLY A 67 -3.26 -2.28 -18.16
C GLY A 67 -2.48 -2.11 -16.86
N THR A 68 -2.66 -0.98 -16.20
CA THR A 68 -1.97 -0.69 -14.96
C THR A 68 -2.94 -0.38 -13.83
N TYR A 69 -2.62 -0.83 -12.63
CA TYR A 69 -3.48 -0.61 -11.47
C TYR A 69 -2.80 0.31 -10.46
N ASP A 70 -3.51 1.35 -10.05
CA ASP A 70 -2.97 2.31 -9.08
C ASP A 70 -3.44 1.97 -7.67
N ILE A 71 -2.50 1.93 -6.74
CA ILE A 71 -2.82 1.61 -5.35
C ILE A 71 -2.24 2.66 -4.40
N PHE A 72 -3.01 3.04 -3.40
CA PHE A 72 -2.56 4.03 -2.42
C PHE A 72 -2.91 3.59 -1.01
N TYR A 73 -2.06 3.98 -0.05
CA TYR A 73 -2.26 3.62 1.34
C TYR A 73 -1.43 4.50 2.27
N THR A 74 -1.92 4.70 3.48
CA THR A 74 -1.22 5.53 4.47
C THR A 74 -0.85 4.72 5.70
N ALA A 75 0.20 5.16 6.40
CA ALA A 75 0.65 4.48 7.60
C ALA A 75 0.49 5.38 8.82
N ALA A 76 -0.56 5.14 9.60
CA ALA A 76 -0.83 5.93 10.80
C ALA A 76 0.36 5.86 11.76
N LYS A 77 0.87 4.65 11.98
CA LYS A 77 2.00 4.45 12.88
C LYS A 77 3.10 3.63 12.20
N PRO A 78 4.34 3.82 12.66
CA PRO A 78 5.49 3.11 12.12
C PRO A 78 5.48 1.63 12.47
N GLY A 79 6.20 0.83 11.68
CA GLY A 79 6.27 -0.60 11.92
C GLY A 79 6.55 -1.39 10.66
N THR A 80 6.15 -2.66 10.66
CA THR A 80 6.37 -3.53 9.51
C THR A 80 5.06 -3.80 8.78
N TYR A 81 4.92 -3.21 7.59
CA TYR A 81 3.71 -3.40 6.79
C TYR A 81 3.90 -4.50 5.77
N VAL A 82 2.87 -5.34 5.60
CA VAL A 82 2.92 -6.44 4.65
C VAL A 82 1.84 -6.30 3.58
N ILE A 83 2.26 -6.03 2.35
CA ILE A 83 1.33 -5.88 1.24
C ILE A 83 1.32 -7.12 0.36
N TYR A 84 0.12 -7.64 0.09
CA TYR A 84 -0.04 -8.82 -0.73
C TYR A 84 -0.49 -8.44 -2.14
N VAL A 85 0.29 -8.86 -3.14
CA VAL A 85 -0.03 -8.57 -4.53
C VAL A 85 0.13 -9.81 -5.40
N ARG A 86 -0.80 -10.00 -6.34
CA ARG A 86 -0.77 -11.15 -7.23
C ARG A 86 -1.33 -10.77 -8.61
N PHE A 87 -1.11 -11.65 -9.58
CA PHE A 87 -1.58 -11.42 -10.93
C PHE A 87 -2.29 -12.65 -11.48
N GLY A 88 -3.59 -12.52 -11.73
CA GLY A 88 -4.36 -13.63 -12.25
C GLY A 88 -4.33 -14.84 -11.33
N GLY A 89 -4.29 -14.59 -10.03
CA GLY A 89 -4.25 -15.68 -9.07
C GLY A 89 -2.85 -16.23 -8.86
N VAL A 90 -1.85 -15.39 -9.09
CA VAL A 90 -0.46 -15.80 -8.93
C VAL A 90 0.33 -14.77 -8.12
N ASP A 91 0.64 -15.12 -6.88
CA ASP A 91 1.39 -14.22 -6.00
C ASP A 91 2.80 -13.99 -6.54
N ILE A 92 3.02 -12.83 -7.16
CA ILE A 92 4.31 -12.49 -7.72
C ILE A 92 5.44 -12.86 -6.75
N PRO A 93 6.64 -13.05 -7.30
CA PRO A 93 7.83 -13.41 -6.51
C PRO A 93 8.31 -12.25 -5.63
N ASN A 94 7.56 -11.15 -5.65
CA ASN A 94 7.90 -9.98 -4.86
C ASN A 94 7.05 -9.91 -3.59
N SER A 95 5.93 -10.64 -3.60
CA SER A 95 5.03 -10.66 -2.45
C SER A 95 5.40 -11.79 -1.50
N PRO A 96 5.23 -11.53 -0.18
CA PRO A 96 4.75 -10.24 0.31
C PRO A 96 5.75 -9.11 0.12
N PHE A 97 5.34 -7.90 0.42
CA PHE A 97 6.21 -6.73 0.28
C PHE A 97 6.60 -6.17 1.65
N THR A 98 7.83 -6.43 2.07
CA THR A 98 8.31 -5.95 3.36
C THR A 98 8.68 -4.46 3.28
N VAL A 99 7.82 -3.62 3.82
CA VAL A 99 8.06 -2.18 3.82
C VAL A 99 8.22 -1.65 5.25
N MET A 100 9.33 -0.96 5.49
CA MET A 100 9.61 -0.39 6.81
C MET A 100 9.18 1.07 6.87
N ALA A 101 8.14 1.34 7.66
CA ALA A 101 7.64 2.70 7.82
C ALA A 101 8.36 3.43 8.94
N THR A 102 9.22 4.37 8.58
CA THR A 102 9.97 5.15 9.55
C THR A 102 9.37 6.54 9.74
N ASP A 103 9.39 7.03 10.97
CA ASP A 103 8.86 8.34 11.28
C ASP A 103 9.52 9.42 10.42
N GLY A 104 10.78 9.20 10.09
CA GLY A 104 11.52 10.16 9.29
C GLY A 104 12.31 11.14 10.12
N GLU A 105 13.49 11.51 9.64
CA GLU A 105 14.35 12.45 10.35
C GLU A 105 13.68 13.82 10.47
N VAL A 106 13.43 14.24 11.71
CA VAL A 106 12.80 15.53 11.96
C VAL A 106 13.81 16.67 11.91
N THR A 107 13.32 17.90 11.95
CA THR A 107 14.20 19.07 11.91
C THR A 107 14.04 19.91 13.17
N ALA A 108 12.81 20.00 13.68
CA ALA A 108 12.53 20.76 14.88
C ALA A 108 11.09 20.57 15.34
N VAL A 109 10.82 20.92 16.59
CA VAL A 109 9.47 20.78 17.15
C VAL A 109 8.45 21.54 16.31
N GLU A 110 7.17 21.30 16.58
CA GLU A 110 6.10 21.96 15.85
C GLU A 110 5.56 23.16 16.64
N GLU A 111 5.26 24.23 15.94
CA GLU A 111 4.74 25.44 16.58
C GLU A 111 3.21 25.47 16.50
N ALA A 112 2.60 26.09 17.51
CA ALA A 112 1.14 26.19 17.57
C ALA A 112 0.67 27.60 17.25
N PRO A 113 0.51 27.89 15.95
CA PRO A 113 0.07 29.21 15.47
C PRO A 113 -1.39 29.48 15.82
N VAL A 114 -2.02 28.54 16.51
CA VAL A 114 -3.41 28.69 16.91
C VAL A 114 -3.75 30.14 17.22
N ASN A 115 -4.73 30.68 16.50
CA ASN A 115 -5.15 32.06 16.70
C ASN A 115 -6.06 32.19 17.93
N ALA A 116 -6.38 33.42 18.29
CA ALA A 116 -7.25 33.67 19.44
C ALA A 116 -7.92 35.04 19.33
N CYS A 117 -9.02 35.21 20.04
CA CYS A 117 -9.76 36.47 20.02
C CYS A 117 -10.82 36.49 21.11
N PRO A 118 -10.98 37.65 21.77
CA PRO A 118 -11.95 37.84 22.85
C PRO A 118 -13.39 37.82 22.34
N SER A 119 -14.02 36.66 22.37
CA SER A 119 -15.39 36.52 21.90
C SER A 119 -16.17 35.53 22.78
N GLY A 120 -17.29 35.99 23.33
CA GLY A 120 -18.09 35.14 24.19
C GLY A 120 -19.15 35.92 24.95
N PRO A 121 -20.09 36.53 24.21
CA PRO A 121 -21.17 37.32 24.81
C PRO A 121 -22.17 36.46 25.56
N SER A 122 -22.89 37.06 26.49
CA SER A 122 -23.89 36.36 27.29
C SER A 122 -24.63 35.33 26.42
N SER A 123 -24.56 34.06 26.83
CA SER A 123 -25.21 32.99 26.10
C SER A 123 -26.54 32.62 26.75
N GLY A 124 -27.29 31.74 26.11
CA GLY A 124 -28.58 31.31 26.63
C GLY A 124 -28.68 29.82 26.80
N GLY A 1 -20.16 -17.67 -9.56
CA GLY A 1 -18.85 -17.14 -9.93
C GLY A 1 -17.72 -18.05 -9.49
N SER A 2 -16.94 -18.52 -10.46
CA SER A 2 -15.82 -19.40 -10.18
C SER A 2 -15.05 -18.94 -8.94
N SER A 3 -14.53 -19.89 -8.18
CA SER A 3 -13.78 -19.59 -6.97
C SER A 3 -12.28 -19.52 -7.27
N GLY A 4 -11.74 -20.62 -7.75
CA GLY A 4 -10.32 -20.67 -8.08
C GLY A 4 -9.98 -19.91 -9.33
N SER A 5 -8.88 -19.16 -9.30
CA SER A 5 -8.46 -18.38 -10.45
C SER A 5 -7.14 -18.92 -11.02
N SER A 6 -7.16 -19.23 -12.31
CA SER A 6 -5.98 -19.77 -12.97
C SER A 6 -5.15 -18.65 -13.60
N GLY A 7 -3.82 -18.80 -13.56
CA GLY A 7 -2.95 -17.79 -14.13
C GLY A 7 -2.90 -17.84 -15.64
N THR A 8 -3.86 -17.20 -16.29
CA THR A 8 -3.93 -17.18 -17.73
C THR A 8 -2.65 -16.60 -18.33
N GLY A 9 -2.18 -15.50 -17.76
CA GLY A 9 -0.97 -14.87 -18.25
C GLY A 9 0.25 -15.23 -17.42
N ASP A 10 0.77 -14.25 -16.68
CA ASP A 10 1.94 -14.48 -15.84
C ASP A 10 2.07 -13.38 -14.80
N ALA A 11 2.82 -13.66 -13.73
CA ALA A 11 3.03 -12.70 -12.66
C ALA A 11 4.45 -12.14 -12.69
N SER A 12 5.42 -13.03 -12.84
CA SER A 12 6.83 -12.63 -12.88
C SER A 12 7.05 -11.54 -13.92
N LYS A 13 6.23 -11.55 -14.97
CA LYS A 13 6.33 -10.56 -16.03
C LYS A 13 5.91 -9.19 -15.55
N CYS A 14 4.94 -9.16 -14.62
CA CYS A 14 4.45 -7.90 -14.07
C CYS A 14 5.51 -7.22 -13.22
N LEU A 15 5.54 -5.89 -13.27
CA LEU A 15 6.51 -5.12 -12.50
C LEU A 15 5.81 -4.10 -11.61
N ALA A 16 6.29 -3.96 -10.38
CA ALA A 16 5.71 -3.01 -9.43
C ALA A 16 6.72 -1.92 -9.08
N THR A 17 6.44 -0.70 -9.54
CA THR A 17 7.32 0.43 -9.28
C THR A 17 6.55 1.57 -8.62
N GLY A 18 7.07 2.04 -7.49
CA GLY A 18 6.42 3.12 -6.77
C GLY A 18 7.03 3.35 -5.40
N PRO A 19 6.87 4.59 -4.87
CA PRO A 19 7.39 4.95 -3.56
C PRO A 19 6.64 4.26 -2.42
N GLY A 20 5.44 3.80 -2.71
CA GLY A 20 4.64 3.12 -1.70
C GLY A 20 5.20 1.77 -1.33
N ILE A 21 5.80 1.10 -2.31
CA ILE A 21 6.37 -0.23 -2.10
C ILE A 21 7.83 -0.13 -1.67
N ALA A 22 8.36 1.09 -1.66
CA ALA A 22 9.74 1.33 -1.26
C ALA A 22 10.08 0.59 0.03
N SER A 23 11.23 -0.08 0.04
CA SER A 23 11.66 -0.82 1.22
C SER A 23 11.34 -0.05 2.50
N THR A 24 11.59 1.26 2.47
CA THR A 24 11.34 2.10 3.62
C THR A 24 10.52 3.34 3.23
N VAL A 25 9.45 3.60 3.98
CA VAL A 25 8.59 4.75 3.72
C VAL A 25 8.39 5.58 4.97
N LYS A 26 7.55 6.62 4.86
CA LYS A 26 7.26 7.49 5.99
C LYS A 26 5.81 7.36 6.42
N THR A 27 5.60 7.21 7.72
CA THR A 27 4.25 7.08 8.26
C THR A 27 3.45 8.37 8.08
N GLY A 28 2.14 8.23 7.91
CA GLY A 28 1.28 9.39 7.73
C GLY A 28 1.21 9.83 6.28
N GLU A 29 2.36 9.85 5.60
CA GLU A 29 2.41 10.25 4.21
C GLU A 29 1.63 9.29 3.32
N GLU A 30 0.88 9.83 2.37
CA GLU A 30 0.08 9.02 1.46
C GLU A 30 0.89 8.62 0.23
N VAL A 31 1.30 7.35 0.19
CA VAL A 31 2.08 6.84 -0.93
C VAL A 31 1.19 6.46 -2.10
N GLY A 32 1.79 6.12 -3.23
CA GLY A 32 1.04 5.74 -4.41
C GLY A 32 1.90 5.04 -5.45
N PHE A 33 1.77 3.73 -5.52
CA PHE A 33 2.54 2.94 -6.48
C PHE A 33 1.66 2.48 -7.64
N VAL A 34 2.28 2.18 -8.78
CA VAL A 34 1.55 1.72 -9.94
C VAL A 34 2.16 0.44 -10.50
N VAL A 35 1.30 -0.43 -11.03
CA VAL A 35 1.75 -1.70 -11.60
C VAL A 35 1.90 -1.61 -13.12
N ASP A 36 2.97 -2.19 -13.63
CA ASP A 36 3.22 -2.18 -15.08
C ASP A 36 3.25 -3.59 -15.63
N ALA A 37 2.54 -3.80 -16.74
CA ALA A 37 2.49 -5.11 -17.38
C ALA A 37 2.86 -5.01 -18.86
N LYS A 38 3.82 -5.83 -19.27
CA LYS A 38 4.26 -5.83 -20.66
C LYS A 38 4.02 -7.20 -21.30
N THR A 39 4.43 -8.26 -20.61
CA THR A 39 4.25 -9.61 -21.11
C THR A 39 3.51 -10.48 -20.10
N ALA A 40 2.87 -9.84 -19.13
CA ALA A 40 2.12 -10.55 -18.10
C ALA A 40 0.71 -10.87 -18.59
N GLY A 41 0.59 -11.17 -19.88
CA GLY A 41 -0.70 -11.50 -20.45
C GLY A 41 -1.82 -10.66 -19.88
N LYS A 42 -2.94 -11.29 -19.54
CA LYS A 42 -4.08 -10.58 -18.98
C LYS A 42 -4.40 -11.09 -17.58
N GLY A 43 -5.02 -10.23 -16.77
CA GLY A 43 -5.37 -10.60 -15.42
C GLY A 43 -5.75 -9.41 -14.57
N LYS A 44 -5.68 -9.58 -13.24
CA LYS A 44 -6.02 -8.51 -12.31
C LYS A 44 -4.98 -8.39 -11.21
N VAL A 45 -4.87 -7.20 -10.64
CA VAL A 45 -3.90 -6.95 -9.57
C VAL A 45 -4.60 -6.48 -8.29
N THR A 46 -4.46 -7.27 -7.23
CA THR A 46 -5.08 -6.94 -5.95
C THR A 46 -4.04 -6.59 -4.90
N CYS A 47 -4.26 -5.50 -4.18
CA CYS A 47 -3.34 -5.06 -3.14
C CYS A 47 -3.98 -5.17 -1.76
N THR A 48 -3.18 -5.61 -0.78
CA THR A 48 -3.67 -5.75 0.59
C THR A 48 -2.62 -5.33 1.60
N VAL A 49 -2.88 -4.22 2.28
CA VAL A 49 -1.95 -3.70 3.28
C VAL A 49 -2.18 -4.36 4.64
N LEU A 50 -1.16 -5.06 5.13
CA LEU A 50 -1.25 -5.74 6.41
C LEU A 50 -0.50 -4.96 7.50
N THR A 51 -1.26 -4.29 8.36
CA THR A 51 -0.68 -3.51 9.44
C THR A 51 0.07 -4.40 10.43
N PRO A 52 1.12 -3.86 11.05
CA PRO A 52 1.93 -4.59 12.03
C PRO A 52 1.18 -4.84 13.33
N ASP A 53 -0.06 -4.36 13.40
CA ASP A 53 -0.88 -4.54 14.59
C ASP A 53 -1.57 -5.90 14.57
N GLY A 54 -1.80 -6.44 13.38
CA GLY A 54 -2.44 -7.73 13.24
C GLY A 54 -3.80 -7.63 12.58
N THR A 55 -4.03 -6.55 11.86
CA THR A 55 -5.30 -6.33 11.18
C THR A 55 -5.08 -5.87 9.74
N GLU A 56 -6.05 -6.16 8.87
CA GLU A 56 -5.95 -5.78 7.47
C GLU A 56 -6.51 -4.39 7.24
N ALA A 57 -5.94 -3.67 6.29
CA ALA A 57 -6.39 -2.32 5.97
C ALA A 57 -7.04 -2.26 4.59
N GLU A 58 -7.40 -1.06 4.17
CA GLU A 58 -8.04 -0.86 2.86
C GLU A 58 -7.10 -0.15 1.90
N ALA A 59 -7.03 -0.66 0.66
CA ALA A 59 -6.17 -0.06 -0.35
C ALA A 59 -6.94 0.15 -1.65
N ASP A 60 -6.85 1.37 -2.17
CA ASP A 60 -7.54 1.71 -3.42
C ASP A 60 -6.83 1.10 -4.61
N VAL A 61 -7.61 0.63 -5.59
CA VAL A 61 -7.06 0.01 -6.78
C VAL A 61 -7.71 0.57 -8.04
N ILE A 62 -6.96 1.38 -8.78
CA ILE A 62 -7.47 1.97 -10.01
C ILE A 62 -6.95 1.24 -11.24
N GLU A 63 -7.82 0.45 -11.86
CA GLU A 63 -7.44 -0.31 -13.06
C GLU A 63 -7.41 0.59 -14.29
N ASN A 64 -6.38 0.43 -15.11
CA ASN A 64 -6.24 1.23 -16.32
C ASN A 64 -6.54 0.39 -17.56
N GLU A 65 -6.90 1.06 -18.65
CA GLU A 65 -7.22 0.39 -19.90
C GLU A 65 -5.99 0.27 -20.79
N ASP A 66 -4.82 0.54 -20.21
CA ASP A 66 -3.57 0.48 -20.95
C ASP A 66 -2.71 -0.70 -20.47
N GLY A 67 -3.00 -1.18 -19.26
CA GLY A 67 -2.25 -2.29 -18.71
C GLY A 67 -1.51 -1.92 -17.44
N THR A 68 -2.14 -1.09 -16.61
CA THR A 68 -1.53 -0.66 -15.35
C THR A 68 -2.58 -0.54 -14.25
N TYR A 69 -2.11 -0.39 -13.01
CA TYR A 69 -3.01 -0.27 -11.87
C TYR A 69 -2.40 0.63 -10.80
N ASP A 70 -3.11 1.72 -10.48
CA ASP A 70 -2.65 2.67 -9.48
C ASP A 70 -3.21 2.32 -8.10
N ILE A 71 -2.33 2.17 -7.12
CA ILE A 71 -2.75 1.84 -5.77
C ILE A 71 -2.12 2.79 -4.75
N PHE A 72 -2.89 3.16 -3.74
CA PHE A 72 -2.41 4.07 -2.71
C PHE A 72 -2.71 3.52 -1.31
N TYR A 73 -1.84 3.82 -0.37
CA TYR A 73 -2.01 3.34 1.01
C TYR A 73 -1.25 4.23 1.99
N THR A 74 -1.81 4.43 3.16
CA THR A 74 -1.19 5.26 4.20
C THR A 74 -0.83 4.43 5.42
N ALA A 75 0.13 4.93 6.20
CA ALA A 75 0.56 4.23 7.41
C ALA A 75 0.37 5.10 8.65
N ALA A 76 -0.73 4.87 9.36
CA ALA A 76 -1.04 5.63 10.57
C ALA A 76 0.12 5.57 11.55
N LYS A 77 0.52 4.36 11.92
CA LYS A 77 1.62 4.17 12.87
C LYS A 77 2.75 3.39 12.23
N PRO A 78 3.98 3.60 12.73
CA PRO A 78 5.17 2.93 12.23
C PRO A 78 5.19 1.44 12.57
N GLY A 79 6.02 0.68 11.86
CA GLY A 79 6.11 -0.74 12.10
C GLY A 79 6.39 -1.54 10.84
N THR A 80 6.24 -2.85 10.91
CA THR A 80 6.48 -3.72 9.77
C THR A 80 5.20 -3.95 8.99
N TYR A 81 5.09 -3.30 7.82
CA TYR A 81 3.92 -3.45 6.97
C TYR A 81 4.13 -4.51 5.90
N VAL A 82 3.15 -5.37 5.72
CA VAL A 82 3.23 -6.43 4.72
C VAL A 82 2.14 -6.29 3.67
N ILE A 83 2.56 -5.97 2.44
CA ILE A 83 1.63 -5.80 1.35
C ILE A 83 1.59 -7.03 0.44
N TYR A 84 0.39 -7.52 0.16
CA TYR A 84 0.22 -8.69 -0.69
C TYR A 84 -0.28 -8.30 -2.07
N VAL A 85 0.39 -8.81 -3.10
CA VAL A 85 0.01 -8.51 -4.48
C VAL A 85 0.10 -9.75 -5.36
N ARG A 86 -0.82 -9.87 -6.29
CA ARG A 86 -0.85 -11.01 -7.20
C ARG A 86 -1.40 -10.62 -8.56
N PHE A 87 -1.23 -11.50 -9.55
CA PHE A 87 -1.70 -11.25 -10.90
C PHE A 87 -2.52 -12.42 -11.42
N GLY A 88 -3.84 -12.22 -11.53
CA GLY A 88 -4.71 -13.27 -12.01
C GLY A 88 -4.86 -14.40 -11.02
N GLY A 89 -4.44 -14.16 -9.78
CA GLY A 89 -4.54 -15.18 -8.75
C GLY A 89 -3.20 -15.84 -8.46
N VAL A 90 -2.12 -15.22 -8.93
CA VAL A 90 -0.78 -15.75 -8.72
C VAL A 90 0.09 -14.76 -7.95
N ASP A 91 0.54 -15.17 -6.78
CA ASP A 91 1.38 -14.31 -5.94
C ASP A 91 2.74 -14.09 -6.59
N ILE A 92 2.92 -12.90 -7.17
CA ILE A 92 4.17 -12.55 -7.84
C ILE A 92 5.37 -12.92 -6.96
N PRO A 93 6.53 -13.08 -7.60
CA PRO A 93 7.78 -13.43 -6.90
C PRO A 93 8.30 -12.28 -6.06
N ASN A 94 7.55 -11.19 -6.00
CA ASN A 94 7.94 -10.02 -5.22
C ASN A 94 7.08 -9.90 -3.97
N SER A 95 6.10 -10.77 -3.84
CA SER A 95 5.22 -10.76 -2.68
C SER A 95 5.60 -11.86 -1.69
N PRO A 96 5.46 -11.56 -0.39
CA PRO A 96 4.97 -10.26 0.08
C PRO A 96 5.96 -9.14 -0.18
N PHE A 97 5.63 -7.93 0.27
CA PHE A 97 6.49 -6.77 0.09
C PHE A 97 6.89 -6.18 1.45
N THR A 98 8.10 -6.49 1.89
CA THR A 98 8.60 -5.99 3.16
C THR A 98 8.74 -4.47 3.14
N VAL A 99 7.82 -3.79 3.82
CA VAL A 99 7.85 -2.33 3.88
C VAL A 99 8.08 -1.84 5.31
N MET A 100 9.00 -0.91 5.47
CA MET A 100 9.31 -0.36 6.78
C MET A 100 8.87 1.10 6.87
N ALA A 101 7.88 1.36 7.71
CA ALA A 101 7.37 2.72 7.88
C ALA A 101 8.05 3.42 9.07
N THR A 102 8.72 4.52 8.79
CA THR A 102 9.42 5.27 9.82
C THR A 102 8.73 6.60 10.09
N ASP A 103 8.84 7.09 11.33
CA ASP A 103 8.23 8.35 11.72
C ASP A 103 8.94 9.53 11.05
N GLY A 104 10.22 9.35 10.76
CA GLY A 104 10.99 10.41 10.14
C GLY A 104 10.58 11.79 10.62
N GLU A 105 10.64 12.77 9.71
CA GLU A 105 10.28 14.13 10.07
C GLU A 105 8.90 14.19 10.70
N VAL A 106 8.56 15.34 11.28
CA VAL A 106 7.27 15.53 11.92
C VAL A 106 6.77 16.96 11.76
N THR A 107 5.70 17.12 10.98
CA THR A 107 5.13 18.44 10.74
C THR A 107 4.34 18.92 11.95
N ALA A 108 4.07 20.22 11.99
CA ALA A 108 3.32 20.81 13.10
C ALA A 108 2.13 21.62 12.58
N VAL A 109 1.21 21.94 13.49
CA VAL A 109 0.02 22.71 13.13
C VAL A 109 -0.49 23.51 14.32
N GLU A 110 -0.88 24.75 14.06
CA GLU A 110 -1.40 25.62 15.13
C GLU A 110 -2.92 25.79 14.99
N GLU A 111 -3.63 25.50 16.07
CA GLU A 111 -5.08 25.62 16.08
C GLU A 111 -5.65 25.34 17.47
N ALA A 112 -6.77 25.97 17.79
CA ALA A 112 -7.41 25.78 19.08
C ALA A 112 -8.83 25.26 18.92
N PRO A 113 -9.10 24.10 19.55
CA PRO A 113 -10.42 23.46 19.50
C PRO A 113 -11.48 24.23 20.26
N VAL A 114 -12.44 24.78 19.54
CA VAL A 114 -13.52 25.56 20.16
C VAL A 114 -14.63 24.64 20.66
N ASN A 115 -14.40 24.02 21.82
CA ASN A 115 -15.38 23.12 22.41
C ASN A 115 -16.72 23.82 22.57
N ALA A 116 -17.78 23.16 22.09
CA ALA A 116 -19.12 23.72 22.19
C ALA A 116 -19.87 23.14 23.38
N CYS A 117 -20.88 23.86 23.84
CA CYS A 117 -21.68 23.42 24.99
C CYS A 117 -23.17 23.56 24.70
N PRO A 118 -23.97 22.61 25.20
CA PRO A 118 -25.42 22.60 25.01
C PRO A 118 -26.11 23.72 25.79
N SER A 119 -27.34 24.03 25.40
CA SER A 119 -28.11 25.07 26.07
C SER A 119 -29.27 24.48 26.86
N GLY A 120 -29.78 25.24 27.82
CA GLY A 120 -30.88 24.78 28.63
C GLY A 120 -31.62 25.91 29.32
N PRO A 121 -32.36 25.59 30.39
CA PRO A 121 -33.12 26.58 31.16
C PRO A 121 -32.23 27.53 31.94
N SER A 122 -32.76 28.70 32.27
CA SER A 122 -32.00 29.70 33.01
C SER A 122 -32.91 30.47 33.96
N SER A 123 -32.34 31.46 34.64
CA SER A 123 -33.11 32.28 35.59
C SER A 123 -33.85 31.40 36.58
N GLY A 124 -33.19 30.36 37.06
CA GLY A 124 -33.80 29.45 38.02
C GLY A 124 -32.79 28.60 38.75
N GLY A 1 -10.69 -16.94 -30.07
CA GLY A 1 -11.23 -18.28 -29.96
C GLY A 1 -10.44 -19.14 -28.99
N SER A 2 -9.58 -19.99 -29.53
CA SER A 2 -8.77 -20.88 -28.71
C SER A 2 -7.38 -20.28 -28.45
N SER A 3 -6.73 -19.85 -29.52
CA SER A 3 -5.40 -19.26 -29.41
C SER A 3 -5.40 -17.82 -29.93
N GLY A 4 -5.72 -16.89 -29.04
CA GLY A 4 -5.76 -15.48 -29.42
C GLY A 4 -5.80 -14.56 -28.22
N SER A 5 -6.55 -13.46 -28.35
CA SER A 5 -6.65 -12.49 -27.27
C SER A 5 -6.71 -13.19 -25.91
N SER A 6 -7.70 -14.06 -25.75
CA SER A 6 -7.87 -14.79 -24.49
C SER A 6 -6.55 -15.40 -24.03
N GLY A 7 -6.41 -15.57 -22.72
CA GLY A 7 -5.18 -16.14 -22.17
C GLY A 7 -5.21 -16.20 -20.66
N THR A 8 -4.12 -16.72 -20.08
CA THR A 8 -4.02 -16.84 -18.63
C THR A 8 -3.20 -15.70 -18.04
N GLY A 9 -1.93 -15.61 -18.44
CA GLY A 9 -1.06 -14.56 -17.94
C GLY A 9 -0.02 -15.09 -16.98
N ASP A 10 0.91 -14.22 -16.59
CA ASP A 10 1.97 -14.59 -15.66
C ASP A 10 2.24 -13.49 -14.65
N ALA A 11 2.62 -13.87 -13.44
CA ALA A 11 2.90 -12.90 -12.39
C ALA A 11 4.36 -12.46 -12.42
N SER A 12 5.27 -13.44 -12.50
CA SER A 12 6.70 -13.15 -12.53
C SER A 12 6.99 -11.98 -13.47
N LYS A 13 6.33 -11.97 -14.62
CA LYS A 13 6.52 -10.90 -15.59
C LYS A 13 6.02 -9.57 -15.06
N CYS A 14 4.97 -9.62 -14.23
CA CYS A 14 4.40 -8.41 -13.65
C CYS A 14 5.42 -7.70 -12.77
N LEU A 15 5.58 -6.39 -12.99
CA LEU A 15 6.53 -5.59 -12.23
C LEU A 15 5.80 -4.53 -11.41
N ALA A 16 6.34 -4.23 -10.23
CA ALA A 16 5.74 -3.23 -9.35
C ALA A 16 6.70 -2.06 -9.11
N THR A 17 6.35 -0.90 -9.66
CA THR A 17 7.19 0.29 -9.51
C THR A 17 6.44 1.39 -8.77
N GLY A 18 7.05 1.91 -7.71
CA GLY A 18 6.43 2.97 -6.94
C GLY A 18 7.10 3.18 -5.60
N PRO A 19 6.96 4.40 -5.05
CA PRO A 19 7.56 4.75 -3.76
C PRO A 19 6.88 4.05 -2.59
N GLY A 20 5.61 3.68 -2.79
CA GLY A 20 4.87 3.00 -1.75
C GLY A 20 5.48 1.65 -1.39
N ILE A 21 5.98 0.95 -2.40
CA ILE A 21 6.59 -0.36 -2.19
C ILE A 21 8.07 -0.23 -1.87
N ALA A 22 8.50 0.97 -1.53
CA ALA A 22 9.89 1.23 -1.20
C ALA A 22 10.30 0.51 0.09
N SER A 23 11.47 -0.11 0.06
CA SER A 23 11.96 -0.84 1.23
C SER A 23 11.56 -0.14 2.52
N THR A 24 11.67 1.19 2.53
CA THR A 24 11.32 1.98 3.70
C THR A 24 10.56 3.24 3.31
N VAL A 25 9.54 3.58 4.10
CA VAL A 25 8.74 4.77 3.83
C VAL A 25 8.48 5.56 5.10
N LYS A 26 7.78 6.67 4.98
CA LYS A 26 7.46 7.52 6.12
C LYS A 26 6.01 7.33 6.55
N THR A 27 5.71 7.70 7.79
CA THR A 27 4.36 7.57 8.32
C THR A 27 3.56 8.85 8.11
N GLY A 28 2.23 8.72 8.11
CA GLY A 28 1.38 9.87 7.91
C GLY A 28 1.24 10.24 6.45
N GLU A 29 2.33 10.11 5.69
CA GLU A 29 2.31 10.45 4.27
C GLU A 29 1.59 9.36 3.48
N GLU A 30 1.09 9.74 2.31
CA GLU A 30 0.36 8.81 1.44
C GLU A 30 1.20 8.45 0.21
N VAL A 31 1.54 7.16 0.10
CA VAL A 31 2.33 6.68 -1.03
C VAL A 31 1.45 6.33 -2.22
N GLY A 32 2.07 6.07 -3.36
CA GLY A 32 1.33 5.72 -4.55
C GLY A 32 2.16 4.93 -5.54
N PHE A 33 1.92 3.62 -5.61
CA PHE A 33 2.66 2.75 -6.52
C PHE A 33 1.73 2.17 -7.58
N VAL A 34 2.29 1.83 -8.74
CA VAL A 34 1.52 1.26 -9.82
C VAL A 34 2.25 0.10 -10.48
N VAL A 35 1.51 -0.92 -10.88
CA VAL A 35 2.09 -2.09 -11.53
C VAL A 35 2.13 -1.94 -13.04
N ASP A 36 3.29 -2.20 -13.63
CA ASP A 36 3.46 -2.08 -15.07
C ASP A 36 3.37 -3.45 -15.74
N ALA A 37 2.52 -3.56 -16.76
CA ALA A 37 2.34 -4.80 -17.48
C ALA A 37 2.46 -4.59 -18.98
N LYS A 38 3.34 -5.36 -19.63
CA LYS A 38 3.54 -5.25 -21.07
C LYS A 38 3.40 -6.61 -21.74
N THR A 39 4.03 -7.63 -21.15
CA THR A 39 3.97 -8.98 -21.70
C THR A 39 3.25 -9.92 -20.74
N ALA A 40 3.28 -9.60 -19.45
CA ALA A 40 2.63 -10.41 -18.43
C ALA A 40 1.34 -11.01 -18.96
N GLY A 41 0.63 -10.26 -19.79
CA GLY A 41 -0.62 -10.73 -20.34
C GLY A 41 -1.83 -10.07 -19.72
N LYS A 42 -2.96 -10.77 -19.73
CA LYS A 42 -4.19 -10.24 -19.16
C LYS A 42 -4.40 -10.79 -17.75
N GLY A 43 -4.82 -9.90 -16.83
CA GLY A 43 -5.04 -10.31 -15.46
C GLY A 43 -5.25 -9.14 -14.53
N LYS A 44 -5.91 -9.37 -13.41
CA LYS A 44 -6.17 -8.33 -12.43
C LYS A 44 -5.15 -8.36 -11.31
N VAL A 45 -4.92 -7.22 -10.68
CA VAL A 45 -3.96 -7.12 -9.57
C VAL A 45 -4.63 -6.57 -8.32
N THR A 46 -4.63 -7.37 -7.26
CA THR A 46 -5.24 -6.95 -6.00
C THR A 46 -4.17 -6.57 -4.98
N CYS A 47 -4.47 -5.57 -4.16
CA CYS A 47 -3.53 -5.12 -3.14
C CYS A 47 -4.13 -5.28 -1.74
N THR A 48 -3.30 -5.64 -0.78
CA THR A 48 -3.74 -5.83 0.60
C THR A 48 -2.69 -5.33 1.59
N VAL A 49 -2.98 -4.20 2.23
CA VAL A 49 -2.06 -3.61 3.20
C VAL A 49 -2.25 -4.25 4.57
N LEU A 50 -1.23 -4.96 5.02
CA LEU A 50 -1.27 -5.62 6.32
C LEU A 50 -0.57 -4.78 7.39
N THR A 51 -1.25 -4.59 8.52
CA THR A 51 -0.70 -3.80 9.61
C THR A 51 0.11 -4.68 10.57
N PRO A 52 1.13 -4.08 11.20
CA PRO A 52 2.00 -4.78 12.14
C PRO A 52 1.28 -5.14 13.44
N ASP A 53 -0.01 -4.82 13.50
CA ASP A 53 -0.81 -5.11 14.68
C ASP A 53 -1.43 -6.49 14.60
N GLY A 54 -1.62 -6.97 13.37
CA GLY A 54 -2.21 -8.29 13.18
C GLY A 54 -3.53 -8.23 12.42
N THR A 55 -3.75 -7.13 11.72
CA THR A 55 -4.98 -6.95 10.96
C THR A 55 -4.69 -6.49 9.54
N GLU A 56 -5.68 -6.60 8.67
CA GLU A 56 -5.53 -6.19 7.27
C GLU A 56 -6.42 -5.00 6.96
N ALA A 57 -6.03 -4.22 5.95
CA ALA A 57 -6.80 -3.05 5.55
C ALA A 57 -6.98 -3.01 4.04
N GLU A 58 -7.98 -2.25 3.58
CA GLU A 58 -8.26 -2.14 2.16
C GLU A 58 -7.40 -1.07 1.52
N ALA A 59 -7.23 -1.16 0.20
CA ALA A 59 -6.43 -0.20 -0.54
C ALA A 59 -7.11 0.19 -1.84
N ASP A 60 -6.97 1.47 -2.21
CA ASP A 60 -7.57 1.98 -3.44
C ASP A 60 -6.82 1.45 -4.67
N VAL A 61 -7.52 0.68 -5.50
CA VAL A 61 -6.91 0.14 -6.71
C VAL A 61 -7.61 0.67 -7.96
N ILE A 62 -6.95 1.61 -8.63
CA ILE A 62 -7.49 2.20 -9.84
C ILE A 62 -7.05 1.43 -11.08
N GLU A 63 -7.97 0.65 -11.64
CA GLU A 63 -7.68 -0.14 -12.84
C GLU A 63 -7.69 0.73 -14.08
N ASN A 64 -6.69 0.53 -14.95
CA ASN A 64 -6.58 1.30 -16.18
C ASN A 64 -6.86 0.42 -17.40
N GLU A 65 -7.32 1.05 -18.48
CA GLU A 65 -7.63 0.31 -19.71
C GLU A 65 -6.43 0.32 -20.65
N ASP A 66 -5.24 0.55 -20.10
CA ASP A 66 -4.03 0.58 -20.89
C ASP A 66 -3.08 -0.55 -20.48
N GLY A 67 -3.29 -1.08 -19.27
CA GLY A 67 -2.45 -2.16 -18.79
C GLY A 67 -1.67 -1.76 -17.55
N THR A 68 -2.32 -1.05 -16.64
CA THR A 68 -1.67 -0.61 -15.40
C THR A 68 -2.68 -0.49 -14.27
N TYR A 69 -2.19 -0.44 -13.04
CA TYR A 69 -3.03 -0.34 -11.87
C TYR A 69 -2.41 0.58 -10.82
N ASP A 70 -3.09 1.69 -10.54
CA ASP A 70 -2.60 2.64 -9.55
C ASP A 70 -3.12 2.31 -8.16
N ILE A 71 -2.19 2.19 -7.21
CA ILE A 71 -2.56 1.86 -5.83
C ILE A 71 -1.93 2.85 -4.85
N PHE A 72 -2.71 3.27 -3.86
CA PHE A 72 -2.24 4.21 -2.86
C PHE A 72 -2.65 3.76 -1.46
N TYR A 73 -1.83 4.10 -0.47
CA TYR A 73 -2.11 3.75 0.92
C TYR A 73 -1.31 4.61 1.88
N THR A 74 -1.82 4.75 3.10
CA THR A 74 -1.16 5.56 4.11
C THR A 74 -0.87 4.74 5.37
N ALA A 75 0.11 5.19 6.14
CA ALA A 75 0.48 4.50 7.37
C ALA A 75 0.29 5.40 8.59
N ALA A 76 -0.82 5.21 9.30
CA ALA A 76 -1.11 6.01 10.48
C ALA A 76 0.03 5.95 11.49
N LYS A 77 0.41 4.74 11.88
CA LYS A 77 1.50 4.55 12.82
C LYS A 77 2.63 3.75 12.20
N PRO A 78 3.86 3.96 12.71
CA PRO A 78 5.05 3.26 12.22
C PRO A 78 5.04 1.78 12.58
N GLY A 79 5.80 0.99 11.81
CA GLY A 79 5.87 -0.45 12.07
C GLY A 79 6.20 -1.24 10.83
N THR A 80 6.00 -2.55 10.89
CA THR A 80 6.29 -3.42 9.76
C THR A 80 5.05 -3.67 8.93
N TYR A 81 4.96 -2.98 7.79
CA TYR A 81 3.81 -3.12 6.89
C TYR A 81 4.08 -4.18 5.83
N VAL A 82 3.09 -5.04 5.61
CA VAL A 82 3.22 -6.10 4.61
C VAL A 82 2.11 -6.02 3.57
N ILE A 83 2.48 -5.69 2.34
CA ILE A 83 1.52 -5.57 1.25
C ILE A 83 1.53 -6.82 0.37
N TYR A 84 0.35 -7.39 0.16
CA TYR A 84 0.23 -8.59 -0.66
C TYR A 84 -0.19 -8.24 -2.09
N VAL A 85 0.66 -8.61 -3.06
CA VAL A 85 0.37 -8.33 -4.46
C VAL A 85 0.35 -9.61 -5.28
N ARG A 86 -0.62 -9.71 -6.18
CA ARG A 86 -0.77 -10.89 -7.03
C ARG A 86 -1.29 -10.51 -8.41
N PHE A 87 -1.12 -11.41 -9.37
CA PHE A 87 -1.58 -11.16 -10.74
C PHE A 87 -2.41 -12.33 -11.25
N GLY A 88 -3.69 -12.08 -11.49
CA GLY A 88 -4.58 -13.12 -11.97
C GLY A 88 -4.72 -14.27 -11.00
N GLY A 89 -4.54 -13.97 -9.71
CA GLY A 89 -4.65 -15.01 -8.69
C GLY A 89 -3.33 -15.74 -8.47
N VAL A 90 -2.23 -15.06 -8.78
CA VAL A 90 -0.90 -15.66 -8.60
C VAL A 90 0.05 -14.67 -7.90
N ASP A 91 0.45 -15.03 -6.68
CA ASP A 91 1.35 -14.19 -5.91
C ASP A 91 2.74 -14.14 -6.55
N ILE A 92 3.10 -12.96 -7.07
CA ILE A 92 4.39 -12.78 -7.71
C ILE A 92 5.52 -13.28 -6.81
N PRO A 93 6.69 -13.52 -7.43
CA PRO A 93 7.88 -14.01 -6.72
C PRO A 93 8.47 -12.95 -5.80
N ASN A 94 7.82 -11.79 -5.74
CA ASN A 94 8.28 -10.69 -4.89
C ASN A 94 7.47 -10.62 -3.61
N SER A 95 6.21 -11.00 -3.69
CA SER A 95 5.32 -10.97 -2.52
C SER A 95 5.80 -11.96 -1.46
N PRO A 96 5.58 -11.61 -0.19
CA PRO A 96 4.94 -10.34 0.18
C PRO A 96 5.83 -9.13 -0.11
N PHE A 97 5.33 -7.94 0.22
CA PHE A 97 6.08 -6.71 -0.02
C PHE A 97 6.44 -6.04 1.31
N THR A 98 7.67 -6.23 1.76
CA THR A 98 8.13 -5.64 3.00
C THR A 98 8.24 -4.12 2.90
N VAL A 99 7.67 -3.42 3.87
CA VAL A 99 7.70 -1.97 3.89
C VAL A 99 7.77 -1.42 5.31
N MET A 100 8.93 -0.92 5.69
CA MET A 100 9.13 -0.37 7.03
C MET A 100 8.77 1.11 7.07
N ALA A 101 7.78 1.46 7.89
CA ALA A 101 7.35 2.84 8.02
C ALA A 101 8.04 3.52 9.19
N THR A 102 8.69 4.66 8.91
CA THR A 102 9.39 5.41 9.94
C THR A 102 8.81 6.80 10.09
N ASP A 103 8.86 7.34 11.31
CA ASP A 103 8.33 8.67 11.58
C ASP A 103 9.21 9.73 10.94
N GLY A 104 10.41 9.34 10.53
CA GLY A 104 11.33 10.27 9.89
C GLY A 104 12.36 10.81 10.86
N GLU A 105 13.33 11.55 10.33
CA GLU A 105 14.39 12.12 11.17
C GLU A 105 13.86 13.28 12.00
N VAL A 106 12.65 13.73 11.68
CA VAL A 106 12.03 14.83 12.41
C VAL A 106 11.75 14.46 13.86
N THR A 107 11.84 15.43 14.75
CA THR A 107 11.60 15.19 16.17
C THR A 107 10.60 16.20 16.73
N ALA A 108 9.46 15.70 17.16
CA ALA A 108 8.41 16.55 17.72
C ALA A 108 8.88 17.22 19.02
N VAL A 109 8.73 18.53 19.09
CA VAL A 109 9.13 19.28 20.27
C VAL A 109 8.16 19.07 21.42
N GLU A 110 8.68 18.66 22.57
CA GLU A 110 7.86 18.42 23.75
C GLU A 110 8.26 19.34 24.90
N GLU A 111 7.34 20.19 25.32
CA GLU A 111 7.61 21.13 26.41
C GLU A 111 8.52 20.50 27.45
N ALA A 112 9.50 21.26 27.92
CA ALA A 112 10.45 20.78 28.91
C ALA A 112 10.71 21.84 29.98
N PRO A 113 10.15 21.61 31.19
CA PRO A 113 10.31 22.54 32.31
C PRO A 113 11.73 22.54 32.86
N VAL A 114 12.23 23.74 33.19
CA VAL A 114 13.57 23.89 33.72
C VAL A 114 13.55 24.59 35.07
N ASN A 115 14.37 24.09 36.00
CA ASN A 115 14.44 24.68 37.34
C ASN A 115 15.82 24.48 37.94
N ALA A 116 16.26 25.45 38.74
CA ALA A 116 17.56 25.37 39.39
C ALA A 116 17.74 24.06 40.14
N CYS A 117 18.79 23.32 39.81
CA CYS A 117 19.06 22.05 40.46
C CYS A 117 20.54 21.70 40.38
N PRO A 118 21.06 21.07 41.45
CA PRO A 118 22.47 20.67 41.52
C PRO A 118 22.81 19.53 40.56
N SER A 119 24.06 19.51 40.10
CA SER A 119 24.51 18.47 39.18
C SER A 119 25.77 17.78 39.69
N GLY A 120 25.91 16.50 39.37
CA GLY A 120 27.07 15.75 39.81
C GLY A 120 26.98 14.28 39.47
N PRO A 121 28.07 13.54 39.70
CA PRO A 121 28.13 12.10 39.42
C PRO A 121 27.24 11.29 40.35
N SER A 122 27.18 9.98 40.12
CA SER A 122 26.36 9.09 40.94
C SER A 122 27.22 8.05 41.64
N SER A 123 27.37 8.18 42.95
CA SER A 123 28.18 7.26 43.74
C SER A 123 29.48 6.93 43.01
N GLY A 124 30.11 7.94 42.43
CA GLY A 124 31.35 7.73 41.71
C GLY A 124 32.03 9.03 41.33
N GLY A 1 -11.29 -29.67 -25.07
CA GLY A 1 -11.14 -28.81 -26.24
C GLY A 1 -9.84 -28.03 -26.23
N SER A 2 -9.31 -27.77 -27.42
CA SER A 2 -8.05 -27.04 -27.55
C SER A 2 -8.10 -25.73 -26.75
N SER A 3 -6.93 -25.27 -26.32
CA SER A 3 -6.83 -24.04 -25.53
C SER A 3 -6.74 -22.82 -26.45
N GLY A 4 -7.81 -22.04 -26.50
CA GLY A 4 -7.84 -20.86 -27.34
C GLY A 4 -6.52 -20.11 -27.32
N SER A 5 -6.03 -19.79 -26.13
CA SER A 5 -4.77 -19.07 -25.98
C SER A 5 -3.79 -19.88 -25.16
N SER A 6 -2.68 -20.27 -25.79
CA SER A 6 -1.65 -21.05 -25.12
C SER A 6 -1.43 -20.56 -23.70
N GLY A 7 -0.97 -19.32 -23.57
CA GLY A 7 -0.72 -18.74 -22.27
C GLY A 7 -1.96 -18.08 -21.68
N THR A 8 -1.94 -17.88 -20.36
CA THR A 8 -3.08 -17.27 -19.67
C THR A 8 -2.68 -15.92 -19.06
N GLY A 9 -1.69 -15.96 -18.17
CA GLY A 9 -1.24 -14.75 -17.52
C GLY A 9 -0.24 -15.01 -16.43
N ASP A 10 1.03 -14.67 -16.68
CA ASP A 10 2.08 -14.89 -15.70
C ASP A 10 2.23 -13.67 -14.79
N ALA A 11 2.65 -13.91 -13.55
CA ALA A 11 2.83 -12.84 -12.59
C ALA A 11 4.27 -12.35 -12.57
N SER A 12 5.21 -13.28 -12.55
CA SER A 12 6.64 -12.94 -12.53
C SER A 12 6.96 -11.91 -13.61
N LYS A 13 6.09 -11.83 -14.62
CA LYS A 13 6.29 -10.88 -15.71
C LYS A 13 5.90 -9.47 -15.28
N CYS A 14 4.83 -9.36 -14.50
CA CYS A 14 4.37 -8.06 -14.02
C CYS A 14 5.47 -7.33 -13.27
N LEU A 15 5.33 -6.02 -13.16
CA LEU A 15 6.33 -5.20 -12.46
C LEU A 15 5.65 -4.25 -11.47
N ALA A 16 6.41 -3.80 -10.49
CA ALA A 16 5.89 -2.87 -9.48
C ALA A 16 6.82 -1.68 -9.28
N THR A 17 6.37 -0.52 -9.72
CA THR A 17 7.17 0.70 -9.59
C THR A 17 6.40 1.79 -8.84
N GLY A 18 6.99 2.28 -7.76
CA GLY A 18 6.34 3.32 -6.98
C GLY A 18 7.00 3.53 -5.63
N PRO A 19 6.84 4.74 -5.07
CA PRO A 19 7.42 5.09 -3.78
C PRO A 19 6.75 4.36 -2.61
N GLY A 20 5.57 3.80 -2.88
CA GLY A 20 4.85 3.07 -1.84
C GLY A 20 5.50 1.75 -1.51
N ILE A 21 5.92 1.02 -2.54
CA ILE A 21 6.56 -0.28 -2.35
C ILE A 21 8.03 -0.12 -1.97
N ALA A 22 8.44 1.13 -1.72
CA ALA A 22 9.81 1.41 -1.34
C ALA A 22 10.21 0.63 -0.10
N SER A 23 11.50 0.30 -0.01
CA SER A 23 12.02 -0.46 1.13
C SER A 23 11.58 0.18 2.45
N THR A 24 11.53 1.51 2.47
CA THR A 24 11.13 2.24 3.66
C THR A 24 10.29 3.46 3.31
N VAL A 25 9.35 3.80 4.19
CA VAL A 25 8.48 4.96 3.96
C VAL A 25 8.22 5.70 5.26
N LYS A 26 7.72 6.93 5.14
CA LYS A 26 7.42 7.74 6.31
C LYS A 26 5.94 7.67 6.66
N THR A 27 5.65 7.52 7.96
CA THR A 27 4.28 7.43 8.43
C THR A 27 3.49 8.70 8.06
N GLY A 28 2.17 8.55 7.93
CA GLY A 28 1.33 9.68 7.59
C GLY A 28 1.36 10.00 6.11
N GLU A 29 2.53 9.87 5.49
CA GLU A 29 2.68 10.15 4.06
C GLU A 29 1.84 9.19 3.23
N GLU A 30 1.20 9.72 2.20
CA GLU A 30 0.37 8.90 1.33
C GLU A 30 1.11 8.53 0.05
N VAL A 31 1.49 7.26 -0.05
CA VAL A 31 2.22 6.77 -1.22
C VAL A 31 1.27 6.13 -2.23
N GLY A 32 1.76 5.93 -3.45
CA GLY A 32 0.94 5.33 -4.49
C GLY A 32 1.78 4.74 -5.61
N PHE A 33 1.78 3.41 -5.68
CA PHE A 33 2.54 2.71 -6.71
C PHE A 33 1.62 2.07 -7.74
N VAL A 34 2.12 1.88 -8.96
CA VAL A 34 1.33 1.28 -10.03
C VAL A 34 2.01 0.03 -10.57
N VAL A 35 1.20 -0.98 -10.88
CA VAL A 35 1.73 -2.24 -11.41
C VAL A 35 1.73 -2.23 -12.93
N ASP A 36 2.92 -2.27 -13.52
CA ASP A 36 3.06 -2.27 -14.97
C ASP A 36 3.31 -3.68 -15.49
N ALA A 37 2.59 -4.05 -16.55
CA ALA A 37 2.73 -5.37 -17.14
C ALA A 37 3.12 -5.28 -18.62
N LYS A 38 4.19 -5.97 -18.99
CA LYS A 38 4.67 -5.97 -20.37
C LYS A 38 4.11 -7.16 -21.14
N THR A 39 4.45 -8.36 -20.68
CA THR A 39 3.98 -9.58 -21.33
C THR A 39 3.14 -10.42 -20.37
N ALA A 40 2.93 -9.91 -19.17
CA ALA A 40 2.14 -10.61 -18.17
C ALA A 40 0.88 -11.22 -18.79
N GLY A 41 0.19 -10.42 -19.60
CA GLY A 41 -1.03 -10.88 -20.23
C GLY A 41 -2.29 -10.43 -19.51
N LYS A 42 -3.17 -11.37 -19.22
CA LYS A 42 -4.42 -11.06 -18.53
C LYS A 42 -4.32 -11.41 -17.04
N GLY A 43 -5.07 -10.69 -16.22
CA GLY A 43 -5.05 -10.94 -14.78
C GLY A 43 -5.51 -9.74 -13.98
N LYS A 44 -5.92 -9.98 -12.75
CA LYS A 44 -6.39 -8.92 -11.87
C LYS A 44 -5.32 -8.54 -10.85
N VAL A 45 -5.12 -7.23 -10.66
CA VAL A 45 -4.13 -6.73 -9.71
C VAL A 45 -4.79 -6.31 -8.40
N THR A 46 -4.71 -7.16 -7.39
CA THR A 46 -5.31 -6.87 -6.10
C THR A 46 -4.22 -6.61 -5.06
N CYS A 47 -4.49 -5.64 -4.17
CA CYS A 47 -3.54 -5.29 -3.12
C CYS A 47 -4.18 -5.43 -1.74
N THR A 48 -3.36 -5.78 -0.75
CA THR A 48 -3.84 -5.95 0.62
C THR A 48 -2.81 -5.47 1.62
N VAL A 49 -3.07 -4.31 2.22
CA VAL A 49 -2.15 -3.75 3.20
C VAL A 49 -2.34 -4.40 4.57
N LEU A 50 -1.28 -5.05 5.05
CA LEU A 50 -1.33 -5.73 6.34
C LEU A 50 -0.61 -4.91 7.41
N THR A 51 -1.38 -4.41 8.38
CA THR A 51 -0.81 -3.62 9.46
C THR A 51 0.03 -4.48 10.39
N PRO A 52 1.05 -3.86 11.02
CA PRO A 52 1.95 -4.55 11.95
C PRO A 52 1.25 -4.93 13.25
N ASP A 53 -0.04 -4.64 13.34
CA ASP A 53 -0.83 -4.95 14.52
C ASP A 53 -1.44 -6.35 14.43
N GLY A 54 -1.56 -6.85 13.21
CA GLY A 54 -2.12 -8.18 13.00
C GLY A 54 -3.41 -8.13 12.20
N THR A 55 -3.70 -6.98 11.61
CA THR A 55 -4.91 -6.82 10.80
C THR A 55 -4.60 -6.17 9.46
N GLU A 56 -5.55 -6.25 8.54
CA GLU A 56 -5.38 -5.66 7.22
C GLU A 56 -6.28 -4.44 7.04
N ALA A 57 -5.97 -3.62 6.04
CA ALA A 57 -6.73 -2.42 5.76
C ALA A 57 -7.22 -2.39 4.32
N GLU A 58 -7.89 -1.30 3.95
CA GLU A 58 -8.41 -1.17 2.59
C GLU A 58 -7.49 -0.28 1.74
N ALA A 59 -7.19 -0.75 0.53
CA ALA A 59 -6.32 0.00 -0.38
C ALA A 59 -7.09 0.42 -1.64
N ASP A 60 -6.89 1.66 -2.06
CA ASP A 60 -7.54 2.19 -3.24
C ASP A 60 -6.91 1.62 -4.51
N VAL A 61 -7.72 0.89 -5.29
CA VAL A 61 -7.25 0.29 -6.53
C VAL A 61 -7.98 0.86 -7.74
N ILE A 62 -7.23 1.22 -8.76
CA ILE A 62 -7.81 1.78 -9.97
C ILE A 62 -7.18 1.16 -11.23
N GLU A 63 -8.02 0.78 -12.17
CA GLU A 63 -7.56 0.17 -13.42
C GLU A 63 -7.32 1.23 -14.49
N ASN A 64 -6.40 0.94 -15.40
CA ASN A 64 -6.08 1.87 -16.47
C ASN A 64 -6.14 1.17 -17.83
N GLU A 65 -6.36 1.96 -18.89
CA GLU A 65 -6.44 1.42 -20.24
C GLU A 65 -5.13 0.75 -20.64
N ASP A 66 -4.07 1.07 -19.90
CA ASP A 66 -2.75 0.50 -20.19
C ASP A 66 -2.55 -0.81 -19.41
N GLY A 67 -3.64 -1.53 -19.18
CA GLY A 67 -3.55 -2.78 -18.44
C GLY A 67 -2.79 -2.65 -17.15
N THR A 68 -2.81 -1.45 -16.56
CA THR A 68 -2.11 -1.19 -15.31
C THR A 68 -3.08 -0.94 -14.18
N TYR A 69 -2.58 -1.00 -12.94
CA TYR A 69 -3.42 -0.77 -11.77
C TYR A 69 -2.68 0.09 -10.74
N ASP A 70 -3.27 1.23 -10.41
CA ASP A 70 -2.67 2.14 -9.43
C ASP A 70 -3.19 1.84 -8.03
N ILE A 71 -2.27 1.75 -7.08
CA ILE A 71 -2.64 1.48 -5.69
C ILE A 71 -2.02 2.49 -4.74
N PHE A 72 -2.75 2.84 -3.69
CA PHE A 72 -2.27 3.81 -2.71
C PHE A 72 -2.62 3.36 -1.29
N TYR A 73 -1.80 3.76 -0.33
CA TYR A 73 -2.02 3.40 1.06
C TYR A 73 -1.28 4.35 2.00
N THR A 74 -1.67 4.35 3.27
CA THR A 74 -1.04 5.22 4.26
C THR A 74 -0.67 4.43 5.51
N ALA A 75 0.40 4.85 6.18
CA ALA A 75 0.86 4.20 7.40
C ALA A 75 0.82 5.15 8.58
N ALA A 76 -0.33 5.20 9.25
CA ALA A 76 -0.48 6.07 10.42
C ALA A 76 0.57 5.77 11.48
N LYS A 77 0.57 4.53 11.96
CA LYS A 77 1.53 4.12 12.98
C LYS A 77 2.72 3.39 12.36
N PRO A 78 3.89 3.53 12.98
CA PRO A 78 5.13 2.89 12.50
C PRO A 78 5.11 1.39 12.67
N GLY A 79 5.99 0.71 11.96
CA GLY A 79 6.06 -0.75 12.04
C GLY A 79 6.46 -1.38 10.73
N THR A 80 6.14 -2.67 10.57
CA THR A 80 6.47 -3.40 9.36
C THR A 80 5.22 -3.85 8.63
N TYR A 81 4.79 -3.05 7.66
CA TYR A 81 3.60 -3.37 6.88
C TYR A 81 3.90 -4.40 5.80
N VAL A 82 2.92 -5.26 5.51
CA VAL A 82 3.09 -6.29 4.50
C VAL A 82 2.01 -6.19 3.43
N ILE A 83 2.40 -5.82 2.21
CA ILE A 83 1.47 -5.68 1.11
C ILE A 83 1.51 -6.91 0.20
N TYR A 84 0.37 -7.56 0.04
CA TYR A 84 0.27 -8.75 -0.80
C TYR A 84 -0.22 -8.40 -2.20
N VAL A 85 0.65 -8.57 -3.18
CA VAL A 85 0.31 -8.28 -4.57
C VAL A 85 0.07 -9.56 -5.37
N ARG A 86 -1.03 -9.59 -6.11
CA ARG A 86 -1.37 -10.74 -6.92
C ARG A 86 -1.84 -10.33 -8.31
N PHE A 87 -1.52 -11.14 -9.31
CA PHE A 87 -1.90 -10.85 -10.68
C PHE A 87 -2.54 -12.07 -11.35
N GLY A 88 -3.83 -11.97 -11.65
CA GLY A 88 -4.53 -13.09 -12.27
C GLY A 88 -4.66 -14.29 -11.35
N GLY A 89 -4.32 -14.10 -10.08
CA GLY A 89 -4.40 -15.18 -9.13
C GLY A 89 -3.05 -15.85 -8.90
N VAL A 90 -1.97 -15.10 -9.11
CA VAL A 90 -0.63 -15.63 -8.93
C VAL A 90 0.27 -14.59 -8.27
N ASP A 91 0.60 -14.83 -7.00
CA ASP A 91 1.46 -13.93 -6.25
C ASP A 91 2.81 -13.77 -6.93
N ILE A 92 3.17 -12.53 -7.24
CA ILE A 92 4.44 -12.25 -7.91
C ILE A 92 5.61 -12.74 -7.06
N PRO A 93 6.76 -12.96 -7.73
CA PRO A 93 7.98 -13.44 -7.06
C PRO A 93 8.59 -12.38 -6.16
N ASN A 94 7.92 -11.23 -6.05
CA ASN A 94 8.40 -10.14 -5.21
C ASN A 94 7.59 -10.05 -3.92
N SER A 95 6.49 -10.79 -3.86
CA SER A 95 5.62 -10.79 -2.69
C SER A 95 6.10 -11.80 -1.65
N PRO A 96 5.84 -11.50 -0.37
CA PRO A 96 5.15 -10.26 0.03
C PRO A 96 6.01 -9.02 -0.20
N PHE A 97 5.49 -7.86 0.21
CA PHE A 97 6.19 -6.60 0.04
C PHE A 97 6.54 -5.99 1.40
N THR A 98 7.79 -6.15 1.81
CA THR A 98 8.25 -5.61 3.09
C THR A 98 8.33 -4.08 3.05
N VAL A 99 7.45 -3.43 3.80
CA VAL A 99 7.42 -1.97 3.86
C VAL A 99 7.61 -1.47 5.29
N MET A 100 8.76 -0.86 5.54
CA MET A 100 9.06 -0.34 6.87
C MET A 100 8.62 1.12 6.99
N ALA A 101 7.72 1.38 7.94
CA ALA A 101 7.21 2.73 8.15
C ALA A 101 7.71 3.30 9.48
N THR A 102 8.47 4.38 9.40
CA THR A 102 9.01 5.02 10.60
C THR A 102 8.72 6.52 10.59
N ASP A 103 8.74 7.11 11.79
CA ASP A 103 8.48 8.54 11.92
C ASP A 103 9.78 9.32 12.11
N GLY A 104 10.80 8.64 12.63
CA GLY A 104 12.07 9.28 12.85
C GLY A 104 11.94 10.69 13.38
N GLU A 105 12.67 11.62 12.77
CA GLU A 105 12.62 13.02 13.18
C GLU A 105 11.21 13.41 13.61
N VAL A 106 11.13 14.42 14.48
CA VAL A 106 9.84 14.89 14.97
C VAL A 106 9.72 16.42 14.81
N THR A 107 8.65 16.85 14.17
CA THR A 107 8.41 18.27 13.97
C THR A 107 7.83 18.93 15.22
N ALA A 108 8.45 20.02 15.65
CA ALA A 108 7.99 20.75 16.82
C ALA A 108 6.48 20.94 16.80
N VAL A 109 5.99 21.60 15.76
CA VAL A 109 4.56 21.85 15.61
C VAL A 109 4.18 22.07 14.15
N GLU A 110 3.06 21.49 13.75
CA GLU A 110 2.59 21.62 12.37
C GLU A 110 1.46 22.65 12.28
N GLU A 111 0.54 22.59 13.23
CA GLU A 111 -0.59 23.51 13.26
C GLU A 111 -0.31 24.69 14.19
N ALA A 112 -0.31 25.89 13.64
CA ALA A 112 -0.06 27.10 14.43
C ALA A 112 -1.37 27.76 14.83
N PRO A 113 -1.70 27.68 16.14
CA PRO A 113 -2.92 28.28 16.68
C PRO A 113 -2.88 29.81 16.68
N VAL A 114 -4.03 30.43 16.94
CA VAL A 114 -4.12 31.88 16.97
C VAL A 114 -4.66 32.36 18.31
N ASN A 115 -3.88 33.21 18.99
CA ASN A 115 -4.28 33.75 20.28
C ASN A 115 -5.78 34.04 20.31
N ALA A 116 -6.56 33.09 20.82
CA ALA A 116 -8.00 33.24 20.91
C ALA A 116 -8.43 33.62 22.32
N CYS A 117 -8.70 34.90 22.53
CA CYS A 117 -9.13 35.39 23.84
C CYS A 117 -10.02 34.38 24.54
N PRO A 118 -9.87 34.29 25.87
CA PRO A 118 -10.66 33.36 26.69
C PRO A 118 -12.13 33.75 26.77
N SER A 119 -12.45 34.94 26.27
CA SER A 119 -13.82 35.44 26.29
C SER A 119 -14.81 34.30 25.99
N GLY A 120 -15.79 34.13 26.88
CA GLY A 120 -16.78 33.09 26.70
C GLY A 120 -16.15 31.74 26.46
N PRO A 121 -16.92 30.83 25.84
CA PRO A 121 -16.46 29.48 25.54
C PRO A 121 -15.39 29.46 24.45
N SER A 122 -14.42 28.57 24.60
CA SER A 122 -13.33 28.45 23.63
C SER A 122 -13.55 27.26 22.70
N SER A 123 -12.71 27.13 21.68
CA SER A 123 -12.82 26.04 20.72
C SER A 123 -11.49 25.81 20.02
N GLY A 124 -11.29 24.59 19.53
CA GLY A 124 -10.06 24.26 18.84
C GLY A 124 -9.93 22.77 18.57
N GLY A 1 -15.05 -23.08 -4.88
CA GLY A 1 -14.11 -24.14 -5.20
C GLY A 1 -14.27 -24.64 -6.62
N SER A 2 -14.52 -23.73 -7.55
CA SER A 2 -14.69 -24.08 -8.95
C SER A 2 -13.49 -23.66 -9.78
N SER A 3 -13.38 -24.20 -10.99
CA SER A 3 -12.27 -23.89 -11.87
C SER A 3 -12.74 -23.07 -13.07
N GLY A 4 -11.85 -22.24 -13.60
CA GLY A 4 -12.19 -21.41 -14.74
C GLY A 4 -10.98 -20.72 -15.34
N SER A 5 -10.48 -21.27 -16.44
CA SER A 5 -9.32 -20.70 -17.12
C SER A 5 -9.74 -19.72 -18.21
N SER A 6 -10.04 -18.50 -17.80
CA SER A 6 -10.47 -17.46 -18.73
C SER A 6 -9.33 -16.49 -19.02
N GLY A 7 -8.12 -17.03 -19.20
CA GLY A 7 -6.97 -16.20 -19.49
C GLY A 7 -5.97 -16.19 -18.34
N THR A 8 -4.85 -16.85 -18.55
CA THR A 8 -3.80 -16.93 -17.53
C THR A 8 -2.51 -16.30 -18.02
N GLY A 9 -2.23 -15.09 -17.55
CA GLY A 9 -1.01 -14.40 -17.95
C GLY A 9 0.19 -14.83 -17.15
N ASP A 10 0.97 -13.86 -16.69
CA ASP A 10 2.17 -14.15 -15.91
C ASP A 10 2.42 -13.06 -14.86
N ALA A 11 2.80 -13.47 -13.66
CA ALA A 11 3.06 -12.53 -12.58
C ALA A 11 4.54 -12.15 -12.53
N SER A 12 5.41 -13.15 -12.51
CA SER A 12 6.85 -12.91 -12.47
C SER A 12 7.26 -11.86 -13.49
N LYS A 13 6.60 -11.88 -14.64
CA LYS A 13 6.89 -10.92 -15.71
C LYS A 13 6.49 -9.52 -15.30
N CYS A 14 5.39 -9.40 -14.56
CA CYS A 14 4.89 -8.11 -14.10
C CYS A 14 5.88 -7.47 -13.13
N LEU A 15 5.78 -6.15 -12.98
CA LEU A 15 6.66 -5.41 -12.08
C LEU A 15 5.88 -4.42 -11.25
N ALA A 16 6.46 -3.99 -10.13
CA ALA A 16 5.81 -3.03 -9.25
C ALA A 16 6.72 -1.84 -8.98
N THR A 17 6.29 -0.66 -9.43
CA THR A 17 7.07 0.56 -9.24
C THR A 17 6.26 1.61 -8.49
N GLY A 18 6.81 2.07 -7.36
CA GLY A 18 6.13 3.07 -6.57
C GLY A 18 6.79 3.30 -5.22
N PRO A 19 6.58 4.49 -4.65
CA PRO A 19 7.16 4.86 -3.35
C PRO A 19 6.53 4.08 -2.20
N GLY A 20 5.35 3.53 -2.44
CA GLY A 20 4.67 2.77 -1.41
C GLY A 20 5.25 1.39 -1.21
N ILE A 21 5.63 0.75 -2.32
CA ILE A 21 6.22 -0.59 -2.28
C ILE A 21 7.69 -0.53 -1.87
N ALA A 22 8.30 0.64 -2.03
CA ALA A 22 9.70 0.83 -1.68
C ALA A 22 10.03 0.14 -0.37
N SER A 23 11.13 -0.59 -0.36
CA SER A 23 11.57 -1.32 0.84
C SER A 23 11.27 -0.50 2.10
N THR A 24 11.53 0.81 2.01
CA THR A 24 11.30 1.69 3.14
C THR A 24 10.44 2.89 2.73
N VAL A 25 9.61 3.37 3.65
CA VAL A 25 8.75 4.51 3.39
C VAL A 25 8.58 5.38 4.63
N LYS A 26 7.87 6.49 4.48
CA LYS A 26 7.64 7.42 5.59
C LYS A 26 6.18 7.39 6.02
N THR A 27 5.96 7.52 7.32
CA THR A 27 4.61 7.52 7.87
C THR A 27 3.98 8.90 7.81
N GLY A 28 2.66 8.95 7.96
CA GLY A 28 1.95 10.22 7.91
C GLY A 28 1.63 10.65 6.50
N GLU A 29 2.53 10.34 5.56
CA GLU A 29 2.33 10.70 4.16
C GLU A 29 1.58 9.60 3.42
N GLU A 30 0.93 9.97 2.31
CA GLU A 30 0.18 9.01 1.51
C GLU A 30 1.00 8.55 0.30
N VAL A 31 1.23 7.25 0.21
CA VAL A 31 2.00 6.67 -0.89
C VAL A 31 1.09 6.36 -2.09
N GLY A 32 1.71 6.07 -3.22
CA GLY A 32 0.94 5.74 -4.42
C GLY A 32 1.76 5.00 -5.45
N PHE A 33 1.62 3.68 -5.49
CA PHE A 33 2.36 2.85 -6.43
C PHE A 33 1.43 2.31 -7.51
N VAL A 34 2.00 2.04 -8.68
CA VAL A 34 1.22 1.51 -9.81
C VAL A 34 1.92 0.31 -10.44
N VAL A 35 1.16 -0.74 -10.70
CA VAL A 35 1.70 -1.95 -11.32
C VAL A 35 1.76 -1.82 -12.83
N ASP A 36 2.95 -2.06 -13.39
CA ASP A 36 3.13 -1.97 -14.83
C ASP A 36 3.15 -3.36 -15.46
N ALA A 37 2.48 -3.48 -16.61
CA ALA A 37 2.41 -4.76 -17.32
C ALA A 37 2.81 -4.60 -18.78
N LYS A 38 3.77 -5.40 -19.22
CA LYS A 38 4.25 -5.35 -20.59
C LYS A 38 4.14 -6.72 -21.25
N THR A 39 4.52 -7.76 -20.53
CA THR A 39 4.47 -9.12 -21.05
C THR A 39 3.59 -10.01 -20.17
N ALA A 40 3.39 -9.59 -18.93
CA ALA A 40 2.57 -10.35 -17.99
C ALA A 40 1.33 -10.91 -18.68
N GLY A 41 0.62 -10.03 -19.38
CA GLY A 41 -0.59 -10.45 -20.07
C GLY A 41 -1.85 -10.04 -19.34
N LYS A 42 -2.90 -10.85 -19.49
CA LYS A 42 -4.17 -10.57 -18.83
C LYS A 42 -4.16 -11.08 -17.39
N GLY A 43 -4.81 -10.33 -16.49
CA GLY A 43 -4.87 -10.72 -15.10
C GLY A 43 -5.20 -9.55 -14.19
N LYS A 44 -5.85 -9.85 -13.07
CA LYS A 44 -6.23 -8.83 -12.11
C LYS A 44 -5.19 -8.71 -11.00
N VAL A 45 -4.86 -7.48 -10.62
CA VAL A 45 -3.88 -7.24 -9.57
C VAL A 45 -4.56 -6.78 -8.28
N THR A 46 -4.51 -7.64 -7.27
CA THR A 46 -5.12 -7.32 -5.98
C THR A 46 -4.08 -6.88 -4.96
N CYS A 47 -4.42 -5.87 -4.16
CA CYS A 47 -3.51 -5.35 -3.16
C CYS A 47 -4.14 -5.44 -1.77
N THR A 48 -3.30 -5.72 -0.76
CA THR A 48 -3.78 -5.83 0.61
C THR A 48 -2.72 -5.33 1.59
N VAL A 49 -3.04 -4.23 2.27
CA VAL A 49 -2.11 -3.66 3.25
C VAL A 49 -2.30 -4.28 4.61
N LEU A 50 -1.28 -4.99 5.09
CA LEU A 50 -1.33 -5.65 6.39
C LEU A 50 -0.56 -4.84 7.44
N THR A 51 -1.30 -4.20 8.34
CA THR A 51 -0.69 -3.40 9.39
C THR A 51 0.01 -4.27 10.42
N PRO A 52 1.10 -3.76 11.01
CA PRO A 52 1.87 -4.48 12.02
C PRO A 52 1.11 -4.63 13.34
N ASP A 53 -0.10 -4.10 13.38
CA ASP A 53 -0.93 -4.18 14.57
C ASP A 53 -1.69 -5.51 14.62
N GLY A 54 -1.97 -6.05 13.45
CA GLY A 54 -2.69 -7.31 13.37
C GLY A 54 -4.07 -7.15 12.77
N THR A 55 -4.23 -6.15 11.91
CA THR A 55 -5.51 -5.89 11.27
C THR A 55 -5.35 -5.66 9.76
N GLU A 56 -6.33 -6.12 8.99
CA GLU A 56 -6.29 -5.97 7.55
C GLU A 56 -6.93 -4.65 7.12
N ALA A 57 -6.13 -3.78 6.51
CA ALA A 57 -6.63 -2.48 6.06
C ALA A 57 -7.09 -2.55 4.61
N GLU A 58 -7.98 -1.64 4.23
CA GLU A 58 -8.51 -1.61 2.87
C GLU A 58 -7.61 -0.78 1.96
N ALA A 59 -7.41 -1.26 0.74
CA ALA A 59 -6.56 -0.56 -0.23
C ALA A 59 -7.35 -0.18 -1.47
N ASP A 60 -7.22 1.06 -1.91
CA ASP A 60 -7.92 1.54 -3.09
C ASP A 60 -7.18 1.13 -4.37
N VAL A 61 -7.88 0.41 -5.24
CA VAL A 61 -7.30 -0.05 -6.49
C VAL A 61 -8.05 0.52 -7.69
N ILE A 62 -7.31 0.94 -8.71
CA ILE A 62 -7.91 1.50 -9.91
C ILE A 62 -7.24 0.96 -11.16
N GLU A 63 -8.04 0.38 -12.06
CA GLU A 63 -7.52 -0.18 -13.31
C GLU A 63 -7.36 0.91 -14.36
N ASN A 64 -6.36 0.74 -15.22
CA ASN A 64 -6.09 1.71 -16.28
C ASN A 64 -6.09 1.03 -17.65
N GLU A 65 -6.31 1.82 -18.69
CA GLU A 65 -6.34 1.30 -20.05
C GLU A 65 -4.99 0.69 -20.44
N ASP A 66 -3.93 1.18 -19.81
CA ASP A 66 -2.58 0.70 -20.07
C ASP A 66 -2.28 -0.54 -19.22
N GLY A 67 -3.30 -1.34 -18.95
CA GLY A 67 -3.13 -2.53 -18.16
C GLY A 67 -2.34 -2.27 -16.88
N THR A 68 -2.63 -1.15 -16.23
CA THR A 68 -1.94 -0.78 -15.00
C THR A 68 -2.93 -0.55 -13.86
N TYR A 69 -2.48 -0.78 -12.64
CA TYR A 69 -3.33 -0.60 -11.46
C TYR A 69 -2.68 0.36 -10.47
N ASP A 70 -3.37 1.46 -10.19
CA ASP A 70 -2.87 2.46 -9.26
C ASP A 70 -3.43 2.22 -7.85
N ILE A 71 -2.54 2.11 -6.88
CA ILE A 71 -2.94 1.87 -5.51
C ILE A 71 -2.33 2.92 -4.58
N PHE A 72 -3.08 3.27 -3.53
CA PHE A 72 -2.61 4.26 -2.56
C PHE A 72 -2.95 3.83 -1.14
N TYR A 73 -2.07 4.15 -0.20
CA TYR A 73 -2.28 3.79 1.20
C TYR A 73 -1.38 4.63 2.12
N THR A 74 -1.88 4.91 3.32
CA THR A 74 -1.12 5.71 4.28
C THR A 74 -0.77 4.88 5.51
N ALA A 75 0.34 5.22 6.15
CA ALA A 75 0.80 4.51 7.34
C ALA A 75 0.56 5.34 8.60
N ALA A 76 -0.58 5.13 9.24
CA ALA A 76 -0.92 5.86 10.45
C ALA A 76 0.20 5.76 11.49
N LYS A 77 0.72 4.55 11.67
CA LYS A 77 1.81 4.33 12.63
C LYS A 77 2.93 3.53 11.99
N PRO A 78 4.17 3.73 12.50
CA PRO A 78 5.35 3.03 11.99
C PRO A 78 5.34 1.55 12.34
N GLY A 79 6.20 0.78 11.67
CA GLY A 79 6.27 -0.65 11.93
C GLY A 79 6.59 -1.44 10.69
N THR A 80 6.20 -2.71 10.67
CA THR A 80 6.45 -3.58 9.53
C THR A 80 5.17 -3.88 8.78
N TYR A 81 4.97 -3.19 7.66
CA TYR A 81 3.79 -3.37 6.84
C TYR A 81 4.04 -4.41 5.74
N VAL A 82 3.03 -5.24 5.47
CA VAL A 82 3.14 -6.26 4.43
C VAL A 82 2.06 -6.10 3.38
N ILE A 83 2.47 -5.96 2.12
CA ILE A 83 1.53 -5.80 1.02
C ILE A 83 1.49 -7.05 0.15
N TYR A 84 0.30 -7.60 -0.03
CA TYR A 84 0.13 -8.79 -0.84
C TYR A 84 -0.34 -8.43 -2.25
N VAL A 85 0.43 -8.86 -3.25
CA VAL A 85 0.10 -8.59 -4.64
C VAL A 85 -0.01 -9.88 -5.44
N ARG A 86 -1.16 -10.08 -6.08
CA ARG A 86 -1.40 -11.28 -6.88
C ARG A 86 -1.95 -10.90 -8.25
N PHE A 87 -1.41 -11.53 -9.30
CA PHE A 87 -1.86 -11.28 -10.65
C PHE A 87 -2.52 -12.51 -11.25
N GLY A 88 -3.81 -12.37 -11.61
CA GLY A 88 -4.54 -13.48 -12.19
C GLY A 88 -4.37 -14.76 -11.41
N GLY A 89 -4.39 -14.66 -10.08
CA GLY A 89 -4.23 -15.82 -9.23
C GLY A 89 -2.79 -16.30 -9.17
N VAL A 90 -1.86 -15.38 -9.38
CA VAL A 90 -0.44 -15.72 -9.35
C VAL A 90 0.34 -14.72 -8.51
N ASP A 91 0.71 -15.13 -7.30
CA ASP A 91 1.47 -14.26 -6.40
C ASP A 91 2.88 -14.03 -6.93
N ILE A 92 3.11 -12.83 -7.45
CA ILE A 92 4.41 -12.48 -8.00
C ILE A 92 5.53 -12.94 -7.07
N PRO A 93 6.72 -13.16 -7.65
CA PRO A 93 7.91 -13.61 -6.90
C PRO A 93 8.44 -12.52 -5.97
N ASN A 94 7.75 -11.39 -5.93
CA ASN A 94 8.16 -10.28 -5.08
C ASN A 94 7.28 -10.18 -3.85
N SER A 95 6.18 -10.93 -3.85
CA SER A 95 5.24 -10.93 -2.73
C SER A 95 5.59 -12.02 -1.72
N PRO A 96 5.42 -11.72 -0.43
CA PRO A 96 4.91 -10.41 0.01
C PRO A 96 5.93 -9.30 -0.21
N PHE A 97 5.49 -8.06 0.00
CA PHE A 97 6.36 -6.90 -0.18
C PHE A 97 6.72 -6.29 1.17
N THR A 98 8.01 -6.25 1.47
CA THR A 98 8.49 -5.69 2.73
C THR A 98 8.49 -4.17 2.67
N VAL A 99 7.70 -3.55 3.54
CA VAL A 99 7.60 -2.10 3.60
C VAL A 99 7.75 -1.58 5.02
N MET A 100 8.87 -0.95 5.32
CA MET A 100 9.13 -0.41 6.64
C MET A 100 8.81 1.08 6.70
N ALA A 101 7.77 1.42 7.46
CA ALA A 101 7.36 2.82 7.59
C ALA A 101 8.09 3.49 8.74
N THR A 102 8.97 4.43 8.41
CA THR A 102 9.75 5.16 9.42
C THR A 102 9.02 6.41 9.87
N ASP A 103 9.18 6.77 11.13
CA ASP A 103 8.55 7.96 11.68
C ASP A 103 9.33 9.22 11.31
N GLY A 104 10.65 9.08 11.20
CA GLY A 104 11.49 10.21 10.84
C GLY A 104 12.15 10.83 12.06
N GLU A 105 13.24 11.56 11.82
CA GLU A 105 13.97 12.22 12.90
C GLU A 105 13.01 12.90 13.87
N VAL A 106 13.48 13.15 15.09
CA VAL A 106 12.66 13.79 16.11
C VAL A 106 12.32 15.23 15.71
N THR A 107 11.07 15.62 15.94
CA THR A 107 10.62 16.96 15.61
C THR A 107 10.64 17.88 16.83
N ALA A 108 10.80 19.17 16.58
CA ALA A 108 10.84 20.15 17.67
C ALA A 108 9.45 20.68 17.97
N VAL A 109 9.06 20.63 19.24
CA VAL A 109 7.75 21.11 19.67
C VAL A 109 7.73 21.37 21.17
N GLU A 110 7.40 22.59 21.56
CA GLU A 110 7.34 22.96 22.96
C GLU A 110 6.03 22.48 23.59
N GLU A 111 6.14 21.81 24.74
CA GLU A 111 4.97 21.30 25.44
C GLU A 111 5.18 21.33 26.95
N ALA A 112 4.50 22.26 27.62
CA ALA A 112 4.62 22.39 29.06
C ALA A 112 3.42 23.13 29.64
N PRO A 113 2.74 22.50 30.62
CA PRO A 113 1.57 23.09 31.27
C PRO A 113 1.92 24.27 32.16
N VAL A 114 0.93 25.13 32.41
CA VAL A 114 1.14 26.30 33.25
C VAL A 114 0.04 26.45 34.29
N ASN A 115 0.43 26.40 35.56
CA ASN A 115 -0.52 26.50 36.66
C ASN A 115 0.13 27.14 37.89
N ALA A 116 -0.65 27.89 38.65
CA ALA A 116 -0.15 28.53 39.85
C ALA A 116 -1.29 29.12 40.68
N CYS A 117 -1.07 29.22 41.99
CA CYS A 117 -2.08 29.77 42.89
C CYS A 117 -1.45 30.55 44.02
N PRO A 118 -2.07 31.67 44.40
CA PRO A 118 -1.57 32.53 45.48
C PRO A 118 -1.70 31.88 46.85
N SER A 119 -0.73 32.15 47.72
CA SER A 119 -0.73 31.58 49.07
C SER A 119 0.38 32.20 49.91
N GLY A 120 0.13 32.31 51.21
CA GLY A 120 1.11 32.89 52.11
C GLY A 120 1.79 31.84 52.97
N PRO A 121 2.92 31.31 52.47
CA PRO A 121 3.69 30.28 53.18
C PRO A 121 4.38 30.83 54.42
N SER A 122 5.09 29.96 55.14
CA SER A 122 5.79 30.36 56.36
C SER A 122 6.92 29.39 56.67
N SER A 123 7.67 29.68 57.73
CA SER A 123 8.78 28.84 58.14
C SER A 123 8.54 28.25 59.52
N GLY A 124 8.56 26.92 59.60
CA GLY A 124 8.34 26.25 60.87
C GLY A 124 9.58 25.55 61.38
N GLY A 1 -3.66 -27.91 -16.54
CA GLY A 1 -3.80 -28.71 -15.34
C GLY A 1 -3.72 -30.20 -15.61
N SER A 2 -4.88 -30.85 -15.68
CA SER A 2 -4.94 -32.28 -15.94
C SER A 2 -5.98 -32.61 -17.01
N SER A 3 -7.17 -32.07 -16.84
CA SER A 3 -8.26 -32.30 -17.79
C SER A 3 -7.84 -31.91 -19.20
N GLY A 4 -7.46 -30.64 -19.38
CA GLY A 4 -7.04 -30.17 -20.68
C GLY A 4 -6.00 -29.07 -20.59
N SER A 5 -6.20 -28.01 -21.37
CA SER A 5 -5.26 -26.89 -21.37
C SER A 5 -5.94 -25.61 -20.90
N SER A 6 -5.26 -24.89 -20.01
CA SER A 6 -5.79 -23.64 -19.47
C SER A 6 -4.69 -22.63 -19.22
N GLY A 7 -5.07 -21.39 -18.92
CA GLY A 7 -4.09 -20.36 -18.67
C GLY A 7 -4.71 -18.97 -18.67
N THR A 8 -4.30 -18.13 -17.73
CA THR A 8 -4.82 -16.77 -17.64
C THR A 8 -3.78 -15.75 -18.08
N GLY A 9 -2.53 -15.97 -17.67
CA GLY A 9 -1.46 -15.06 -18.03
C GLY A 9 -0.18 -15.33 -17.26
N ASP A 10 0.61 -14.30 -17.04
CA ASP A 10 1.87 -14.44 -16.32
C ASP A 10 1.92 -13.48 -15.12
N ALA A 11 2.57 -13.91 -14.06
CA ALA A 11 2.70 -13.10 -12.85
C ALA A 11 4.11 -12.53 -12.71
N SER A 12 5.10 -13.42 -12.76
CA SER A 12 6.49 -13.02 -12.63
C SER A 12 6.80 -11.84 -13.54
N LYS A 13 6.11 -11.77 -14.67
CA LYS A 13 6.31 -10.69 -15.63
C LYS A 13 5.88 -9.35 -15.04
N CYS A 14 4.73 -9.34 -14.39
CA CYS A 14 4.22 -8.11 -13.77
C CYS A 14 5.27 -7.47 -12.87
N LEU A 15 5.40 -6.16 -12.97
CA LEU A 15 6.37 -5.42 -12.17
C LEU A 15 5.68 -4.38 -11.29
N ALA A 16 6.29 -4.08 -10.15
CA ALA A 16 5.73 -3.10 -9.22
C ALA A 16 6.70 -1.93 -9.03
N THR A 17 6.31 -0.77 -9.53
CA THR A 17 7.13 0.43 -9.42
C THR A 17 6.37 1.56 -8.74
N GLY A 18 6.99 2.16 -7.72
CA GLY A 18 6.35 3.25 -7.01
C GLY A 18 7.01 3.52 -5.67
N PRO A 19 6.82 4.73 -5.15
CA PRO A 19 7.38 5.14 -3.85
C PRO A 19 6.72 4.44 -2.68
N GLY A 20 5.48 3.99 -2.89
CA GLY A 20 4.76 3.30 -1.84
C GLY A 20 5.32 1.93 -1.55
N ILE A 21 5.94 1.32 -2.55
CA ILE A 21 6.54 -0.01 -2.39
C ILE A 21 8.02 0.08 -2.04
N ALA A 22 8.48 1.30 -1.75
CA ALA A 22 9.88 1.52 -1.39
C ALA A 22 10.25 0.76 -0.14
N SER A 23 11.46 0.20 -0.12
CA SER A 23 11.93 -0.56 1.02
C SER A 23 11.50 0.09 2.33
N THR A 24 11.56 1.42 2.37
CA THR A 24 11.18 2.17 3.56
C THR A 24 10.37 3.41 3.20
N VAL A 25 9.26 3.62 3.91
CA VAL A 25 8.40 4.77 3.66
C VAL A 25 8.13 5.54 4.95
N LYS A 26 7.54 6.72 4.81
CA LYS A 26 7.23 7.57 5.95
C LYS A 26 5.75 7.44 6.33
N THR A 27 5.49 7.38 7.63
CA THR A 27 4.12 7.26 8.13
C THR A 27 3.39 8.59 8.04
N GLY A 28 2.06 8.52 8.13
CA GLY A 28 1.26 9.74 8.06
C GLY A 28 1.03 10.20 6.63
N GLU A 29 2.06 10.06 5.79
CA GLU A 29 1.97 10.47 4.40
C GLU A 29 1.22 9.41 3.57
N GLU A 30 0.69 9.83 2.42
CA GLU A 30 -0.04 8.93 1.54
C GLU A 30 0.78 8.60 0.30
N VAL A 31 1.14 7.33 0.17
CA VAL A 31 1.93 6.88 -0.98
C VAL A 31 1.03 6.39 -2.11
N GLY A 32 1.61 6.21 -3.29
CA GLY A 32 0.84 5.75 -4.42
C GLY A 32 1.73 5.11 -5.49
N PHE A 33 1.70 3.79 -5.56
CA PHE A 33 2.50 3.05 -6.53
C PHE A 33 1.62 2.55 -7.68
N VAL A 34 2.26 1.99 -8.70
CA VAL A 34 1.54 1.46 -9.85
C VAL A 34 2.27 0.26 -10.46
N VAL A 35 1.52 -0.78 -10.79
CA VAL A 35 2.10 -1.98 -11.39
C VAL A 35 2.16 -1.87 -12.91
N ASP A 36 3.35 -2.11 -13.46
CA ASP A 36 3.53 -2.04 -14.91
C ASP A 36 3.47 -3.43 -15.53
N ALA A 37 2.61 -3.58 -16.53
CA ALA A 37 2.44 -4.86 -17.22
C ALA A 37 2.54 -4.69 -18.73
N LYS A 38 3.42 -5.45 -19.35
CA LYS A 38 3.61 -5.39 -20.80
C LYS A 38 3.44 -6.77 -21.42
N THR A 39 4.02 -7.79 -20.79
CA THR A 39 3.94 -9.15 -21.30
C THR A 39 3.08 -10.02 -20.38
N ALA A 40 2.90 -9.56 -19.15
CA ALA A 40 2.09 -10.29 -18.17
C ALA A 40 0.84 -10.87 -18.82
N GLY A 41 0.26 -10.12 -19.75
CA GLY A 41 -0.94 -10.58 -20.43
C GLY A 41 -2.21 -10.17 -19.71
N LYS A 42 -3.17 -11.08 -19.65
CA LYS A 42 -4.44 -10.82 -18.99
C LYS A 42 -4.37 -11.20 -17.51
N GLY A 43 -5.03 -10.42 -16.66
CA GLY A 43 -5.04 -10.69 -15.24
C GLY A 43 -5.20 -9.43 -14.41
N LYS A 44 -5.84 -9.57 -13.25
CA LYS A 44 -6.06 -8.44 -12.36
C LYS A 44 -5.01 -8.39 -11.27
N VAL A 45 -4.85 -7.22 -10.65
CA VAL A 45 -3.87 -7.04 -9.59
C VAL A 45 -4.55 -6.64 -8.27
N THR A 46 -4.42 -7.50 -7.26
CA THR A 46 -5.02 -7.24 -5.96
C THR A 46 -3.96 -6.86 -4.93
N CYS A 47 -4.26 -5.84 -4.12
CA CYS A 47 -3.34 -5.39 -3.10
C CYS A 47 -3.98 -5.45 -1.72
N THR A 48 -3.17 -5.78 -0.71
CA THR A 48 -3.65 -5.88 0.66
C THR A 48 -2.65 -5.32 1.65
N VAL A 49 -3.01 -4.21 2.30
CA VAL A 49 -2.14 -3.57 3.26
C VAL A 49 -2.26 -4.24 4.63
N LEU A 50 -1.16 -4.85 5.08
CA LEU A 50 -1.13 -5.52 6.37
C LEU A 50 -0.39 -4.69 7.41
N THR A 51 -1.10 -4.26 8.45
CA THR A 51 -0.51 -3.46 9.51
C THR A 51 0.15 -4.35 10.56
N PRO A 52 1.21 -3.82 11.19
CA PRO A 52 1.96 -4.54 12.22
C PRO A 52 1.16 -4.69 13.51
N ASP A 53 0.02 -4.02 13.57
CA ASP A 53 -0.85 -4.10 14.75
C ASP A 53 -1.62 -5.41 14.77
N GLY A 54 -1.81 -6.01 13.60
CA GLY A 54 -2.54 -7.26 13.51
C GLY A 54 -3.91 -7.09 12.86
N THR A 55 -4.02 -6.11 11.98
CA THR A 55 -5.28 -5.84 11.29
C THR A 55 -5.07 -5.74 9.79
N GLU A 56 -5.99 -6.34 9.03
CA GLU A 56 -5.90 -6.32 7.57
C GLU A 56 -6.65 -5.12 7.00
N ALA A 57 -5.91 -4.21 6.38
CA ALA A 57 -6.51 -3.02 5.79
C ALA A 57 -6.62 -3.15 4.28
N GLU A 58 -7.61 -2.48 3.70
CA GLU A 58 -7.81 -2.53 2.25
C GLU A 58 -7.13 -1.34 1.56
N ALA A 59 -6.93 -1.47 0.26
CA ALA A 59 -6.29 -0.41 -0.51
C ALA A 59 -7.13 -0.04 -1.74
N ASP A 60 -6.98 1.20 -2.19
CA ASP A 60 -7.73 1.68 -3.35
C ASP A 60 -6.98 1.38 -4.64
N VAL A 61 -7.51 0.46 -5.44
CA VAL A 61 -6.89 0.08 -6.69
C VAL A 61 -7.49 0.87 -7.85
N ILE A 62 -6.66 1.15 -8.86
CA ILE A 62 -7.12 1.89 -10.04
C ILE A 62 -6.60 1.25 -11.32
N GLU A 63 -7.50 0.59 -12.05
CA GLU A 63 -7.13 -0.06 -13.29
C GLU A 63 -7.05 0.95 -14.44
N ASN A 64 -6.13 0.71 -15.36
CA ASN A 64 -5.95 1.61 -16.50
C ASN A 64 -5.90 0.81 -17.81
N GLU A 65 -6.33 1.45 -18.89
CA GLU A 65 -6.34 0.82 -20.20
C GLU A 65 -4.94 0.36 -20.60
N ASP A 66 -3.92 1.01 -20.03
CA ASP A 66 -2.54 0.67 -20.32
C ASP A 66 -2.07 -0.50 -19.46
N GLY A 67 -2.98 -1.44 -19.22
CA GLY A 67 -2.63 -2.60 -18.42
C GLY A 67 -1.85 -2.23 -17.16
N THR A 68 -2.18 -1.07 -16.60
CA THR A 68 -1.50 -0.61 -15.39
C THR A 68 -2.49 -0.39 -14.25
N TYR A 69 -2.06 -0.70 -13.04
CA TYR A 69 -2.92 -0.54 -11.86
C TYR A 69 -2.22 0.32 -10.81
N ASP A 70 -2.85 1.46 -10.48
CA ASP A 70 -2.30 2.36 -9.48
C ASP A 70 -3.04 2.22 -8.15
N ILE A 71 -2.28 2.07 -7.08
CA ILE A 71 -2.86 1.93 -5.75
C ILE A 71 -2.26 2.94 -4.77
N PHE A 72 -3.03 3.31 -3.76
CA PHE A 72 -2.57 4.25 -2.75
C PHE A 72 -2.93 3.78 -1.35
N TYR A 73 -2.07 4.10 -0.38
CA TYR A 73 -2.31 3.70 1.00
C TYR A 73 -1.52 4.59 1.96
N THR A 74 -1.95 4.63 3.22
CA THR A 74 -1.28 5.44 4.23
C THR A 74 -0.86 4.59 5.42
N ALA A 75 0.18 5.04 6.12
CA ALA A 75 0.69 4.32 7.28
C ALA A 75 0.35 5.06 8.58
N ALA A 76 -0.72 4.63 9.24
CA ALA A 76 -1.15 5.25 10.49
C ALA A 76 -0.02 5.25 11.52
N LYS A 77 0.55 4.08 11.76
CA LYS A 77 1.64 3.95 12.71
C LYS A 77 2.83 3.23 12.09
N PRO A 78 4.04 3.52 12.60
CA PRO A 78 5.28 2.93 12.10
C PRO A 78 5.38 1.44 12.46
N GLY A 79 6.23 0.72 11.73
CA GLY A 79 6.42 -0.70 11.99
C GLY A 79 6.77 -1.46 10.73
N THR A 80 6.26 -2.69 10.63
CA THR A 80 6.53 -3.53 9.47
C THR A 80 5.25 -3.85 8.71
N TYR A 81 5.06 -3.17 7.58
CA TYR A 81 3.87 -3.38 6.76
C TYR A 81 4.13 -4.42 5.67
N VAL A 82 3.21 -5.36 5.52
CA VAL A 82 3.33 -6.40 4.52
C VAL A 82 2.27 -6.27 3.44
N ILE A 83 2.70 -5.95 2.23
CA ILE A 83 1.78 -5.79 1.11
C ILE A 83 1.69 -7.07 0.28
N TYR A 84 0.48 -7.59 0.15
CA TYR A 84 0.26 -8.82 -0.61
C TYR A 84 -0.27 -8.50 -2.01
N VAL A 85 0.55 -8.76 -3.02
CA VAL A 85 0.16 -8.51 -4.41
C VAL A 85 0.16 -9.80 -5.22
N ARG A 86 -0.82 -9.92 -6.11
CA ARG A 86 -0.95 -11.11 -6.95
C ARG A 86 -1.56 -10.76 -8.30
N PHE A 87 -1.25 -11.57 -9.31
CA PHE A 87 -1.77 -11.33 -10.66
C PHE A 87 -2.69 -12.48 -11.09
N GLY A 88 -3.97 -12.17 -11.24
CA GLY A 88 -4.93 -13.18 -11.64
C GLY A 88 -5.05 -14.31 -10.63
N GLY A 89 -4.49 -14.10 -9.44
CA GLY A 89 -4.54 -15.12 -8.41
C GLY A 89 -3.20 -15.77 -8.17
N VAL A 90 -2.14 -15.15 -8.67
CA VAL A 90 -0.79 -15.68 -8.51
C VAL A 90 0.09 -14.71 -7.73
N ASP A 91 0.48 -15.12 -6.52
CA ASP A 91 1.32 -14.30 -5.67
C ASP A 91 2.69 -14.09 -6.30
N ILE A 92 2.84 -12.98 -7.02
CA ILE A 92 4.12 -12.67 -7.68
C ILE A 92 5.30 -13.10 -6.82
N PRO A 93 6.45 -13.33 -7.47
CA PRO A 93 7.68 -13.74 -6.79
C PRO A 93 8.27 -12.63 -5.93
N ASN A 94 7.57 -11.50 -5.88
CA ASN A 94 8.04 -10.36 -5.10
C ASN A 94 7.19 -10.18 -3.84
N SER A 95 6.08 -10.90 -3.78
CA SER A 95 5.18 -10.83 -2.63
C SER A 95 5.52 -11.90 -1.60
N PRO A 96 5.40 -11.55 -0.32
CA PRO A 96 4.96 -10.22 0.11
C PRO A 96 6.01 -9.14 -0.19
N PHE A 97 5.64 -7.89 0.01
CA PHE A 97 6.54 -6.77 -0.23
C PHE A 97 6.93 -6.09 1.08
N THR A 98 8.14 -6.37 1.55
CA THR A 98 8.64 -5.80 2.79
C THR A 98 8.66 -4.28 2.72
N VAL A 99 7.92 -3.63 3.61
CA VAL A 99 7.85 -2.17 3.64
C VAL A 99 7.98 -1.65 5.06
N MET A 100 9.11 -1.03 5.37
CA MET A 100 9.35 -0.47 6.70
C MET A 100 8.92 0.98 6.77
N ALA A 101 7.90 1.26 7.59
CA ALA A 101 7.39 2.61 7.74
C ALA A 101 8.03 3.31 8.95
N THR A 102 8.82 4.34 8.69
CA THR A 102 9.48 5.08 9.76
C THR A 102 8.68 6.30 10.16
N ASP A 103 8.70 6.63 11.45
CA ASP A 103 7.97 7.78 11.97
C ASP A 103 8.55 9.08 11.42
N GLY A 104 9.86 9.07 11.17
CA GLY A 104 10.52 10.26 10.66
C GLY A 104 10.67 11.34 11.70
N GLU A 105 11.20 12.50 11.28
CA GLU A 105 11.40 13.62 12.20
C GLU A 105 10.07 14.27 12.56
N VAL A 106 10.03 14.92 13.72
CA VAL A 106 8.83 15.59 14.19
C VAL A 106 9.16 16.84 14.99
N THR A 107 8.31 17.85 14.87
CA THR A 107 8.52 19.11 15.59
C THR A 107 7.19 19.82 15.85
N ALA A 108 6.78 19.85 17.11
CA ALA A 108 5.53 20.49 17.48
C ALA A 108 5.42 21.88 16.86
N VAL A 109 4.20 22.40 16.78
CA VAL A 109 3.96 23.72 16.20
C VAL A 109 4.05 24.81 17.27
N GLU A 110 4.37 26.03 16.83
CA GLU A 110 4.50 27.15 17.74
C GLU A 110 3.21 27.38 18.51
N GLU A 111 3.32 27.42 19.84
CA GLU A 111 2.16 27.61 20.70
C GLU A 111 2.58 27.76 22.16
N ALA A 112 1.67 28.28 22.98
CA ALA A 112 1.95 28.48 24.40
C ALA A 112 1.00 27.66 25.26
N PRO A 113 1.54 27.07 26.34
CA PRO A 113 0.74 26.25 27.27
C PRO A 113 -0.23 27.08 28.09
N VAL A 114 -1.51 26.72 28.02
CA VAL A 114 -2.55 27.44 28.75
C VAL A 114 -2.05 27.84 30.15
N ASN A 115 -2.24 29.10 30.49
CA ASN A 115 -1.81 29.61 31.79
C ASN A 115 -3.02 29.96 32.67
N ALA A 116 -3.31 29.11 33.64
CA ALA A 116 -4.44 29.33 34.53
C ALA A 116 -4.41 28.35 35.70
N CYS A 117 -4.32 28.89 36.91
CA CYS A 117 -4.28 28.07 38.12
C CYS A 117 -5.69 27.76 38.60
N PRO A 118 -5.98 26.46 38.80
CA PRO A 118 -7.30 26.00 39.26
C PRO A 118 -7.55 26.37 40.72
N SER A 119 -8.64 25.84 41.28
CA SER A 119 -9.00 26.12 42.66
C SER A 119 -9.72 24.93 43.28
N GLY A 120 -9.44 24.67 44.55
CA GLY A 120 -10.05 23.56 45.25
C GLY A 120 -10.44 23.91 46.68
N PRO A 121 -11.55 23.33 47.14
CA PRO A 121 -12.05 23.57 48.51
C PRO A 121 -11.16 22.94 49.57
N SER A 122 -11.58 23.05 50.83
CA SER A 122 -10.81 22.49 51.94
C SER A 122 -11.58 22.63 53.25
N SER A 123 -11.64 21.55 54.02
CA SER A 123 -12.34 21.55 55.30
C SER A 123 -11.76 22.61 56.24
N GLY A 124 -10.46 22.48 56.52
CA GLY A 124 -9.81 23.44 57.41
C GLY A 124 -9.73 24.82 56.80
N GLY A 1 -6.20 -2.46 -31.89
CA GLY A 1 -6.18 -3.55 -32.86
C GLY A 1 -4.98 -4.44 -32.70
N SER A 2 -4.99 -5.26 -31.65
CA SER A 2 -3.88 -6.18 -31.38
C SER A 2 -4.39 -7.59 -31.14
N SER A 3 -3.48 -8.56 -31.19
CA SER A 3 -3.84 -9.95 -30.98
C SER A 3 -4.43 -10.16 -29.59
N GLY A 4 -5.30 -11.16 -29.46
CA GLY A 4 -5.93 -11.44 -28.18
C GLY A 4 -5.15 -12.45 -27.36
N SER A 5 -5.17 -12.28 -26.05
CA SER A 5 -4.46 -13.19 -25.15
C SER A 5 -5.32 -14.38 -24.76
N SER A 6 -4.81 -15.58 -25.03
CA SER A 6 -5.54 -16.80 -24.72
C SER A 6 -5.07 -17.38 -23.39
N GLY A 7 -6.03 -17.81 -22.57
CA GLY A 7 -5.69 -18.39 -21.28
C GLY A 7 -5.37 -17.34 -20.24
N THR A 8 -4.16 -17.40 -19.68
CA THR A 8 -3.74 -16.45 -18.68
C THR A 8 -2.25 -16.15 -18.79
N GLY A 9 -1.86 -14.93 -18.43
CA GLY A 9 -0.46 -14.54 -18.50
C GLY A 9 0.34 -15.00 -17.30
N ASP A 10 1.43 -14.31 -17.01
CA ASP A 10 2.27 -14.65 -15.89
C ASP A 10 2.36 -13.48 -14.90
N ALA A 11 2.86 -13.77 -13.70
CA ALA A 11 3.00 -12.75 -12.67
C ALA A 11 4.46 -12.35 -12.49
N SER A 12 5.35 -13.33 -12.51
CA SER A 12 6.78 -13.07 -12.35
C SER A 12 7.20 -11.84 -13.14
N LYS A 13 6.70 -11.72 -14.36
CA LYS A 13 7.02 -10.59 -15.22
C LYS A 13 6.49 -9.28 -14.62
N CYS A 14 5.27 -9.34 -14.09
CA CYS A 14 4.65 -8.16 -13.50
C CYS A 14 5.63 -7.44 -12.57
N LEU A 15 5.78 -6.14 -12.79
CA LEU A 15 6.69 -5.34 -11.97
C LEU A 15 5.92 -4.29 -11.18
N ALA A 16 6.41 -3.99 -9.98
CA ALA A 16 5.77 -3.00 -9.12
C ALA A 16 6.66 -1.78 -8.93
N THR A 17 6.18 -0.62 -9.35
CA THR A 17 6.93 0.61 -9.24
C THR A 17 6.14 1.66 -8.44
N GLY A 18 6.76 2.16 -7.37
CA GLY A 18 6.10 3.16 -6.55
C GLY A 18 6.74 3.31 -5.19
N PRO A 19 6.54 4.46 -4.55
CA PRO A 19 7.10 4.75 -3.21
C PRO A 19 6.44 3.92 -2.12
N GLY A 20 5.20 3.52 -2.35
CA GLY A 20 4.48 2.73 -1.38
C GLY A 20 5.03 1.33 -1.24
N ILE A 21 5.62 0.83 -2.33
CA ILE A 21 6.19 -0.52 -2.34
C ILE A 21 7.68 -0.48 -1.98
N ALA A 22 8.26 0.71 -2.03
CA ALA A 22 9.67 0.88 -1.71
C ALA A 22 10.02 0.22 -0.38
N SER A 23 11.15 -0.48 -0.35
CA SER A 23 11.59 -1.16 0.86
C SER A 23 11.22 -0.36 2.11
N THR A 24 11.40 0.95 2.03
CA THR A 24 11.07 1.82 3.15
C THR A 24 10.14 2.96 2.72
N VAL A 25 9.42 3.51 3.69
CA VAL A 25 8.49 4.61 3.40
C VAL A 25 8.22 5.44 4.64
N LYS A 26 7.85 6.70 4.44
CA LYS A 26 7.56 7.60 5.56
C LYS A 26 6.10 7.49 5.98
N THR A 27 5.85 7.62 7.28
CA THR A 27 4.49 7.55 7.81
C THR A 27 3.81 8.90 7.76
N GLY A 28 2.49 8.89 7.83
CA GLY A 28 1.73 10.12 7.80
C GLY A 28 1.45 10.61 6.39
N GLU A 29 2.37 10.32 5.48
CA GLU A 29 2.22 10.72 4.08
C GLU A 29 1.45 9.67 3.29
N GLU A 30 0.79 10.10 2.23
CA GLU A 30 0.01 9.20 1.39
C GLU A 30 0.80 8.78 0.16
N VAL A 31 1.21 7.52 0.12
CA VAL A 31 1.97 7.00 -1.01
C VAL A 31 1.05 6.58 -2.16
N GLY A 32 1.65 6.23 -3.29
CA GLY A 32 0.87 5.82 -4.44
C GLY A 32 1.70 5.07 -5.47
N PHE A 33 1.59 3.74 -5.45
CA PHE A 33 2.35 2.90 -6.37
C PHE A 33 1.42 2.33 -7.44
N VAL A 34 2.00 2.00 -8.60
CA VAL A 34 1.24 1.44 -9.70
C VAL A 34 1.99 0.31 -10.38
N VAL A 35 1.29 -0.79 -10.64
CA VAL A 35 1.90 -1.95 -11.28
C VAL A 35 2.01 -1.76 -12.79
N ASP A 36 3.09 -2.24 -13.37
CA ASP A 36 3.30 -2.12 -14.81
C ASP A 36 3.34 -3.50 -15.48
N ALA A 37 2.69 -3.61 -16.63
CA ALA A 37 2.65 -4.86 -17.36
C ALA A 37 3.03 -4.67 -18.83
N LYS A 38 4.01 -5.43 -19.29
CA LYS A 38 4.46 -5.34 -20.67
C LYS A 38 4.38 -6.69 -21.36
N THR A 39 4.83 -7.74 -20.69
CA THR A 39 4.80 -9.09 -21.24
C THR A 39 3.92 -10.00 -20.40
N ALA A 40 3.76 -9.66 -19.13
CA ALA A 40 2.93 -10.46 -18.22
C ALA A 40 1.73 -11.04 -18.96
N GLY A 41 1.06 -10.20 -19.76
CA GLY A 41 -0.10 -10.65 -20.50
C GLY A 41 -1.39 -10.03 -20.00
N LYS A 42 -2.33 -10.87 -19.59
CA LYS A 42 -3.61 -10.39 -19.08
C LYS A 42 -3.87 -10.91 -17.67
N GLY A 43 -4.52 -10.08 -16.86
CA GLY A 43 -4.82 -10.47 -15.49
C GLY A 43 -5.12 -9.29 -14.61
N LYS A 44 -5.75 -9.55 -13.46
CA LYS A 44 -6.10 -8.49 -12.52
C LYS A 44 -5.10 -8.44 -11.37
N VAL A 45 -4.89 -7.23 -10.83
CA VAL A 45 -3.96 -7.05 -9.74
C VAL A 45 -4.68 -6.62 -8.47
N THR A 46 -4.48 -7.38 -7.39
CA THR A 46 -5.12 -7.07 -6.11
C THR A 46 -4.09 -6.69 -5.05
N CYS A 47 -4.41 -5.68 -4.27
CA CYS A 47 -3.51 -5.22 -3.21
C CYS A 47 -4.16 -5.34 -1.84
N THR A 48 -3.35 -5.61 -0.83
CA THR A 48 -3.86 -5.75 0.54
C THR A 48 -2.85 -5.23 1.56
N VAL A 49 -3.14 -4.06 2.12
CA VAL A 49 -2.26 -3.46 3.11
C VAL A 49 -2.46 -4.09 4.48
N LEU A 50 -1.43 -4.77 4.96
CA LEU A 50 -1.49 -5.42 6.27
C LEU A 50 -0.65 -4.67 7.29
N THR A 51 -1.31 -4.08 8.29
CA THR A 51 -0.62 -3.33 9.33
C THR A 51 0.12 -4.26 10.27
N PRO A 52 1.24 -3.78 10.84
CA PRO A 52 2.07 -4.56 11.77
C PRO A 52 1.36 -4.76 13.11
N ASP A 53 0.18 -4.19 13.25
CA ASP A 53 -0.58 -4.31 14.49
C ASP A 53 -1.31 -5.66 14.55
N GLY A 54 -1.69 -6.17 13.38
CA GLY A 54 -2.38 -7.43 13.32
C GLY A 54 -3.78 -7.30 12.74
N THR A 55 -3.97 -6.29 11.91
CA THR A 55 -5.27 -6.05 11.28
C THR A 55 -5.13 -5.80 9.79
N GLU A 56 -6.22 -6.00 9.05
CA GLU A 56 -6.21 -5.80 7.61
C GLU A 56 -6.74 -4.42 7.24
N ALA A 57 -5.98 -3.69 6.43
CA ALA A 57 -6.37 -2.35 6.00
C ALA A 57 -6.91 -2.36 4.58
N GLU A 58 -7.67 -1.33 4.22
CA GLU A 58 -8.24 -1.23 2.89
C GLU A 58 -7.32 -0.44 1.96
N ALA A 59 -7.23 -0.89 0.71
CA ALA A 59 -6.38 -0.22 -0.28
C ALA A 59 -7.17 0.08 -1.55
N ASP A 60 -7.22 1.36 -1.92
CA ASP A 60 -7.93 1.78 -3.12
C ASP A 60 -7.21 1.31 -4.37
N VAL A 61 -7.83 0.37 -5.08
CA VAL A 61 -7.24 -0.18 -6.31
C VAL A 61 -7.97 0.36 -7.54
N ILE A 62 -7.29 1.22 -8.28
CA ILE A 62 -7.87 1.81 -9.49
C ILE A 62 -7.29 1.15 -10.75
N GLU A 63 -8.14 0.41 -11.46
CA GLU A 63 -7.72 -0.27 -12.68
C GLU A 63 -7.65 0.71 -13.84
N ASN A 64 -6.66 0.51 -14.72
CA ASN A 64 -6.47 1.39 -15.88
C ASN A 64 -6.64 0.60 -17.17
N GLU A 65 -6.87 1.31 -18.26
CA GLU A 65 -7.05 0.69 -19.57
C GLU A 65 -5.72 0.56 -20.30
N ASP A 66 -4.63 0.69 -19.56
CA ASP A 66 -3.29 0.58 -20.13
C ASP A 66 -2.50 -0.54 -19.47
N GLY A 67 -3.22 -1.54 -18.97
CA GLY A 67 -2.56 -2.67 -18.31
C GLY A 67 -1.79 -2.25 -17.08
N THR A 68 -2.43 -1.46 -16.22
CA THR A 68 -1.80 -0.99 -14.99
C THR A 68 -2.83 -0.81 -13.88
N TYR A 69 -2.35 -0.84 -12.64
CA TYR A 69 -3.22 -0.68 -11.48
C TYR A 69 -2.62 0.29 -10.47
N ASP A 70 -3.31 1.40 -10.23
CA ASP A 70 -2.85 2.40 -9.28
C ASP A 70 -3.41 2.14 -7.89
N ILE A 71 -2.53 2.09 -6.90
CA ILE A 71 -2.93 1.85 -5.52
C ILE A 71 -2.31 2.87 -4.57
N PHE A 72 -3.07 3.27 -3.56
CA PHE A 72 -2.59 4.24 -2.59
C PHE A 72 -2.96 3.81 -1.17
N TYR A 73 -2.13 4.20 -0.21
CA TYR A 73 -2.36 3.86 1.20
C TYR A 73 -1.57 4.77 2.11
N THR A 74 -1.93 4.76 3.40
CA THR A 74 -1.25 5.59 4.39
C THR A 74 -0.84 4.77 5.60
N ALA A 75 0.28 5.16 6.22
CA ALA A 75 0.78 4.46 7.39
C ALA A 75 0.59 5.28 8.65
N ALA A 76 -0.53 5.05 9.34
CA ALA A 76 -0.84 5.77 10.56
C ALA A 76 0.28 5.62 11.59
N LYS A 77 0.78 4.40 11.73
CA LYS A 77 1.85 4.12 12.68
C LYS A 77 2.99 3.37 11.99
N PRO A 78 4.23 3.63 12.46
CA PRO A 78 5.43 2.99 11.91
C PRO A 78 5.50 1.51 12.26
N GLY A 79 6.32 0.77 11.51
CA GLY A 79 6.48 -0.65 11.76
C GLY A 79 6.79 -1.43 10.51
N THR A 80 6.34 -2.68 10.44
CA THR A 80 6.58 -3.53 9.29
C THR A 80 5.28 -3.89 8.59
N TYR A 81 4.98 -3.19 7.49
CA TYR A 81 3.76 -3.43 6.73
C TYR A 81 3.97 -4.53 5.70
N VAL A 82 2.89 -5.22 5.34
CA VAL A 82 2.96 -6.30 4.37
C VAL A 82 1.92 -6.10 3.26
N ILE A 83 2.40 -5.85 2.05
CA ILE A 83 1.52 -5.64 0.91
C ILE A 83 1.48 -6.87 0.02
N TYR A 84 0.29 -7.45 -0.14
CA TYR A 84 0.12 -8.64 -0.97
C TYR A 84 -0.30 -8.26 -2.38
N VAL A 85 0.48 -8.68 -3.36
CA VAL A 85 0.18 -8.39 -4.75
C VAL A 85 0.05 -9.68 -5.57
N ARG A 86 -1.14 -9.88 -6.16
CA ARG A 86 -1.39 -11.06 -6.96
C ARG A 86 -1.87 -10.68 -8.36
N PHE A 87 -1.38 -11.39 -9.36
CA PHE A 87 -1.76 -11.13 -10.75
C PHE A 87 -2.45 -12.34 -11.36
N GLY A 88 -3.74 -12.20 -11.65
CA GLY A 88 -4.49 -13.29 -12.24
C GLY A 88 -4.40 -14.56 -11.43
N GLY A 89 -4.56 -14.43 -10.11
CA GLY A 89 -4.49 -15.59 -9.23
C GLY A 89 -3.07 -16.13 -9.10
N VAL A 90 -2.09 -15.28 -9.33
CA VAL A 90 -0.69 -15.67 -9.24
C VAL A 90 0.11 -14.67 -8.41
N ASP A 91 0.48 -15.08 -7.19
CA ASP A 91 1.25 -14.23 -6.31
C ASP A 91 2.69 -14.11 -6.78
N ILE A 92 3.01 -12.99 -7.42
CA ILE A 92 4.36 -12.76 -7.91
C ILE A 92 5.42 -13.23 -6.92
N PRO A 93 6.62 -13.55 -7.43
CA PRO A 93 7.73 -14.02 -6.60
C PRO A 93 8.29 -12.92 -5.69
N ASN A 94 7.66 -11.75 -5.75
CA ASN A 94 8.10 -10.62 -4.94
C ASN A 94 7.19 -10.45 -3.72
N SER A 95 5.98 -10.98 -3.80
CA SER A 95 5.02 -10.88 -2.70
C SER A 95 5.25 -11.99 -1.68
N PRO A 96 5.05 -11.67 -0.40
CA PRO A 96 4.62 -10.32 0.03
C PRO A 96 5.73 -9.29 -0.16
N PHE A 97 5.38 -8.02 0.00
CA PHE A 97 6.35 -6.93 -0.15
C PHE A 97 6.71 -6.34 1.21
N THR A 98 7.90 -6.65 1.69
CA THR A 98 8.37 -6.15 2.97
C THR A 98 8.63 -4.65 2.91
N VAL A 99 7.82 -3.88 3.64
CA VAL A 99 7.97 -2.43 3.67
C VAL A 99 8.10 -1.91 5.09
N MET A 100 9.19 -1.20 5.37
CA MET A 100 9.43 -0.66 6.69
C MET A 100 8.97 0.79 6.77
N ALA A 101 8.01 1.05 7.67
CA ALA A 101 7.49 2.39 7.85
C ALA A 101 8.27 3.16 8.92
N THR A 102 8.85 4.28 8.54
CA THR A 102 9.62 5.10 9.47
C THR A 102 8.89 6.38 9.80
N ASP A 103 9.02 6.82 11.05
CA ASP A 103 8.37 8.04 11.51
C ASP A 103 8.92 9.27 10.78
N GLY A 104 10.21 9.21 10.44
CA GLY A 104 10.84 10.32 9.75
C GLY A 104 11.25 11.44 10.68
N GLU A 105 12.18 12.26 10.24
CA GLU A 105 12.66 13.39 11.05
C GLU A 105 11.52 14.33 11.40
N VAL A 106 11.26 14.50 12.69
CA VAL A 106 10.20 15.39 13.15
C VAL A 106 10.74 16.48 14.05
N THR A 107 10.07 17.63 14.06
CA THR A 107 10.49 18.77 14.88
C THR A 107 9.30 19.39 15.60
N ALA A 108 9.60 20.25 16.57
CA ALA A 108 8.55 20.92 17.34
C ALA A 108 9.09 22.19 18.00
N VAL A 109 8.32 23.28 17.87
CA VAL A 109 8.72 24.55 18.45
C VAL A 109 8.67 24.51 19.98
N GLU A 110 7.60 23.92 20.51
CA GLU A 110 7.44 23.81 21.96
C GLU A 110 8.32 22.70 22.51
N GLU A 111 9.50 23.08 23.00
CA GLU A 111 10.43 22.12 23.57
C GLU A 111 10.75 22.45 25.02
N ALA A 112 10.24 21.63 25.93
CA ALA A 112 10.48 21.84 27.36
C ALA A 112 9.68 23.04 27.87
N PRO A 113 8.36 23.03 27.62
CA PRO A 113 7.46 24.11 28.05
C PRO A 113 7.28 24.13 29.57
N VAL A 114 7.85 23.14 30.24
CA VAL A 114 7.74 23.05 31.70
C VAL A 114 8.70 24.02 32.38
N ASN A 115 8.19 24.75 33.38
CA ASN A 115 9.00 25.71 34.11
C ASN A 115 8.88 25.50 35.61
N ALA A 116 10.00 25.63 36.32
CA ALA A 116 10.01 25.45 37.76
C ALA A 116 9.32 26.62 38.47
N CYS A 117 8.10 26.38 38.92
CA CYS A 117 7.33 27.41 39.62
C CYS A 117 7.20 27.10 41.10
N PRO A 118 7.63 28.04 41.95
CA PRO A 118 7.57 27.88 43.41
C PRO A 118 6.14 27.90 43.94
N SER A 119 5.75 26.85 44.63
CA SER A 119 4.41 26.75 45.19
C SER A 119 4.45 26.20 46.61
N GLY A 120 4.01 27.01 47.57
CA GLY A 120 4.00 26.59 48.95
C GLY A 120 5.30 25.90 49.36
N PRO A 121 6.36 26.70 49.54
CA PRO A 121 7.68 26.19 49.92
C PRO A 121 7.70 25.68 51.36
N SER A 122 7.60 24.37 51.52
CA SER A 122 7.62 23.75 52.84
C SER A 122 6.67 24.49 53.79
N SER A 123 5.50 24.86 53.29
CA SER A 123 4.52 25.57 54.09
C SER A 123 3.43 24.62 54.59
N GLY A 124 3.15 24.69 55.89
CA GLY A 124 2.14 23.83 56.47
C GLY A 124 1.16 24.61 57.34
N GLY A 1 -24.26 -9.24 -9.58
CA GLY A 1 -23.02 -9.99 -9.48
C GLY A 1 -22.93 -11.10 -10.49
N SER A 2 -21.90 -11.06 -11.33
CA SER A 2 -21.72 -12.07 -12.36
C SER A 2 -20.29 -12.63 -12.31
N SER A 3 -20.13 -13.87 -12.78
CA SER A 3 -18.83 -14.52 -12.78
C SER A 3 -17.83 -13.72 -13.62
N GLY A 4 -18.26 -13.33 -14.82
CA GLY A 4 -17.39 -12.57 -15.70
C GLY A 4 -16.27 -13.40 -16.27
N SER A 5 -15.78 -13.02 -17.44
CA SER A 5 -14.70 -13.74 -18.10
C SER A 5 -13.43 -13.71 -17.25
N SER A 6 -12.57 -14.70 -17.44
CA SER A 6 -11.32 -14.78 -16.69
C SER A 6 -10.32 -15.69 -17.40
N GLY A 7 -9.27 -15.10 -17.96
CA GLY A 7 -8.27 -15.89 -18.66
C GLY A 7 -7.12 -16.28 -17.75
N THR A 8 -5.94 -16.46 -18.35
CA THR A 8 -4.76 -16.85 -17.58
C THR A 8 -3.52 -16.11 -18.07
N GLY A 9 -2.54 -15.94 -17.19
CA GLY A 9 -1.32 -15.25 -17.54
C GLY A 9 -0.20 -15.50 -16.55
N ASP A 10 0.74 -14.56 -16.49
CA ASP A 10 1.87 -14.68 -15.57
C ASP A 10 1.97 -13.45 -14.67
N ALA A 11 2.63 -13.61 -13.53
CA ALA A 11 2.80 -12.52 -12.59
C ALA A 11 4.27 -12.13 -12.44
N SER A 12 5.14 -13.13 -12.47
CA SER A 12 6.58 -12.90 -12.34
C SER A 12 7.04 -11.82 -13.31
N LYS A 13 6.48 -11.85 -14.52
CA LYS A 13 6.83 -10.88 -15.55
C LYS A 13 6.35 -9.48 -15.16
N CYS A 14 5.22 -9.42 -14.48
CA CYS A 14 4.65 -8.16 -14.04
C CYS A 14 5.62 -7.40 -13.13
N LEU A 15 5.66 -6.08 -13.28
CA LEU A 15 6.55 -5.26 -12.47
C LEU A 15 5.75 -4.25 -11.65
N ALA A 16 6.28 -3.89 -10.49
CA ALA A 16 5.62 -2.92 -9.61
C ALA A 16 6.57 -1.80 -9.21
N THR A 17 6.25 -0.59 -9.63
CA THR A 17 7.09 0.57 -9.32
C THR A 17 6.29 1.62 -8.54
N GLY A 18 6.95 2.27 -7.58
CA GLY A 18 6.29 3.28 -6.78
C GLY A 18 6.96 3.50 -5.44
N PRO A 19 6.84 4.72 -4.91
CA PRO A 19 7.43 5.07 -3.61
C PRO A 19 6.73 4.39 -2.45
N GLY A 20 5.54 3.85 -2.71
CA GLY A 20 4.78 3.18 -1.68
C GLY A 20 5.36 1.82 -1.32
N ILE A 21 5.81 1.09 -2.33
CA ILE A 21 6.39 -0.23 -2.12
C ILE A 21 7.86 -0.13 -1.77
N ALA A 22 8.33 1.10 -1.54
CA ALA A 22 9.73 1.33 -1.19
C ALA A 22 10.11 0.59 0.08
N SER A 23 11.27 -0.06 0.07
CA SER A 23 11.74 -0.80 1.23
C SER A 23 11.44 -0.05 2.52
N THR A 24 11.50 1.28 2.45
CA THR A 24 11.24 2.12 3.62
C THR A 24 10.44 3.36 3.23
N VAL A 25 9.57 3.80 4.13
CA VAL A 25 8.74 4.98 3.88
C VAL A 25 8.43 5.72 5.19
N LYS A 26 7.89 6.92 5.05
CA LYS A 26 7.55 7.73 6.22
C LYS A 26 6.05 7.64 6.52
N THR A 27 5.72 7.60 7.81
CA THR A 27 4.33 7.52 8.23
C THR A 27 3.66 8.89 8.22
N GLY A 28 2.37 8.92 7.92
CA GLY A 28 1.65 10.17 7.88
C GLY A 28 1.30 10.60 6.47
N GLU A 29 2.18 10.28 5.52
CA GLU A 29 1.96 10.64 4.13
C GLU A 29 1.30 9.50 3.37
N GLU A 30 0.74 9.81 2.20
CA GLU A 30 0.07 8.81 1.38
C GLU A 30 0.90 8.48 0.14
N VAL A 31 1.31 7.23 0.02
CA VAL A 31 2.10 6.79 -1.12
C VAL A 31 1.20 6.35 -2.27
N GLY A 32 1.82 6.11 -3.43
CA GLY A 32 1.06 5.69 -4.60
C GLY A 32 1.92 4.96 -5.61
N PHE A 33 1.81 3.64 -5.63
CA PHE A 33 2.59 2.82 -6.56
C PHE A 33 1.70 2.24 -7.65
N VAL A 34 2.29 1.99 -8.82
CA VAL A 34 1.56 1.44 -9.94
C VAL A 34 2.24 0.20 -10.50
N VAL A 35 1.44 -0.80 -10.86
CA VAL A 35 1.97 -2.05 -11.41
C VAL A 35 2.02 -1.99 -12.93
N ASP A 36 3.22 -2.10 -13.49
CA ASP A 36 3.41 -2.08 -14.94
C ASP A 36 3.35 -3.49 -15.51
N ALA A 37 2.55 -3.66 -16.56
CA ALA A 37 2.42 -4.96 -17.22
C ALA A 37 2.62 -4.85 -18.72
N LYS A 38 3.53 -5.65 -19.26
CA LYS A 38 3.81 -5.63 -20.70
C LYS A 38 3.61 -7.02 -21.30
N THR A 39 4.24 -8.02 -20.70
CA THR A 39 4.14 -9.39 -21.17
C THR A 39 3.35 -10.26 -20.20
N ALA A 40 3.29 -9.83 -18.94
CA ALA A 40 2.56 -10.56 -17.91
C ALA A 40 1.31 -11.23 -18.49
N GLY A 41 0.65 -10.52 -19.42
CA GLY A 41 -0.55 -11.06 -20.03
C GLY A 41 -1.82 -10.51 -19.41
N LYS A 42 -2.80 -11.38 -19.22
CA LYS A 42 -4.07 -10.96 -18.63
C LYS A 42 -4.17 -11.38 -17.18
N GLY A 43 -4.84 -10.57 -16.35
CA GLY A 43 -4.99 -10.89 -14.95
C GLY A 43 -5.31 -9.66 -14.12
N LYS A 44 -6.06 -9.86 -13.03
CA LYS A 44 -6.43 -8.77 -12.15
C LYS A 44 -5.44 -8.62 -11.00
N VAL A 45 -4.97 -7.40 -10.78
CA VAL A 45 -4.02 -7.13 -9.71
C VAL A 45 -4.73 -6.68 -8.44
N THR A 46 -4.63 -7.49 -7.39
CA THR A 46 -5.26 -7.17 -6.12
C THR A 46 -4.23 -6.73 -5.08
N CYS A 47 -4.56 -5.69 -4.32
CA CYS A 47 -3.66 -5.17 -3.30
C CYS A 47 -4.33 -5.20 -1.93
N THR A 48 -3.53 -5.44 -0.89
CA THR A 48 -4.04 -5.49 0.47
C THR A 48 -3.00 -4.99 1.47
N VAL A 49 -3.32 -3.89 2.14
CA VAL A 49 -2.41 -3.30 3.12
C VAL A 49 -2.60 -3.96 4.49
N LEU A 50 -1.54 -4.59 4.98
CA LEU A 50 -1.58 -5.25 6.28
C LEU A 50 -0.70 -4.52 7.29
N THR A 51 -1.32 -3.94 8.31
CA THR A 51 -0.59 -3.22 9.35
C THR A 51 0.24 -4.18 10.19
N PRO A 52 1.36 -3.67 10.72
CA PRO A 52 2.26 -4.46 11.57
C PRO A 52 1.65 -4.77 12.93
N ASP A 53 0.43 -4.31 13.15
CA ASP A 53 -0.26 -4.54 14.41
C ASP A 53 -0.83 -5.96 14.46
N GLY A 54 -1.21 -6.48 13.30
CA GLY A 54 -1.76 -7.82 13.23
C GLY A 54 -3.12 -7.85 12.55
N THR A 55 -3.43 -6.80 11.81
CA THR A 55 -4.70 -6.70 11.10
C THR A 55 -4.49 -6.30 9.65
N GLU A 56 -5.44 -6.68 8.79
CA GLU A 56 -5.36 -6.35 7.37
C GLU A 56 -6.49 -5.41 6.97
N ALA A 57 -6.13 -4.31 6.32
CA ALA A 57 -7.10 -3.32 5.87
C ALA A 57 -7.31 -3.40 4.36
N GLU A 58 -8.15 -2.52 3.84
CA GLU A 58 -8.44 -2.48 2.40
C GLU A 58 -7.62 -1.40 1.72
N ALA A 59 -7.29 -1.64 0.45
CA ALA A 59 -6.50 -0.68 -0.32
C ALA A 59 -7.28 -0.19 -1.55
N ASP A 60 -7.08 1.07 -1.90
CA ASP A 60 -7.75 1.66 -3.06
C ASP A 60 -7.01 1.33 -4.35
N VAL A 61 -7.61 0.48 -5.17
CA VAL A 61 -7.00 0.09 -6.44
C VAL A 61 -7.57 0.91 -7.60
N ILE A 62 -6.74 1.14 -8.61
CA ILE A 62 -7.17 1.92 -9.78
C ILE A 62 -6.69 1.26 -11.06
N GLU A 63 -7.62 0.72 -11.83
CA GLU A 63 -7.29 0.07 -13.09
C GLU A 63 -7.17 1.09 -14.22
N ASN A 64 -6.32 0.78 -15.20
CA ASN A 64 -6.11 1.68 -16.33
C ASN A 64 -6.17 0.91 -17.64
N GLU A 65 -6.54 1.60 -18.71
CA GLU A 65 -6.65 0.99 -20.03
C GLU A 65 -5.29 0.45 -20.49
N ASP A 66 -4.22 1.04 -19.96
CA ASP A 66 -2.87 0.62 -20.31
C ASP A 66 -2.44 -0.58 -19.48
N GLY A 67 -3.39 -1.46 -19.19
CA GLY A 67 -3.08 -2.65 -18.40
C GLY A 67 -2.29 -2.32 -17.14
N THR A 68 -2.43 -1.09 -16.66
CA THR A 68 -1.72 -0.65 -15.47
C THR A 68 -2.68 -0.45 -14.31
N TYR A 69 -2.19 -0.70 -13.10
CA TYR A 69 -3.01 -0.55 -11.89
C TYR A 69 -2.29 0.30 -10.85
N ASP A 70 -2.91 1.41 -10.46
CA ASP A 70 -2.34 2.30 -9.48
C ASP A 70 -3.03 2.16 -8.13
N ILE A 71 -2.26 1.98 -7.07
CA ILE A 71 -2.80 1.83 -5.73
C ILE A 71 -2.17 2.82 -4.76
N PHE A 72 -2.94 3.23 -3.75
CA PHE A 72 -2.46 4.18 -2.76
C PHE A 72 -2.80 3.70 -1.35
N TYR A 73 -1.96 4.06 -0.38
CA TYR A 73 -2.17 3.68 1.01
C TYR A 73 -1.37 4.56 1.95
N THR A 74 -1.80 4.63 3.20
CA THR A 74 -1.11 5.44 4.20
C THR A 74 -0.74 4.60 5.42
N ALA A 75 0.36 4.96 6.07
CA ALA A 75 0.82 4.24 7.25
C ALA A 75 0.89 5.17 8.46
N ALA A 76 -0.22 5.26 9.19
CA ALA A 76 -0.29 6.11 10.37
C ALA A 76 0.83 5.77 11.35
N LYS A 77 0.86 4.52 11.80
CA LYS A 77 1.87 4.07 12.74
C LYS A 77 3.02 3.37 12.02
N PRO A 78 4.21 3.39 12.64
CA PRO A 78 5.40 2.76 12.06
C PRO A 78 5.31 1.24 12.08
N GLY A 79 6.42 0.59 11.74
CA GLY A 79 6.45 -0.87 11.72
C GLY A 79 6.67 -1.43 10.33
N THR A 80 6.47 -2.73 10.18
CA THR A 80 6.66 -3.39 8.90
C THR A 80 5.32 -3.73 8.25
N TYR A 81 4.93 -2.93 7.25
CA TYR A 81 3.66 -3.15 6.56
C TYR A 81 3.81 -4.23 5.49
N VAL A 82 2.82 -5.11 5.41
CA VAL A 82 2.82 -6.19 4.43
C VAL A 82 1.75 -5.99 3.37
N ILE A 83 2.19 -5.82 2.12
CA ILE A 83 1.26 -5.61 1.02
C ILE A 83 1.20 -6.84 0.11
N TYR A 84 0.00 -7.40 -0.03
CA TYR A 84 -0.20 -8.58 -0.86
C TYR A 84 -0.59 -8.19 -2.28
N VAL A 85 0.22 -8.62 -3.25
CA VAL A 85 -0.05 -8.32 -4.65
C VAL A 85 0.09 -9.57 -5.52
N ARG A 86 -0.87 -9.77 -6.40
CA ARG A 86 -0.85 -10.94 -7.30
C ARG A 86 -1.32 -10.54 -8.69
N PHE A 87 -1.25 -11.50 -9.62
CA PHE A 87 -1.67 -11.26 -10.99
C PHE A 87 -2.53 -12.41 -11.51
N GLY A 88 -3.82 -12.13 -11.69
CA GLY A 88 -4.74 -13.15 -12.17
C GLY A 88 -4.80 -14.36 -11.26
N GLY A 89 -4.55 -14.14 -9.97
CA GLY A 89 -4.58 -15.22 -9.00
C GLY A 89 -3.23 -15.86 -8.81
N VAL A 90 -2.17 -15.14 -9.17
CA VAL A 90 -0.81 -15.65 -9.04
C VAL A 90 0.06 -14.67 -8.26
N ASP A 91 0.32 -14.98 -6.99
CA ASP A 91 1.14 -14.12 -6.15
C ASP A 91 2.55 -13.98 -6.72
N ILE A 92 2.89 -12.76 -7.14
CA ILE A 92 4.21 -12.50 -7.71
C ILE A 92 5.31 -12.94 -6.77
N PRO A 93 6.52 -13.15 -7.32
CA PRO A 93 7.69 -13.58 -6.55
C PRO A 93 8.20 -12.48 -5.63
N ASN A 94 7.50 -11.35 -5.62
CA ASN A 94 7.90 -10.21 -4.79
C ASN A 94 7.06 -10.17 -3.51
N SER A 95 5.84 -10.66 -3.58
CA SER A 95 4.94 -10.67 -2.43
C SER A 95 5.31 -11.80 -1.47
N PRO A 96 5.17 -11.54 -0.17
CA PRO A 96 4.69 -10.24 0.33
C PRO A 96 5.70 -9.13 0.11
N PHE A 97 5.25 -7.88 0.27
CA PHE A 97 6.12 -6.73 0.08
C PHE A 97 6.49 -6.10 1.42
N THR A 98 7.69 -6.42 1.90
CA THR A 98 8.16 -5.89 3.18
C THR A 98 8.43 -4.40 3.09
N VAL A 99 7.61 -3.62 3.80
CA VAL A 99 7.74 -2.18 3.80
C VAL A 99 7.91 -1.64 5.22
N MET A 100 9.03 -0.97 5.48
CA MET A 100 9.31 -0.42 6.79
C MET A 100 8.90 1.05 6.86
N ALA A 101 7.90 1.34 7.68
CA ALA A 101 7.41 2.72 7.84
C ALA A 101 7.99 3.36 9.09
N THR A 102 8.78 4.41 8.90
CA THR A 102 9.40 5.11 10.02
C THR A 102 8.51 6.24 10.51
N ASP A 103 8.55 6.50 11.82
CA ASP A 103 7.75 7.55 12.42
C ASP A 103 8.19 8.93 11.93
N GLY A 104 9.49 9.04 11.60
CA GLY A 104 10.02 10.30 11.12
C GLY A 104 9.42 11.49 11.85
N GLU A 105 9.45 12.66 11.20
CA GLU A 105 8.92 13.88 11.79
C GLU A 105 7.55 13.62 12.43
N VAL A 106 7.42 13.96 13.70
CA VAL A 106 6.17 13.77 14.42
C VAL A 106 5.14 14.83 14.03
N THR A 107 3.87 14.43 14.05
CA THR A 107 2.79 15.34 13.69
C THR A 107 2.26 16.07 14.92
N ALA A 108 2.38 15.44 16.09
CA ALA A 108 1.92 16.04 17.33
C ALA A 108 0.46 16.46 17.22
N VAL A 109 -0.39 15.55 16.74
CA VAL A 109 -1.81 15.84 16.59
C VAL A 109 -2.65 14.81 17.35
N GLU A 110 -3.88 15.19 17.67
CA GLU A 110 -4.79 14.30 18.39
C GLU A 110 -5.73 13.58 17.42
N GLU A 111 -5.96 12.30 17.69
CA GLU A 111 -6.84 11.50 16.84
C GLU A 111 -8.20 12.17 16.69
N ALA A 112 -8.87 11.88 15.57
CA ALA A 112 -10.18 12.45 15.30
C ALA A 112 -11.29 11.63 15.95
N PRO A 113 -12.33 12.32 16.42
CA PRO A 113 -13.48 11.67 17.07
C PRO A 113 -14.32 10.86 16.10
N VAL A 114 -13.94 10.88 14.83
CA VAL A 114 -14.66 10.15 13.79
C VAL A 114 -15.22 8.84 14.35
N ASN A 115 -16.53 8.66 14.22
CA ASN A 115 -17.18 7.45 14.71
C ASN A 115 -17.77 6.64 13.54
N ALA A 116 -18.37 5.50 13.87
CA ALA A 116 -18.97 4.65 12.86
C ALA A 116 -20.49 4.64 12.96
N CYS A 117 -21.15 4.27 11.87
CA CYS A 117 -22.61 4.23 11.86
C CYS A 117 -23.11 2.79 11.85
N PRO A 118 -24.16 2.53 12.64
CA PRO A 118 -24.76 1.19 12.75
C PRO A 118 -25.50 0.79 11.48
N SER A 119 -25.61 -0.53 11.26
CA SER A 119 -26.28 -1.04 10.07
C SER A 119 -27.73 -0.56 10.02
N GLY A 120 -27.98 0.43 9.17
CA GLY A 120 -29.32 0.97 9.04
C GLY A 120 -30.18 0.16 8.07
N PRO A 121 -30.94 0.87 7.22
CA PRO A 121 -31.82 0.23 6.24
C PRO A 121 -31.04 -0.48 5.13
N SER A 122 -31.00 -1.80 5.19
CA SER A 122 -30.28 -2.58 4.20
C SER A 122 -31.18 -3.68 3.62
N SER A 123 -30.84 -4.14 2.42
CA SER A 123 -31.61 -5.18 1.76
C SER A 123 -30.72 -6.35 1.35
N GLY A 124 -29.60 -6.03 0.71
CA GLY A 124 -28.68 -7.07 0.27
C GLY A 124 -27.53 -6.52 -0.55
N GLY A 1 -7.16 -12.24 -38.11
CA GLY A 1 -7.88 -11.93 -36.89
C GLY A 1 -8.29 -13.17 -36.12
N SER A 2 -9.52 -13.60 -36.31
CA SER A 2 -10.04 -14.79 -35.63
C SER A 2 -9.54 -14.84 -34.19
N SER A 3 -9.52 -13.69 -33.53
CA SER A 3 -9.07 -13.60 -32.15
C SER A 3 -10.20 -13.20 -31.22
N GLY A 4 -10.27 -13.84 -30.05
CA GLY A 4 -11.31 -13.53 -29.10
C GLY A 4 -10.76 -13.01 -27.79
N SER A 5 -10.08 -13.89 -27.04
CA SER A 5 -9.50 -13.52 -25.77
C SER A 5 -8.52 -14.58 -25.28
N SER A 6 -7.62 -14.19 -24.39
CA SER A 6 -6.63 -15.11 -23.84
C SER A 6 -6.80 -15.26 -22.34
N GLY A 7 -6.51 -14.18 -21.61
CA GLY A 7 -6.64 -14.21 -20.16
C GLY A 7 -5.44 -14.83 -19.48
N THR A 8 -4.97 -15.95 -20.03
CA THR A 8 -3.82 -16.65 -19.49
C THR A 8 -2.52 -15.90 -19.77
N GLY A 9 -2.04 -15.16 -18.77
CA GLY A 9 -0.82 -14.40 -18.93
C GLY A 9 0.29 -14.90 -18.03
N ASP A 10 1.07 -13.98 -17.48
CA ASP A 10 2.17 -14.33 -16.60
C ASP A 10 2.25 -13.38 -15.41
N ALA A 11 2.65 -13.91 -14.26
CA ALA A 11 2.78 -13.10 -13.05
C ALA A 11 4.22 -12.69 -12.81
N SER A 12 5.14 -13.61 -13.06
CA SER A 12 6.57 -13.33 -12.88
C SER A 12 7.03 -12.22 -13.80
N LYS A 13 6.23 -11.92 -14.81
CA LYS A 13 6.56 -10.87 -15.77
C LYS A 13 6.15 -9.51 -15.24
N CYS A 14 4.99 -9.45 -14.58
CA CYS A 14 4.48 -8.20 -14.03
C CYS A 14 5.55 -7.50 -13.21
N LEU A 15 5.37 -6.20 -13.00
CA LEU A 15 6.32 -5.41 -12.22
C LEU A 15 5.60 -4.48 -11.24
N ALA A 16 6.29 -4.10 -10.17
CA ALA A 16 5.72 -3.22 -9.17
C ALA A 16 6.65 -2.04 -8.87
N THR A 17 6.22 -0.85 -9.29
CA THR A 17 7.02 0.35 -9.06
C THR A 17 6.22 1.42 -8.33
N GLY A 18 6.85 2.06 -7.35
CA GLY A 18 6.17 3.09 -6.59
C GLY A 18 6.83 3.33 -5.24
N PRO A 19 6.60 4.53 -4.67
CA PRO A 19 7.16 4.90 -3.37
C PRO A 19 6.54 4.12 -2.22
N GLY A 20 5.34 3.59 -2.44
CA GLY A 20 4.66 2.84 -1.43
C GLY A 20 5.27 1.47 -1.21
N ILE A 21 5.71 0.84 -2.30
CA ILE A 21 6.33 -0.48 -2.24
C ILE A 21 7.82 -0.39 -1.95
N ALA A 22 8.29 0.84 -1.69
CA ALA A 22 9.70 1.06 -1.40
C ALA A 22 10.10 0.34 -0.11
N SER A 23 11.28 -0.27 -0.13
CA SER A 23 11.78 -1.00 1.04
C SER A 23 11.45 -0.26 2.32
N THR A 24 11.34 1.06 2.22
CA THR A 24 11.01 1.89 3.38
C THR A 24 10.14 3.07 2.99
N VAL A 25 9.18 3.40 3.84
CA VAL A 25 8.27 4.52 3.59
C VAL A 25 8.12 5.40 4.82
N LYS A 26 7.62 6.61 4.62
CA LYS A 26 7.42 7.55 5.71
C LYS A 26 5.96 7.56 6.16
N THR A 27 5.75 7.75 7.45
CA THR A 27 4.40 7.78 8.01
C THR A 27 3.81 9.20 7.94
N GLY A 28 2.49 9.28 7.96
CA GLY A 28 1.82 10.56 7.91
C GLY A 28 1.46 10.98 6.50
N GLU A 29 2.26 10.52 5.53
CA GLU A 29 2.02 10.85 4.13
C GLU A 29 1.28 9.71 3.43
N GLU A 30 0.77 10.00 2.23
CA GLU A 30 0.04 9.00 1.46
C GLU A 30 0.84 8.55 0.24
N VAL A 31 1.20 7.28 0.21
CA VAL A 31 1.97 6.73 -0.90
C VAL A 31 1.06 6.34 -2.06
N GLY A 32 1.68 6.00 -3.19
CA GLY A 32 0.90 5.61 -4.36
C GLY A 32 1.75 4.89 -5.39
N PHE A 33 1.65 3.56 -5.42
CA PHE A 33 2.41 2.76 -6.36
C PHE A 33 1.51 2.23 -7.47
N VAL A 34 2.13 1.71 -8.53
CA VAL A 34 1.38 1.16 -9.66
C VAL A 34 2.06 -0.08 -10.21
N VAL A 35 1.24 -1.03 -10.68
CA VAL A 35 1.75 -2.28 -11.23
C VAL A 35 1.82 -2.22 -12.75
N ASP A 36 3.04 -2.15 -13.28
CA ASP A 36 3.24 -2.09 -14.72
C ASP A 36 3.47 -3.48 -15.30
N ALA A 37 2.75 -3.80 -16.36
CA ALA A 37 2.87 -5.11 -17.01
C ALA A 37 3.11 -4.95 -18.51
N LYS A 38 4.17 -5.58 -18.99
CA LYS A 38 4.52 -5.51 -20.41
C LYS A 38 4.14 -6.82 -21.12
N THR A 39 4.89 -7.87 -20.82
CA THR A 39 4.64 -9.18 -21.43
C THR A 39 3.61 -9.97 -20.62
N ALA A 40 3.45 -9.61 -19.36
CA ALA A 40 2.50 -10.29 -18.49
C ALA A 40 1.24 -10.68 -19.25
N GLY A 41 0.66 -9.72 -19.96
CA GLY A 41 -0.54 -9.98 -20.72
C GLY A 41 -1.80 -9.47 -20.03
N LYS A 42 -2.74 -10.38 -19.79
CA LYS A 42 -4.00 -10.01 -19.13
C LYS A 42 -4.08 -10.64 -17.74
N GLY A 43 -4.72 -9.93 -16.81
CA GLY A 43 -4.86 -10.43 -15.46
C GLY A 43 -5.21 -9.34 -14.47
N LYS A 44 -5.82 -9.74 -13.35
CA LYS A 44 -6.21 -8.79 -12.31
C LYS A 44 -5.14 -8.67 -11.24
N VAL A 45 -5.05 -7.49 -10.62
CA VAL A 45 -4.06 -7.26 -9.57
C VAL A 45 -4.74 -6.85 -8.27
N THR A 46 -4.58 -7.67 -7.24
CA THR A 46 -5.17 -7.40 -5.93
C THR A 46 -4.12 -6.99 -4.92
N CYS A 47 -4.45 -6.04 -4.06
CA CYS A 47 -3.52 -5.57 -3.04
C CYS A 47 -4.13 -5.71 -1.64
N THR A 48 -3.28 -5.98 -0.65
CA THR A 48 -3.73 -6.14 0.72
C THR A 48 -2.69 -5.65 1.71
N VAL A 49 -2.96 -4.50 2.34
CA VAL A 49 -2.05 -3.93 3.30
C VAL A 49 -2.24 -4.54 4.69
N LEU A 50 -1.21 -5.20 5.19
CA LEU A 50 -1.28 -5.83 6.51
C LEU A 50 -0.49 -5.03 7.54
N THR A 51 -1.20 -4.42 8.48
CA THR A 51 -0.55 -3.62 9.52
C THR A 51 0.18 -4.51 10.52
N PRO A 52 1.26 -3.98 11.11
CA PRO A 52 2.07 -4.71 12.09
C PRO A 52 1.33 -4.92 13.40
N ASP A 53 0.08 -4.46 13.46
CA ASP A 53 -0.73 -4.61 14.67
C ASP A 53 -1.46 -5.94 14.66
N GLY A 54 -1.67 -6.51 13.48
CA GLY A 54 -2.35 -7.78 13.37
C GLY A 54 -3.73 -7.64 12.75
N THR A 55 -3.95 -6.55 12.03
CA THR A 55 -5.23 -6.30 11.39
C THR A 55 -5.04 -5.89 9.93
N GLU A 56 -6.03 -6.22 9.10
CA GLU A 56 -5.98 -5.88 7.68
C GLU A 56 -6.52 -4.47 7.43
N ALA A 57 -6.00 -3.83 6.39
CA ALA A 57 -6.43 -2.48 6.05
C ALA A 57 -7.07 -2.45 4.66
N GLU A 58 -7.52 -1.26 4.24
CA GLU A 58 -8.15 -1.10 2.94
C GLU A 58 -7.21 -0.40 1.97
N ALA A 59 -7.12 -0.94 0.76
CA ALA A 59 -6.25 -0.36 -0.27
C ALA A 59 -7.03 -0.07 -1.55
N ASP A 60 -7.13 1.20 -1.90
CA ASP A 60 -7.85 1.61 -3.11
C ASP A 60 -7.09 1.20 -4.36
N VAL A 61 -7.81 0.67 -5.34
CA VAL A 61 -7.20 0.24 -6.59
C VAL A 61 -7.90 0.86 -7.79
N ILE A 62 -7.12 1.31 -8.76
CA ILE A 62 -7.67 1.94 -9.96
C ILE A 62 -7.05 1.34 -11.22
N GLU A 63 -7.89 0.71 -12.03
CA GLU A 63 -7.43 0.09 -13.27
C GLU A 63 -7.21 1.13 -14.36
N ASN A 64 -6.32 0.84 -15.29
CA ASN A 64 -6.02 1.77 -16.39
C ASN A 64 -6.05 1.04 -17.74
N GLU A 65 -6.45 1.75 -18.77
CA GLU A 65 -6.52 1.18 -20.11
C GLU A 65 -5.15 0.68 -20.56
N ASP A 66 -4.12 1.04 -19.81
CA ASP A 66 -2.76 0.63 -20.13
C ASP A 66 -2.39 -0.65 -19.37
N GLY A 67 -3.38 -1.48 -19.11
CA GLY A 67 -3.14 -2.72 -18.39
C GLY A 67 -2.32 -2.52 -17.14
N THR A 68 -2.74 -1.57 -16.30
CA THR A 68 -2.04 -1.27 -15.06
C THR A 68 -3.02 -1.05 -13.91
N TYR A 69 -2.50 -0.91 -12.71
CA TYR A 69 -3.33 -0.69 -11.53
C TYR A 69 -2.63 0.24 -10.54
N ASP A 70 -3.33 1.31 -10.15
CA ASP A 70 -2.77 2.27 -9.21
C ASP A 70 -3.35 2.05 -7.81
N ILE A 71 -2.46 1.94 -6.83
CA ILE A 71 -2.88 1.72 -5.45
C ILE A 71 -2.21 2.72 -4.51
N PHE A 72 -3.00 3.31 -3.61
CA PHE A 72 -2.48 4.29 -2.66
C PHE A 72 -2.87 3.91 -1.23
N TYR A 73 -2.01 4.23 -0.28
CA TYR A 73 -2.26 3.93 1.12
C TYR A 73 -1.36 4.77 2.03
N THR A 74 -1.88 5.12 3.20
CA THR A 74 -1.14 5.92 4.16
C THR A 74 -0.84 5.14 5.43
N ALA A 75 0.32 5.37 6.02
CA ALA A 75 0.72 4.68 7.23
C ALA A 75 0.56 5.58 8.45
N ALA A 76 -0.54 5.40 9.18
CA ALA A 76 -0.82 6.19 10.36
C ALA A 76 0.34 6.10 11.37
N LYS A 77 0.78 4.88 11.64
CA LYS A 77 1.88 4.65 12.57
C LYS A 77 2.96 3.79 11.94
N PRO A 78 4.20 3.95 12.44
CA PRO A 78 5.35 3.20 11.94
C PRO A 78 5.28 1.72 12.30
N GLY A 79 6.21 0.94 11.74
CA GLY A 79 6.24 -0.49 12.03
C GLY A 79 6.55 -1.32 10.79
N THR A 80 6.14 -2.58 10.81
CA THR A 80 6.39 -3.48 9.70
C THR A 80 5.10 -3.78 8.93
N TYR A 81 4.97 -3.21 7.75
CA TYR A 81 3.78 -3.41 6.92
C TYR A 81 4.05 -4.45 5.84
N VAL A 82 3.04 -5.25 5.54
CA VAL A 82 3.17 -6.29 4.52
C VAL A 82 2.10 -6.13 3.44
N ILE A 83 2.54 -5.91 2.20
CA ILE A 83 1.63 -5.74 1.08
C ILE A 83 1.59 -6.99 0.20
N TYR A 84 0.39 -7.56 0.05
CA TYR A 84 0.23 -8.76 -0.75
C TYR A 84 -0.28 -8.40 -2.15
N VAL A 85 0.48 -8.83 -3.17
CA VAL A 85 0.11 -8.55 -4.56
C VAL A 85 0.10 -9.83 -5.38
N ARG A 86 -0.82 -9.91 -6.33
CA ARG A 86 -0.93 -11.08 -7.20
C ARG A 86 -1.41 -10.69 -8.58
N PHE A 87 -1.29 -11.62 -9.54
CA PHE A 87 -1.71 -11.36 -10.91
C PHE A 87 -2.55 -12.53 -11.44
N GLY A 88 -3.86 -12.35 -11.43
CA GLY A 88 -4.76 -13.38 -11.92
C GLY A 88 -4.74 -14.62 -11.03
N GLY A 89 -4.50 -14.42 -9.74
CA GLY A 89 -4.47 -15.54 -8.81
C GLY A 89 -3.07 -16.11 -8.65
N VAL A 90 -2.07 -15.28 -8.92
CA VAL A 90 -0.67 -15.72 -8.81
C VAL A 90 0.13 -14.75 -7.95
N ASP A 91 0.79 -15.28 -6.93
CA ASP A 91 1.60 -14.46 -6.03
C ASP A 91 2.97 -14.18 -6.64
N ILE A 92 3.08 -13.05 -7.34
CA ILE A 92 4.33 -12.66 -7.97
C ILE A 92 5.52 -13.00 -7.09
N PRO A 93 6.70 -13.13 -7.72
CA PRO A 93 7.95 -13.45 -7.02
C PRO A 93 8.42 -12.32 -6.13
N ASN A 94 7.64 -11.24 -6.06
CA ASN A 94 7.98 -10.09 -5.24
C ASN A 94 7.11 -10.03 -3.99
N SER A 95 6.09 -10.87 -3.95
CA SER A 95 5.17 -10.93 -2.80
C SER A 95 5.58 -12.02 -1.83
N PRO A 96 5.43 -11.75 -0.52
CA PRO A 96 4.89 -10.47 -0.05
C PRO A 96 5.86 -9.32 -0.28
N PHE A 97 5.42 -8.10 0.04
CA PHE A 97 6.26 -6.92 -0.14
C PHE A 97 6.61 -6.30 1.22
N THR A 98 7.84 -6.51 1.65
CA THR A 98 8.32 -5.99 2.93
C THR A 98 8.42 -4.47 2.88
N VAL A 99 7.61 -3.80 3.71
CA VAL A 99 7.62 -2.34 3.76
C VAL A 99 7.74 -1.85 5.21
N MET A 100 8.80 -1.10 5.48
CA MET A 100 9.04 -0.56 6.82
C MET A 100 8.61 0.90 6.90
N ALA A 101 7.74 1.21 7.84
CA ALA A 101 7.26 2.58 8.04
C ALA A 101 8.13 3.33 9.03
N THR A 102 8.58 4.51 8.64
CA THR A 102 9.42 5.34 9.49
C THR A 102 8.83 6.73 9.67
N ASP A 103 8.93 7.26 10.88
CA ASP A 103 8.41 8.58 11.18
C ASP A 103 9.26 9.67 10.54
N GLY A 104 10.43 9.28 10.04
CA GLY A 104 11.32 10.23 9.40
C GLY A 104 11.55 11.46 10.26
N GLU A 105 12.31 12.41 9.71
CA GLU A 105 12.61 13.64 10.44
C GLU A 105 11.34 14.26 11.01
N VAL A 106 11.22 14.22 12.33
CA VAL A 106 10.05 14.77 13.01
C VAL A 106 9.89 16.26 12.71
N THR A 107 8.71 16.64 12.25
CA THR A 107 8.43 18.04 11.92
C THR A 107 7.32 18.60 12.80
N ALA A 108 7.45 19.87 13.17
CA ALA A 108 6.46 20.53 14.01
C ALA A 108 5.10 20.59 13.31
N VAL A 109 4.05 20.29 14.05
CA VAL A 109 2.69 20.31 13.51
C VAL A 109 1.74 21.06 14.44
N GLU A 110 0.68 21.60 13.86
CA GLU A 110 -0.32 22.34 14.64
C GLU A 110 -1.71 22.21 14.01
N GLU A 111 -2.72 22.59 14.78
CA GLU A 111 -4.10 22.51 14.30
C GLU A 111 -5.02 23.39 15.14
N ALA A 112 -6.26 23.55 14.70
CA ALA A 112 -7.23 24.36 15.41
C ALA A 112 -8.44 23.54 15.82
N PRO A 113 -8.34 22.87 16.98
CA PRO A 113 -9.41 22.03 17.51
C PRO A 113 -10.61 22.85 17.98
N VAL A 114 -11.75 22.67 17.31
CA VAL A 114 -12.97 23.39 17.66
C VAL A 114 -13.66 22.76 18.87
N ASN A 115 -14.14 23.60 19.77
CA ASN A 115 -14.82 23.13 20.97
C ASN A 115 -16.31 22.90 20.70
N ALA A 116 -16.91 22.02 21.50
CA ALA A 116 -18.33 21.70 21.34
C ALA A 116 -19.20 22.72 22.09
N CYS A 117 -20.46 22.82 21.69
CA CYS A 117 -21.39 23.75 22.31
C CYS A 117 -22.58 23.00 22.91
N PRO A 118 -23.08 23.50 24.05
CA PRO A 118 -24.22 22.89 24.76
C PRO A 118 -25.53 23.08 23.99
N SER A 119 -26.62 22.65 24.61
CA SER A 119 -27.93 22.76 23.98
C SER A 119 -28.99 23.17 25.01
N GLY A 120 -30.17 23.53 24.52
CA GLY A 120 -31.25 23.94 25.41
C GLY A 120 -32.38 22.93 25.45
N PRO A 121 -32.21 21.87 26.25
CA PRO A 121 -33.21 20.81 26.40
C PRO A 121 -34.45 21.29 27.13
N SER A 122 -35.62 20.92 26.63
CA SER A 122 -36.88 21.31 27.23
C SER A 122 -37.39 20.23 28.19
N SER A 123 -38.48 20.53 28.89
CA SER A 123 -39.06 19.59 29.84
C SER A 123 -39.40 18.27 29.15
N GLY A 124 -39.44 17.20 29.93
CA GLY A 124 -39.75 15.88 29.38
C GLY A 124 -38.90 14.78 30.00
#